data_8SWG
# 
_entry.id   8SWG 
# 
_audit_conform.dict_name       mmcif_pdbx.dic 
_audit_conform.dict_version    5.383 
_audit_conform.dict_location   http://mmcif.pdb.org/dictionaries/ascii/mmcif_pdbx.dic 
# 
loop_
_database_2.database_id 
_database_2.database_code 
_database_2.pdbx_database_accession 
_database_2.pdbx_DOI 
PDB   8SWG         pdb_00008swg 10.2210/pdb8swg/pdb 
WWPDB D_1000274611 ?            ?                   
# 
_pdbx_database_status.status_code                     REL 
_pdbx_database_status.status_code_sf                  REL 
_pdbx_database_status.status_code_mr                  ? 
_pdbx_database_status.entry_id                        8SWG 
_pdbx_database_status.recvd_initial_deposition_date   2023-05-18 
_pdbx_database_status.SG_entry                        N 
_pdbx_database_status.deposit_site                    RCSB 
_pdbx_database_status.process_site                    RCSB 
_pdbx_database_status.status_code_cs                  ? 
_pdbx_database_status.status_code_nmr_data            ? 
_pdbx_database_status.methods_development_category    ? 
_pdbx_database_status.pdb_format_compatible           Y 
# 
loop_
_audit_author.name 
_audit_author.pdbx_ordinal 
_audit_author.identifier_ORCID 
'Zhang, W.'  1 0000-0003-4811-4384 
'Dantsu, Y.' 2 0000-0001-6774-8724 
# 
_citation.abstract                  ? 
_citation.abstract_id_CAS           ? 
_citation.book_id_ISBN              ? 
_citation.book_publisher            ? 
_citation.book_publisher_city       ? 
_citation.book_title                ? 
_citation.coordinate_linkage        ? 
_citation.country                   UK 
_citation.database_id_Medline       ? 
_citation.details                   ? 
_citation.id                        primary 
_citation.journal_abbrev            'Rsc Chem Biol' 
_citation.journal_id_ASTM           ? 
_citation.journal_id_CSD            ? 
_citation.journal_id_ISSN           2633-0679 
_citation.journal_full              ? 
_citation.journal_issue             ? 
_citation.journal_volume            4 
_citation.language                  ? 
_citation.page_first                942 
_citation.page_last                 951 
_citation.title                     
'Insight into the structures of unusual base pairs in RNA complexes containing a primer/template/adenosine ligand.' 
_citation.year                      2023 
_citation.database_id_CSD           ? 
_citation.pdbx_database_id_DOI      10.1039/d3cb00137g 
_citation.pdbx_database_id_PubMed   37920395 
_citation.pdbx_database_id_patent   ? 
_citation.unpublished_flag          ? 
# 
loop_
_citation_author.citation_id 
_citation_author.name 
_citation_author.ordinal 
_citation_author.identifier_ORCID 
primary 'Dantsu, Y.' 1 0000-0001-6774-8724 
primary 'Zhang, Y.'  2 ?                   
primary 'Zhang, W.'  3 0000-0003-4811-4384 
# 
_cell.angle_alpha                  90.00 
_cell.angle_alpha_esd              ? 
_cell.angle_beta                   90.00 
_cell.angle_beta_esd               ? 
_cell.angle_gamma                  120.00 
_cell.angle_gamma_esd              ? 
_cell.entry_id                     8SWG 
_cell.details                      ? 
_cell.formula_units_Z              ? 
_cell.length_a                     43.543 
_cell.length_a_esd                 ? 
_cell.length_b                     43.543 
_cell.length_b_esd                 ? 
_cell.length_c                     84.269 
_cell.length_c_esd                 ? 
_cell.volume                       ? 
_cell.volume_esd                   ? 
_cell.Z_PDB                        12 
_cell.reciprocal_angle_alpha       ? 
_cell.reciprocal_angle_beta        ? 
_cell.reciprocal_angle_gamma       ? 
_cell.reciprocal_angle_alpha_esd   ? 
_cell.reciprocal_angle_beta_esd    ? 
_cell.reciprocal_angle_gamma_esd   ? 
_cell.reciprocal_length_a          ? 
_cell.reciprocal_length_b          ? 
_cell.reciprocal_length_c          ? 
_cell.reciprocal_length_a_esd      ? 
_cell.reciprocal_length_b_esd      ? 
_cell.reciprocal_length_c_esd      ? 
_cell.pdbx_unique_axis             ? 
_cell.pdbx_esd_method              ? 
# 
_symmetry.entry_id                         8SWG 
_symmetry.cell_setting                     ? 
_symmetry.Int_Tables_number                150 
_symmetry.space_group_name_Hall            ? 
_symmetry.space_group_name_H-M             'P 3 2 1' 
_symmetry.pdbx_full_space_group_name_H-M   ? 
# 
loop_
_entity.id 
_entity.type 
_entity.src_method 
_entity.pdbx_description 
_entity.formula_weight 
_entity.pdbx_number_of_molecules 
_entity.pdbx_ec 
_entity.pdbx_mutation 
_entity.pdbx_fragment 
_entity.details 
1 polymer     man 
;RNA (5'-R(*(LCC)P*(LCC)P*(LCC)P*(LCG)P*AP*CP*UP*UP*AP*AP*GP*UP*CP*G*(GA3))-3')
;
4512.804 2  ? ? ? ? 
2 non-polymer syn "GUANOSINE-P3-ADENOSINE-5',5'-TRIPHOSPHATE"                                      772.406  2  ? ? ? ? 
3 water       nat water                                                                            18.015   55 ? ? ? ? 
# 
_entity_poly.entity_id                      1 
_entity_poly.type                           polyribonucleotide 
_entity_poly.nstd_linkage                   no 
_entity_poly.nstd_monomer                   yes 
_entity_poly.pdbx_seq_one_letter_code       '(LCC)(LCC)(LCC)(LCG)ACUUAAGUCG' 
_entity_poly.pdbx_seq_one_letter_code_can   NNNGACUUAAGUCG 
_entity_poly.pdbx_strand_id                 A,B 
_entity_poly.pdbx_target_identifier         ? 
# 
loop_
_entity_poly_seq.entity_id 
_entity_poly_seq.num 
_entity_poly_seq.mon_id 
_entity_poly_seq.hetero 
1 1  LCC n 
1 2  LCC n 
1 3  LCC n 
1 4  LCG n 
1 5  A   n 
1 6  C   n 
1 7  U   n 
1 8  U   n 
1 9  A   n 
1 10 A   n 
1 11 G   n 
1 12 U   n 
1 13 C   n 
1 14 G   n 
# 
_entity_src_gen.entity_id                          1 
_entity_src_gen.pdbx_src_id                        1 
_entity_src_gen.pdbx_alt_source_flag               sample 
_entity_src_gen.pdbx_seq_type                      'Biological sequence' 
_entity_src_gen.pdbx_beg_seq_num                   1 
_entity_src_gen.pdbx_end_seq_num                   14 
_entity_src_gen.gene_src_common_name               ? 
_entity_src_gen.gene_src_genus                     ? 
_entity_src_gen.pdbx_gene_src_gene                 ? 
_entity_src_gen.gene_src_species                   ? 
_entity_src_gen.gene_src_strain                    ? 
_entity_src_gen.gene_src_tissue                    ? 
_entity_src_gen.gene_src_tissue_fraction           ? 
_entity_src_gen.gene_src_details                   ? 
_entity_src_gen.pdbx_gene_src_fragment             ? 
_entity_src_gen.pdbx_gene_src_scientific_name      'synthetic construct' 
_entity_src_gen.pdbx_gene_src_ncbi_taxonomy_id     32630 
_entity_src_gen.pdbx_gene_src_variant              ? 
_entity_src_gen.pdbx_gene_src_cell_line            ? 
_entity_src_gen.pdbx_gene_src_atcc                 ? 
_entity_src_gen.pdbx_gene_src_organ                ? 
_entity_src_gen.pdbx_gene_src_organelle            ? 
_entity_src_gen.pdbx_gene_src_cell                 ? 
_entity_src_gen.pdbx_gene_src_cellular_location    ? 
_entity_src_gen.host_org_common_name               ? 
_entity_src_gen.pdbx_host_org_scientific_name      'synthetic construct' 
_entity_src_gen.pdbx_host_org_ncbi_taxonomy_id     32630 
_entity_src_gen.host_org_genus                     ? 
_entity_src_gen.pdbx_host_org_gene                 ? 
_entity_src_gen.pdbx_host_org_organ                ? 
_entity_src_gen.host_org_species                   ? 
_entity_src_gen.pdbx_host_org_tissue               ? 
_entity_src_gen.pdbx_host_org_tissue_fraction      ? 
_entity_src_gen.pdbx_host_org_strain               ? 
_entity_src_gen.pdbx_host_org_variant              ? 
_entity_src_gen.pdbx_host_org_cell_line            ? 
_entity_src_gen.pdbx_host_org_atcc                 ? 
_entity_src_gen.pdbx_host_org_culture_collection   ? 
_entity_src_gen.pdbx_host_org_cell                 ? 
_entity_src_gen.pdbx_host_org_organelle            ? 
_entity_src_gen.pdbx_host_org_cellular_location    ? 
_entity_src_gen.pdbx_host_org_vector_type          ? 
_entity_src_gen.pdbx_host_org_vector               ? 
_entity_src_gen.host_org_details                   ? 
_entity_src_gen.expression_system_id               ? 
_entity_src_gen.plasmid_name                       ? 
_entity_src_gen.plasmid_details                    ? 
_entity_src_gen.pdbx_description                   ? 
# 
_struct_ref.id                         1 
_struct_ref.db_name                    PDB 
_struct_ref.db_code                    8SWG 
_struct_ref.pdbx_db_accession          8SWG 
_struct_ref.pdbx_db_isoform            ? 
_struct_ref.entity_id                  1 
_struct_ref.pdbx_seq_one_letter_code   ? 
_struct_ref.pdbx_align_begin           1 
# 
loop_
_struct_ref_seq.align_id 
_struct_ref_seq.ref_id 
_struct_ref_seq.pdbx_PDB_id_code 
_struct_ref_seq.pdbx_strand_id 
_struct_ref_seq.seq_align_beg 
_struct_ref_seq.pdbx_seq_align_beg_ins_code 
_struct_ref_seq.seq_align_end 
_struct_ref_seq.pdbx_seq_align_end_ins_code 
_struct_ref_seq.pdbx_db_accession 
_struct_ref_seq.db_align_beg 
_struct_ref_seq.pdbx_db_align_beg_ins_code 
_struct_ref_seq.db_align_end 
_struct_ref_seq.pdbx_db_align_end_ins_code 
_struct_ref_seq.pdbx_auth_seq_align_beg 
_struct_ref_seq.pdbx_auth_seq_align_end 
1 1 8SWG A 1 ? 14 ? 8SWG 1 ? 14 ? 1 14 
2 1 8SWG B 1 ? 14 ? 8SWG 1 ? 14 ? 1 14 
# 
loop_
_chem_comp.id 
_chem_comp.type 
_chem_comp.mon_nstd_flag 
_chem_comp.name 
_chem_comp.pdbx_synonyms 
_chem_comp.formula 
_chem_comp.formula_weight 
A   'RNA linking' y "ADENOSINE-5'-MONOPHOSPHATE" ? 'C10 H14 N5 O7 P'    347.221 
C   'RNA linking' y "CYTIDINE-5'-MONOPHOSPHATE" ? 'C9 H14 N3 O8 P'     323.197 
G   'RNA linking' y "GUANOSINE-5'-MONOPHOSPHATE" ? 'C10 H14 N5 O8 P'    363.221 
G3A non-polymer   n "GUANOSINE-P3-ADENOSINE-5',5'-TRIPHOSPHATE" ? 'C20 H27 N10 O17 P3' 772.406 
HOH non-polymer   . WATER ? 'H2 O'               18.015  
LCC 'RNA linking' . 
'[(1R,3R,4R,7S)-7-HYDROXY-3-(5-METHYLCYTOSIN-1-YL)-2,5-DIOXABICYCLO[2.2.1]HEPT-1-YL]METHYL DIHYDROGEN PHOSPHATE' ? 
'C11 H16 N3 O8 P'    349.234 
LCG 'RNA linking' n '[(1R,3R,4R,7S)-7-HYDROXY-3-(GUANIN-9-YL)-2,5-DIOXABICYCLO[2.2.1]HEPT-1-YL]METHYL DIHYDROGEN PHOSPHATE' ? 
'C11 H14 N5 O8 P'    375.231 
U   'RNA linking' y "URIDINE-5'-MONOPHOSPHATE" ? 'C9 H13 N2 O9 P'     324.181 
# 
_exptl.absorpt_coefficient_mu     ? 
_exptl.absorpt_correction_T_max   ? 
_exptl.absorpt_correction_T_min   ? 
_exptl.absorpt_correction_type    ? 
_exptl.absorpt_process_details    ? 
_exptl.entry_id                   8SWG 
_exptl.crystals_number            1 
_exptl.details                    ? 
_exptl.method                     'X-RAY DIFFRACTION' 
_exptl.method_details             ? 
# 
_exptl_crystal.colour                       ? 
_exptl_crystal.density_diffrn               ? 
_exptl_crystal.density_Matthews             2.38 
_exptl_crystal.density_method               ? 
_exptl_crystal.density_percent_sol          48.36 
_exptl_crystal.description                  ? 
_exptl_crystal.F_000                        ? 
_exptl_crystal.id                           1 
_exptl_crystal.preparation                  ? 
_exptl_crystal.size_max                     ? 
_exptl_crystal.size_mid                     ? 
_exptl_crystal.size_min                     ? 
_exptl_crystal.size_rad                     ? 
_exptl_crystal.colour_lustre                ? 
_exptl_crystal.colour_modifier              ? 
_exptl_crystal.colour_primary               ? 
_exptl_crystal.density_meas                 ? 
_exptl_crystal.density_meas_esd             ? 
_exptl_crystal.density_meas_gt              ? 
_exptl_crystal.density_meas_lt              ? 
_exptl_crystal.density_meas_temp            ? 
_exptl_crystal.density_meas_temp_esd        ? 
_exptl_crystal.density_meas_temp_gt         ? 
_exptl_crystal.density_meas_temp_lt         ? 
_exptl_crystal.pdbx_crystal_image_url       ? 
_exptl_crystal.pdbx_crystal_image_format    ? 
_exptl_crystal.pdbx_mosaicity               ? 
_exptl_crystal.pdbx_mosaicity_esd           ? 
_exptl_crystal.pdbx_mosaic_method           ? 
_exptl_crystal.pdbx_mosaic_block_size       ? 
_exptl_crystal.pdbx_mosaic_block_size_esd   ? 
# 
_exptl_crystal_grow.apparatus       ? 
_exptl_crystal_grow.atmosphere      ? 
_exptl_crystal_grow.crystal_id      1 
_exptl_crystal_grow.details         ? 
_exptl_crystal_grow.method          'VAPOR DIFFUSION, SITTING DROP' 
_exptl_crystal_grow.method_ref      ? 
_exptl_crystal_grow.pH              6.5 
_exptl_crystal_grow.pressure        ? 
_exptl_crystal_grow.pressure_esd    ? 
_exptl_crystal_grow.seeding         ? 
_exptl_crystal_grow.seeding_ref     ? 
_exptl_crystal_grow.temp_details    ? 
_exptl_crystal_grow.temp_esd        ? 
_exptl_crystal_grow.time            ? 
_exptl_crystal_grow.pdbx_details    '0.1 M Bis-Tris, pH 6.5, 2 M ammonium sulfate' 
_exptl_crystal_grow.pdbx_pH_range   ? 
_exptl_crystal_grow.temp            291 
# 
_diffrn.ambient_environment              ? 
_diffrn.ambient_temp                     99 
_diffrn.ambient_temp_details             ? 
_diffrn.ambient_temp_esd                 ? 
_diffrn.crystal_id                       1 
_diffrn.crystal_support                  ? 
_diffrn.crystal_treatment                ? 
_diffrn.details                          ? 
_diffrn.id                               1 
_diffrn.ambient_pressure                 ? 
_diffrn.ambient_pressure_esd             ? 
_diffrn.ambient_pressure_gt              ? 
_diffrn.ambient_pressure_lt              ? 
_diffrn.ambient_temp_gt                  ? 
_diffrn.ambient_temp_lt                  ? 
_diffrn.pdbx_serial_crystal_experiment   N 
# 
_diffrn_detector.details                      ? 
_diffrn_detector.detector                     CCD 
_diffrn_detector.diffrn_id                    1 
_diffrn_detector.type                         'MAR CCD 130 mm' 
_diffrn_detector.area_resol_mean              ? 
_diffrn_detector.dtime                        ? 
_diffrn_detector.pdbx_frames_total            ? 
_diffrn_detector.pdbx_collection_time_total   ? 
_diffrn_detector.pdbx_collection_date         2022-10-15 
_diffrn_detector.pdbx_frequency               ? 
_diffrn_detector.id                           ? 
_diffrn_detector.number_of_axes               ? 
# 
_diffrn_radiation.collimation                      ? 
_diffrn_radiation.diffrn_id                        1 
_diffrn_radiation.filter_edge                      ? 
_diffrn_radiation.inhomogeneity                    ? 
_diffrn_radiation.monochromator                    ? 
_diffrn_radiation.polarisn_norm                    ? 
_diffrn_radiation.polarisn_ratio                   ? 
_diffrn_radiation.probe                            ? 
_diffrn_radiation.type                             ? 
_diffrn_radiation.xray_symbol                      ? 
_diffrn_radiation.wavelength_id                    1 
_diffrn_radiation.pdbx_monochromatic_or_laue_m_l   M 
_diffrn_radiation.pdbx_wavelength_list             ? 
_diffrn_radiation.pdbx_wavelength                  ? 
_diffrn_radiation.pdbx_diffrn_protocol             'SINGLE WAVELENGTH' 
_diffrn_radiation.pdbx_analyzer                    ? 
_diffrn_radiation.pdbx_scattering_type             x-ray 
# 
_diffrn_radiation_wavelength.id           1 
_diffrn_radiation_wavelength.wavelength   0.987 
_diffrn_radiation_wavelength.wt           1.0 
# 
_diffrn_source.current                     ? 
_diffrn_source.details                     ? 
_diffrn_source.diffrn_id                   1 
_diffrn_source.power                       ? 
_diffrn_source.size                        ? 
_diffrn_source.source                      SYNCHROTRON 
_diffrn_source.target                      ? 
_diffrn_source.type                        'APS BEAMLINE 21-ID-F' 
_diffrn_source.voltage                     ? 
_diffrn_source.take-off_angle              ? 
_diffrn_source.pdbx_wavelength_list        0.987 
_diffrn_source.pdbx_wavelength             ? 
_diffrn_source.pdbx_synchrotron_beamline   21-ID-F 
_diffrn_source.pdbx_synchrotron_site       APS 
# 
_reflns.B_iso_Wilson_estimate                          ? 
_reflns.entry_id                                       8SWG 
_reflns.data_reduction_details                         ? 
_reflns.data_reduction_method                          ? 
_reflns.d_resolution_high                              1.5 
_reflns.d_resolution_low                               50 
_reflns.details                                        ? 
_reflns.limit_h_max                                    ? 
_reflns.limit_h_min                                    ? 
_reflns.limit_k_max                                    ? 
_reflns.limit_k_min                                    ? 
_reflns.limit_l_max                                    ? 
_reflns.limit_l_min                                    ? 
_reflns.number_all                                     ? 
_reflns.number_obs                                     15337 
_reflns.observed_criterion                             ? 
_reflns.observed_criterion_F_max                       ? 
_reflns.observed_criterion_F_min                       ? 
_reflns.observed_criterion_I_max                       ? 
_reflns.observed_criterion_I_min                       ? 
_reflns.observed_criterion_sigma_F                     ? 
_reflns.observed_criterion_sigma_I                     ? 
_reflns.percent_possible_obs                           99.8 
_reflns.R_free_details                                 ? 
_reflns.Rmerge_F_all                                   ? 
_reflns.Rmerge_F_obs                                   ? 
_reflns.Friedel_coverage                               ? 
_reflns.number_gt                                      ? 
_reflns.threshold_expression                           ? 
_reflns.pdbx_redundancy                                10.2 
_reflns.pdbx_netI_over_av_sigmaI                       ? 
_reflns.pdbx_netI_over_sigmaI                          21.2 
_reflns.pdbx_res_netI_over_av_sigmaI_2                 ? 
_reflns.pdbx_res_netI_over_sigmaI_2                    ? 
_reflns.pdbx_chi_squared                               1.714 
_reflns.pdbx_scaling_rejects                           ? 
_reflns.pdbx_d_res_high_opt                            ? 
_reflns.pdbx_d_res_low_opt                             ? 
_reflns.pdbx_d_res_opt_method                          ? 
_reflns.phase_calculation_details                      ? 
_reflns.pdbx_Rrim_I_all                                0.089 
_reflns.pdbx_Rpim_I_all                                0.029 
_reflns.pdbx_d_opt                                     ? 
_reflns.pdbx_number_measured_all                       ? 
_reflns.pdbx_diffrn_id                                 1 
_reflns.pdbx_ordinal                                   1 
_reflns.pdbx_CC_half                                   0.966 
_reflns.pdbx_CC_star                                   0.991 
_reflns.pdbx_R_split                                   ? 
_reflns.pdbx_Rmerge_I_obs                              0.084 
_reflns.pdbx_Rmerge_I_all                              ? 
_reflns.pdbx_Rsym_value                                ? 
_reflns.pdbx_CC_split_method                           ? 
_reflns.pdbx_aniso_diffraction_limit_axis_1_ortho[1]   ? 
_reflns.pdbx_aniso_diffraction_limit_axis_1_ortho[2]   ? 
_reflns.pdbx_aniso_diffraction_limit_axis_1_ortho[3]   ? 
_reflns.pdbx_aniso_diffraction_limit_axis_2_ortho[1]   ? 
_reflns.pdbx_aniso_diffraction_limit_axis_2_ortho[2]   ? 
_reflns.pdbx_aniso_diffraction_limit_axis_2_ortho[3]   ? 
_reflns.pdbx_aniso_diffraction_limit_axis_3_ortho[1]   ? 
_reflns.pdbx_aniso_diffraction_limit_axis_3_ortho[2]   ? 
_reflns.pdbx_aniso_diffraction_limit_axis_3_ortho[3]   ? 
_reflns.pdbx_aniso_diffraction_limit_1                 ? 
_reflns.pdbx_aniso_diffraction_limit_2                 ? 
_reflns.pdbx_aniso_diffraction_limit_3                 ? 
_reflns.pdbx_aniso_B_tensor_eigenvector_1_ortho[1]     ? 
_reflns.pdbx_aniso_B_tensor_eigenvector_1_ortho[2]     ? 
_reflns.pdbx_aniso_B_tensor_eigenvector_1_ortho[3]     ? 
_reflns.pdbx_aniso_B_tensor_eigenvector_2_ortho[1]     ? 
_reflns.pdbx_aniso_B_tensor_eigenvector_2_ortho[2]     ? 
_reflns.pdbx_aniso_B_tensor_eigenvector_2_ortho[3]     ? 
_reflns.pdbx_aniso_B_tensor_eigenvector_3_ortho[1]     ? 
_reflns.pdbx_aniso_B_tensor_eigenvector_3_ortho[2]     ? 
_reflns.pdbx_aniso_B_tensor_eigenvector_3_ortho[3]     ? 
_reflns.pdbx_aniso_B_tensor_eigenvalue_1               ? 
_reflns.pdbx_aniso_B_tensor_eigenvalue_2               ? 
_reflns.pdbx_aniso_B_tensor_eigenvalue_3               ? 
_reflns.pdbx_orthogonalization_convention              ? 
_reflns.pdbx_percent_possible_ellipsoidal              ? 
_reflns.pdbx_percent_possible_spherical                ? 
_reflns.pdbx_percent_possible_ellipsoidal_anomalous    ? 
_reflns.pdbx_percent_possible_spherical_anomalous      ? 
_reflns.pdbx_redundancy_anomalous                      ? 
_reflns.pdbx_CC_half_anomalous                         ? 
_reflns.pdbx_absDiff_over_sigma_anomalous              ? 
_reflns.pdbx_percent_possible_anomalous                ? 
_reflns.pdbx_observed_signal_threshold                 ? 
_reflns.pdbx_signal_type                               ? 
_reflns.pdbx_signal_details                            ? 
_reflns.pdbx_signal_software_id                        ? 
# 
_reflns_shell.d_res_high                                    1.5 
_reflns_shell.d_res_low                                     1.55 
_reflns_shell.meanI_over_sigI_all                           ? 
_reflns_shell.meanI_over_sigI_obs                           3.7 
_reflns_shell.number_measured_all                           ? 
_reflns_shell.number_measured_obs                           ? 
_reflns_shell.number_possible                               ? 
_reflns_shell.number_unique_all                             ? 
_reflns_shell.number_unique_obs                             1506 
_reflns_shell.percent_possible_obs                          ? 
_reflns_shell.Rmerge_F_all                                  ? 
_reflns_shell.Rmerge_F_obs                                  ? 
_reflns_shell.meanI_over_sigI_gt                            ? 
_reflns_shell.meanI_over_uI_all                             ? 
_reflns_shell.meanI_over_uI_gt                              ? 
_reflns_shell.number_measured_gt                            ? 
_reflns_shell.number_unique_gt                              ? 
_reflns_shell.percent_possible_gt                           ? 
_reflns_shell.Rmerge_F_gt                                   ? 
_reflns_shell.Rmerge_I_gt                                   ? 
_reflns_shell.pdbx_redundancy                               8.0 
_reflns_shell.pdbx_chi_squared                              1.104 
_reflns_shell.pdbx_netI_over_sigmaI_all                     ? 
_reflns_shell.pdbx_netI_over_sigmaI_obs                     ? 
_reflns_shell.pdbx_Rrim_I_all                               0.603 
_reflns_shell.pdbx_Rpim_I_all                               0.212 
_reflns_shell.pdbx_rejects                                  ? 
_reflns_shell.pdbx_ordinal                                  1 
_reflns_shell.pdbx_diffrn_id                                1 
_reflns_shell.pdbx_CC_half                                  0.969 
_reflns_shell.pdbx_CC_star                                  0.992 
_reflns_shell.pdbx_R_split                                  ? 
_reflns_shell.percent_possible_all                          100 
_reflns_shell.Rmerge_I_all                                  ? 
_reflns_shell.Rmerge_I_obs                                  0.564 
_reflns_shell.pdbx_Rsym_value                               ? 
_reflns_shell.pdbx_percent_possible_ellipsoidal             ? 
_reflns_shell.pdbx_percent_possible_spherical               ? 
_reflns_shell.pdbx_percent_possible_ellipsoidal_anomalous   ? 
_reflns_shell.pdbx_percent_possible_spherical_anomalous     ? 
_reflns_shell.pdbx_redundancy_anomalous                     ? 
_reflns_shell.pdbx_CC_half_anomalous                        ? 
_reflns_shell.pdbx_absDiff_over_sigma_anomalous             ? 
_reflns_shell.pdbx_percent_possible_anomalous               ? 
# 
_refine.aniso_B[1][1]                            -0.01 
_refine.aniso_B[1][2]                            -0.00 
_refine.aniso_B[1][3]                            -0.00 
_refine.aniso_B[2][2]                            -0.01 
_refine.aniso_B[2][3]                            0.00 
_refine.aniso_B[3][3]                            0.02 
_refine.B_iso_max                                ? 
_refine.B_iso_mean                               27.183 
_refine.B_iso_min                                ? 
_refine.correlation_coeff_Fo_to_Fc               0.960 
_refine.correlation_coeff_Fo_to_Fc_free          0.944 
_refine.details                                  'HYDROGENS HAVE BEEN ADDED IN THE RIDING POSITIONS' 
_refine.diff_density_max                         ? 
_refine.diff_density_max_esd                     ? 
_refine.diff_density_min                         ? 
_refine.diff_density_min_esd                     ? 
_refine.diff_density_rms                         ? 
_refine.diff_density_rms_esd                     ? 
_refine.entry_id                                 8SWG 
_refine.pdbx_refine_id                           'X-RAY DIFFRACTION' 
_refine.ls_abs_structure_details                 ? 
_refine.ls_abs_structure_Flack                   ? 
_refine.ls_abs_structure_Flack_esd               ? 
_refine.ls_abs_structure_Rogers                  ? 
_refine.ls_abs_structure_Rogers_esd              ? 
_refine.ls_d_res_high                            1.50 
_refine.ls_d_res_low                             37.74 
_refine.ls_extinction_coef                       ? 
_refine.ls_extinction_coef_esd                   ? 
_refine.ls_extinction_expression                 ? 
_refine.ls_extinction_method                     ? 
_refine.ls_goodness_of_fit_all                   ? 
_refine.ls_goodness_of_fit_all_esd               ? 
_refine.ls_goodness_of_fit_obs                   ? 
_refine.ls_goodness_of_fit_obs_esd               ? 
_refine.ls_hydrogen_treatment                    ? 
_refine.ls_matrix_type                           ? 
_refine.ls_number_constraints                    ? 
_refine.ls_number_parameters                     ? 
_refine.ls_number_reflns_all                     ? 
_refine.ls_number_reflns_obs                     14486 
_refine.ls_number_reflns_R_free                  707 
_refine.ls_number_reflns_R_work                  ? 
_refine.ls_number_restraints                     ? 
_refine.ls_percent_reflns_obs                    98.84 
_refine.ls_percent_reflns_R_free                 4.7 
_refine.ls_R_factor_all                          ? 
_refine.ls_R_factor_obs                          0.22029 
_refine.ls_R_factor_R_free                       0.26634 
_refine.ls_R_factor_R_free_error                 ? 
_refine.ls_R_factor_R_free_error_details         ? 
_refine.ls_R_factor_R_work                       0.21798 
_refine.ls_R_Fsqd_factor_obs                     ? 
_refine.ls_R_I_factor_obs                        ? 
_refine.ls_redundancy_reflns_all                 ? 
_refine.ls_redundancy_reflns_obs                 ? 
_refine.ls_restrained_S_all                      ? 
_refine.ls_restrained_S_obs                      ? 
_refine.ls_shift_over_esd_max                    ? 
_refine.ls_shift_over_esd_mean                   ? 
_refine.ls_structure_factor_coef                 ? 
_refine.ls_weighting_details                     ? 
_refine.ls_weighting_scheme                      ? 
_refine.ls_wR_factor_all                         ? 
_refine.ls_wR_factor_obs                         ? 
_refine.ls_wR_factor_R_free                      ? 
_refine.ls_wR_factor_R_work                      ? 
_refine.occupancy_max                            ? 
_refine.occupancy_min                            ? 
_refine.solvent_model_details                    MASK 
_refine.solvent_model_param_bsol                 ? 
_refine.solvent_model_param_ksol                 ? 
_refine.pdbx_R_complete                          ? 
_refine.ls_R_factor_gt                           ? 
_refine.ls_goodness_of_fit_gt                    ? 
_refine.ls_goodness_of_fit_ref                   ? 
_refine.ls_shift_over_su_max                     ? 
_refine.ls_shift_over_su_max_lt                  ? 
_refine.ls_shift_over_su_mean                    ? 
_refine.ls_shift_over_su_mean_lt                 ? 
_refine.pdbx_ls_sigma_I                          ? 
_refine.pdbx_ls_sigma_F                          ? 
_refine.pdbx_ls_sigma_Fsqd                       ? 
_refine.pdbx_data_cutoff_high_absF               ? 
_refine.pdbx_data_cutoff_high_rms_absF           ? 
_refine.pdbx_data_cutoff_low_absF                ? 
_refine.pdbx_isotropic_thermal_model             ? 
_refine.pdbx_ls_cross_valid_method               THROUGHOUT 
_refine.pdbx_method_to_determine_struct          'MOLECULAR REPLACEMENT' 
_refine.pdbx_starting_model                      'PDb entry 5HBX' 
_refine.pdbx_stereochemistry_target_values       'MAXIMUM LIKELIHOOD' 
_refine.pdbx_R_Free_selection_details            RANDOM 
_refine.pdbx_stereochem_target_val_spec_case     ? 
_refine.pdbx_overall_ESU_R                       0.086 
_refine.pdbx_overall_ESU_R_Free                  0.093 
_refine.pdbx_solvent_vdw_probe_radii             1.20 
_refine.pdbx_solvent_ion_probe_radii             0.80 
_refine.pdbx_solvent_shrinkage_radii             0.80 
_refine.pdbx_real_space_R                        ? 
_refine.pdbx_density_correlation                 ? 
_refine.pdbx_pd_number_of_powder_patterns        ? 
_refine.pdbx_pd_number_of_points                 ? 
_refine.pdbx_pd_meas_number_of_points            ? 
_refine.pdbx_pd_proc_ls_prof_R_factor            ? 
_refine.pdbx_pd_proc_ls_prof_wR_factor           ? 
_refine.pdbx_pd_Marquardt_correlation_coeff      ? 
_refine.pdbx_pd_Fsqrd_R_factor                   ? 
_refine.pdbx_pd_ls_matrix_band_width             ? 
_refine.pdbx_overall_phase_error                 ? 
_refine.pdbx_overall_SU_R_free_Cruickshank_DPI   ? 
_refine.pdbx_overall_SU_R_free_Blow_DPI          ? 
_refine.pdbx_overall_SU_R_Blow_DPI               ? 
_refine.pdbx_TLS_residual_ADP_flag               ? 
_refine.pdbx_diffrn_id                           1 
_refine.overall_SU_B                             1.389 
_refine.overall_SU_ML                            0.053 
_refine.overall_SU_R_Cruickshank_DPI             ? 
_refine.overall_SU_R_free                        ? 
_refine.overall_FOM_free_R_set                   ? 
_refine.overall_FOM_work_R_set                   ? 
_refine.pdbx_average_fsc_overall                 ? 
_refine.pdbx_average_fsc_work                    ? 
_refine.pdbx_average_fsc_free                    ? 
# 
_refine_hist.pdbx_refine_id                   'X-RAY DIFFRACTION' 
_refine_hist.cycle_id                         1 
_refine_hist.details                          ? 
_refine_hist.d_res_high                       1.50 
_refine_hist.d_res_low                        37.74 
_refine_hist.number_atoms_solvent             55 
_refine_hist.number_atoms_total               753 
_refine_hist.number_reflns_all                ? 
_refine_hist.number_reflns_obs                ? 
_refine_hist.number_reflns_R_free             ? 
_refine_hist.number_reflns_R_work             ? 
_refine_hist.R_factor_all                     ? 
_refine_hist.R_factor_obs                     ? 
_refine_hist.R_factor_R_free                  ? 
_refine_hist.R_factor_R_work                  ? 
_refine_hist.pdbx_number_residues_total       ? 
_refine_hist.pdbx_B_iso_mean_ligand           ? 
_refine_hist.pdbx_B_iso_mean_solvent          ? 
_refine_hist.pdbx_number_atoms_protein        0 
_refine_hist.pdbx_number_atoms_nucleic_acid   698 
_refine_hist.pdbx_number_atoms_ligand         0 
_refine_hist.pdbx_number_atoms_lipid          ? 
_refine_hist.pdbx_number_atoms_carb           ? 
_refine_hist.pdbx_pseudo_atom_details         ? 
# 
loop_
_refine_ls_restr.pdbx_refine_id 
_refine_ls_restr.criterion 
_refine_ls_restr.dev_ideal 
_refine_ls_restr.dev_ideal_target 
_refine_ls_restr.number 
_refine_ls_restr.rejects 
_refine_ls_restr.type 
_refine_ls_restr.weight 
_refine_ls_restr.pdbx_restraint_function 
'X-RAY DIFFRACTION' ? 0.021 0.017  782  ? r_bond_refined_d             ? ? 
'X-RAY DIFFRACTION' ? 0.023 0.024  356  ? r_bond_other_d               ? ? 
'X-RAY DIFFRACTION' ? 3.254 2.010  1224 ? r_angle_refined_deg          ? ? 
'X-RAY DIFFRACTION' ? 3.664 3.115  832  ? r_angle_other_deg            ? ? 
'X-RAY DIFFRACTION' ? ?     ?      ?    ? r_dihedral_angle_1_deg       ? ? 
'X-RAY DIFFRACTION' ? ?     ?      ?    ? r_dihedral_angle_2_deg       ? ? 
'X-RAY DIFFRACTION' ? ?     ?      ?    ? r_dihedral_angle_3_deg       ? ? 
'X-RAY DIFFRACTION' ? ?     ?      ?    ? r_dihedral_angle_4_deg       ? ? 
'X-RAY DIFFRACTION' ? 0.431 0.200  140  ? r_chiral_restr               ? ? 
'X-RAY DIFFRACTION' ? 0.021 0.021  386  ? r_gen_planes_refined         ? ? 
'X-RAY DIFFRACTION' ? 0.002 0.022  136  ? r_gen_planes_other           ? ? 
'X-RAY DIFFRACTION' ? ?     ?      ?    ? r_nbd_refined                ? ? 
'X-RAY DIFFRACTION' ? ?     ?      ?    ? r_nbd_other                  ? ? 
'X-RAY DIFFRACTION' ? ?     ?      ?    ? r_nbtor_refined              ? ? 
'X-RAY DIFFRACTION' ? ?     ?      ?    ? r_nbtor_other                ? ? 
'X-RAY DIFFRACTION' ? ?     ?      ?    ? r_xyhbond_nbd_refined        ? ? 
'X-RAY DIFFRACTION' ? ?     ?      ?    ? r_xyhbond_nbd_other          ? ? 
'X-RAY DIFFRACTION' ? ?     ?      ?    ? r_metal_ion_refined          ? ? 
'X-RAY DIFFRACTION' ? ?     ?      ?    ? r_metal_ion_other            ? ? 
'X-RAY DIFFRACTION' ? ?     ?      ?    ? r_symmetry_vdw_refined       ? ? 
'X-RAY DIFFRACTION' ? ?     ?      ?    ? r_symmetry_vdw_other         ? ? 
'X-RAY DIFFRACTION' ? ?     ?      ?    ? r_symmetry_hbond_refined     ? ? 
'X-RAY DIFFRACTION' ? ?     ?      ?    ? r_symmetry_hbond_other       ? ? 
'X-RAY DIFFRACTION' ? ?     ?      ?    ? r_symmetry_metal_ion_refined ? ? 
'X-RAY DIFFRACTION' ? ?     ?      ?    ? r_symmetry_metal_ion_other   ? ? 
'X-RAY DIFFRACTION' ? ?     ?      ?    ? r_mcbond_it                  ? ? 
'X-RAY DIFFRACTION' ? ?     ?      ?    ? r_mcbond_other               ? ? 
'X-RAY DIFFRACTION' ? ?     ?      ?    ? r_mcangle_it                 ? ? 
'X-RAY DIFFRACTION' ? ?     ?      ?    ? r_mcangle_other              ? ? 
'X-RAY DIFFRACTION' ? 2.427 2.773  782  ? r_scbond_it                  ? ? 
'X-RAY DIFFRACTION' ? 2.426 2.774  783  ? r_scbond_other               ? ? 
'X-RAY DIFFRACTION' ? ?     ?      ?    ? r_scangle_it                 ? ? 
'X-RAY DIFFRACTION' ? 3.441 4.190  1225 ? r_scangle_other              ? ? 
'X-RAY DIFFRACTION' ? 4.235 26.950 1054 ? r_long_range_B_refined       ? ? 
'X-RAY DIFFRACTION' ? 4.233 26.879 1051 ? r_long_range_B_other         ? ? 
'X-RAY DIFFRACTION' ? ?     ?      ?    ? r_rigid_bond_restr           ? ? 
'X-RAY DIFFRACTION' ? ?     ?      ?    ? r_sphericity_free            ? ? 
'X-RAY DIFFRACTION' ? ?     ?      ?    ? r_sphericity_bonded          ? ? 
# 
_refine_ls_shell.pdbx_refine_id                   'X-RAY DIFFRACTION' 
_refine_ls_shell.d_res_high                       1.502 
_refine_ls_shell.d_res_low                        1.541 
_refine_ls_shell.number_reflns_all                ? 
_refine_ls_shell.number_reflns_obs                ? 
_refine_ls_shell.number_reflns_R_free             53 
_refine_ls_shell.number_reflns_R_work             1016 
_refine_ls_shell.percent_reflns_obs               98.80 
_refine_ls_shell.percent_reflns_R_free            ? 
_refine_ls_shell.R_factor_all                     ? 
_refine_ls_shell.R_factor_obs                     ? 
_refine_ls_shell.R_factor_R_free_error            ? 
_refine_ls_shell.R_factor_R_work                  0.255 
_refine_ls_shell.redundancy_reflns_all            ? 
_refine_ls_shell.redundancy_reflns_obs            ? 
_refine_ls_shell.wR_factor_all                    ? 
_refine_ls_shell.wR_factor_obs                    ? 
_refine_ls_shell.wR_factor_R_free                 ? 
_refine_ls_shell.wR_factor_R_work                 ? 
_refine_ls_shell.pdbx_R_complete                  ? 
_refine_ls_shell.pdbx_total_number_of_bins_used   20 
_refine_ls_shell.pdbx_phase_error                 ? 
_refine_ls_shell.pdbx_fsc_work                    ? 
_refine_ls_shell.pdbx_fsc_free                    ? 
_refine_ls_shell.R_factor_R_free                  0.268 
# 
_struct.entry_id                     8SWG 
_struct.title                        'RNA duplex bound with GpppA dinucleotide ligand' 
_struct.pdbx_model_details           ? 
_struct.pdbx_formula_weight          ? 
_struct.pdbx_formula_weight_method   ? 
_struct.pdbx_model_type_details      ? 
_struct.pdbx_CASP_flag               N 
# 
_struct_keywords.entry_id        8SWG 
_struct_keywords.text            'RNA, GpppA' 
_struct_keywords.pdbx_keywords   RNA 
# 
loop_
_struct_asym.id 
_struct_asym.pdbx_blank_PDB_chainid_flag 
_struct_asym.pdbx_modified 
_struct_asym.entity_id 
_struct_asym.details 
A N N 1 ? 
B N N 1 ? 
C N N 2 ? 
D N N 2 ? 
E N N 3 ? 
F N N 3 ? 
# 
loop_
_struct_conn.id 
_struct_conn.conn_type_id 
_struct_conn.pdbx_leaving_atom_flag 
_struct_conn.pdbx_PDB_id 
_struct_conn.ptnr1_label_asym_id 
_struct_conn.ptnr1_label_comp_id 
_struct_conn.ptnr1_label_seq_id 
_struct_conn.ptnr1_label_atom_id 
_struct_conn.pdbx_ptnr1_label_alt_id 
_struct_conn.pdbx_ptnr1_PDB_ins_code 
_struct_conn.pdbx_ptnr1_standard_comp_id 
_struct_conn.ptnr1_symmetry 
_struct_conn.ptnr2_label_asym_id 
_struct_conn.ptnr2_label_comp_id 
_struct_conn.ptnr2_label_seq_id 
_struct_conn.ptnr2_label_atom_id 
_struct_conn.pdbx_ptnr2_label_alt_id 
_struct_conn.pdbx_ptnr2_PDB_ins_code 
_struct_conn.ptnr1_auth_asym_id 
_struct_conn.ptnr1_auth_comp_id 
_struct_conn.ptnr1_auth_seq_id 
_struct_conn.ptnr2_auth_asym_id 
_struct_conn.ptnr2_auth_comp_id 
_struct_conn.ptnr2_auth_seq_id 
_struct_conn.ptnr2_symmetry 
_struct_conn.pdbx_ptnr3_label_atom_id 
_struct_conn.pdbx_ptnr3_label_seq_id 
_struct_conn.pdbx_ptnr3_label_comp_id 
_struct_conn.pdbx_ptnr3_label_asym_id 
_struct_conn.pdbx_ptnr3_label_alt_id 
_struct_conn.pdbx_ptnr3_PDB_ins_code 
_struct_conn.details 
_struct_conn.pdbx_dist_value 
_struct_conn.pdbx_value_order 
_struct_conn.pdbx_role 
covale1  covale both ? A LCC 1  "O3'" ? ? ? 1_555 A LCC 2  P  ? ? A LCC 1  A LCC 2  1_555 ? ? ? ? ? ? ?            1.582 ? ? 
covale2  covale both ? A LCC 2  "O3'" ? ? ? 1_555 A LCC 3  P  ? ? A LCC 2  A LCC 3  1_555 ? ? ? ? ? ? ?            1.579 ? ? 
covale3  covale both ? A LCC 3  "O3'" ? ? ? 1_555 A LCG 4  P  ? ? A LCC 3  A LCG 4  1_555 ? ? ? ? ? ? ?            1.595 ? ? 
covale4  covale both ? A LCG 4  "O3'" ? ? ? 1_555 A A   5  P  ? ? A LCG 4  A A   5  1_555 ? ? ? ? ? ? ?            1.594 ? ? 
covale5  covale both ? B LCC 1  "O3'" ? ? ? 1_555 B LCC 2  P  ? ? B LCC 1  B LCC 2  1_555 ? ? ? ? ? ? ?            1.650 ? ? 
covale6  covale both ? B LCC 2  "O3'" ? ? ? 1_555 B LCC 3  P  ? ? B LCC 2  B LCC 3  1_555 ? ? ? ? ? ? ?            1.606 ? ? 
covale7  covale both ? B LCC 3  "O3'" ? ? ? 1_555 B LCG 4  P  ? ? B LCC 3  B LCG 4  1_555 ? ? ? ? ? ? ?            1.591 ? ? 
covale8  covale both ? B LCG 4  "O3'" ? ? ? 1_555 B A   5  P  ? ? B LCG 4  B A   5  1_555 ? ? ? ? ? ? ?            1.554 ? ? 
hydrog1  hydrog ?    ? A LCG 4  N1    ? ? ? 1_555 B C   13 N3 ? ? A LCG 4  B C   13 1_555 ? ? ? ? ? ? WATSON-CRICK ?     ? ? 
hydrog2  hydrog ?    ? A LCG 4  N2    ? ? ? 1_555 B C   13 O2 ? ? A LCG 4  B C   13 1_555 ? ? ? ? ? ? WATSON-CRICK ?     ? ? 
hydrog3  hydrog ?    ? A LCG 4  O6    ? ? ? 1_555 B C   13 N4 ? ? A LCG 4  B C   13 1_555 ? ? ? ? ? ? WATSON-CRICK ?     ? ? 
hydrog4  hydrog ?    ? A A   5  N1    ? ? ? 1_555 B U   12 N3 ? ? A A   5  B U   12 1_555 ? ? ? ? ? ? WATSON-CRICK ?     ? ? 
hydrog5  hydrog ?    ? A A   5  N6    ? ? ? 1_555 B U   12 O4 ? ? A A   5  B U   12 1_555 ? ? ? ? ? ? WATSON-CRICK ?     ? ? 
hydrog6  hydrog ?    ? A C   6  N3    ? ? ? 1_555 B G   11 N1 ? ? A C   6  B G   11 1_555 ? ? ? ? ? ? WATSON-CRICK ?     ? ? 
hydrog7  hydrog ?    ? A C   6  N4    ? ? ? 1_555 B G   11 O6 ? ? A C   6  B G   11 1_555 ? ? ? ? ? ? WATSON-CRICK ?     ? ? 
hydrog8  hydrog ?    ? A C   6  O2    ? ? ? 1_555 B G   11 N2 ? ? A C   6  B G   11 1_555 ? ? ? ? ? ? WATSON-CRICK ?     ? ? 
hydrog9  hydrog ?    ? A U   7  N3    ? ? ? 1_555 B A   10 N1 ? ? A U   7  B A   10 1_555 ? ? ? ? ? ? WATSON-CRICK ?     ? ? 
hydrog10 hydrog ?    ? A U   7  O4    ? ? ? 1_555 B A   10 N6 ? ? A U   7  B A   10 1_555 ? ? ? ? ? ? WATSON-CRICK ?     ? ? 
hydrog11 hydrog ?    ? A U   8  N3    ? ? ? 1_555 B A   9  N1 ? ? A U   8  B A   9  1_555 ? ? ? ? ? ? WATSON-CRICK ?     ? ? 
hydrog12 hydrog ?    ? A U   8  O4    ? ? ? 1_555 B A   9  N6 ? ? A U   8  B A   9  1_555 ? ? ? ? ? ? WATSON-CRICK ?     ? ? 
hydrog13 hydrog ?    ? A A   9  N1    ? ? ? 1_555 B U   8  N3 ? ? A A   9  B U   8  1_555 ? ? ? ? ? ? WATSON-CRICK ?     ? ? 
hydrog14 hydrog ?    ? A A   9  N6    ? ? ? 1_555 B U   8  O4 ? ? A A   9  B U   8  1_555 ? ? ? ? ? ? WATSON-CRICK ?     ? ? 
hydrog15 hydrog ?    ? A A   10 N1    ? ? ? 1_555 B U   7  N3 ? ? A A   10 B U   7  1_555 ? ? ? ? ? ? WATSON-CRICK ?     ? ? 
hydrog16 hydrog ?    ? A A   10 N6    ? ? ? 1_555 B U   7  O4 ? ? A A   10 B U   7  1_555 ? ? ? ? ? ? WATSON-CRICK ?     ? ? 
hydrog17 hydrog ?    ? A G   11 N1    ? ? ? 1_555 B C   6  N3 ? ? A G   11 B C   6  1_555 ? ? ? ? ? ? WATSON-CRICK ?     ? ? 
hydrog18 hydrog ?    ? A G   11 N2    ? ? ? 1_555 B C   6  O2 ? ? A G   11 B C   6  1_555 ? ? ? ? ? ? WATSON-CRICK ?     ? ? 
hydrog19 hydrog ?    ? A G   11 O6    ? ? ? 1_555 B C   6  N4 ? ? A G   11 B C   6  1_555 ? ? ? ? ? ? WATSON-CRICK ?     ? ? 
hydrog20 hydrog ?    ? A U   12 N3    ? ? ? 1_555 B A   5  N1 ? ? A U   12 B A   5  1_555 ? ? ? ? ? ? WATSON-CRICK ?     ? ? 
hydrog21 hydrog ?    ? A U   12 O4    ? ? ? 1_555 B A   5  N6 ? ? A U   12 B A   5  1_555 ? ? ? ? ? ? WATSON-CRICK ?     ? ? 
hydrog22 hydrog ?    ? A C   13 N3    ? ? ? 1_555 B LCG 4  N1 ? ? A C   13 B LCG 4  1_555 ? ? ? ? ? ? WATSON-CRICK ?     ? ? 
hydrog23 hydrog ?    ? A C   13 N4    ? ? ? 1_555 B LCG 4  O6 ? ? A C   13 B LCG 4  1_555 ? ? ? ? ? ? WATSON-CRICK ?     ? ? 
hydrog24 hydrog ?    ? A C   13 O2    ? ? ? 1_555 B LCG 4  N2 ? ? A C   13 B LCG 4  1_555 ? ? ? ? ? ? WATSON-CRICK ?     ? ? 
# 
loop_
_struct_conn_type.id 
_struct_conn_type.criteria 
_struct_conn_type.reference 
covale ? ? 
hydrog ? ? 
# 
_atom_sites.entry_id                    8SWG 
_atom_sites.Cartn_transf_matrix[1][1]   ? 
_atom_sites.Cartn_transf_matrix[1][2]   ? 
_atom_sites.Cartn_transf_matrix[1][3]   ? 
_atom_sites.Cartn_transf_matrix[2][1]   ? 
_atom_sites.Cartn_transf_matrix[2][2]   ? 
_atom_sites.Cartn_transf_matrix[2][3]   ? 
_atom_sites.Cartn_transf_matrix[3][1]   ? 
_atom_sites.Cartn_transf_matrix[3][2]   ? 
_atom_sites.Cartn_transf_matrix[3][3]   ? 
_atom_sites.Cartn_transf_vector[1]      ? 
_atom_sites.Cartn_transf_vector[2]      ? 
_atom_sites.Cartn_transf_vector[3]      ? 
_atom_sites.fract_transf_matrix[1][1]   0.00107761 
_atom_sites.fract_transf_matrix[1][2]   0.00660493 
_atom_sites.fract_transf_matrix[1][3]   -0.02566032 
_atom_sites.fract_transf_matrix[2][1]   -0.00170834 
_atom_sites.fract_transf_matrix[2][2]   -0.01880923 
_atom_sites.fract_transf_matrix[2][3]   -0.01861590 
_atom_sites.fract_transf_matrix[3][1]   -0.01180021 
_atom_sites.fract_transf_matrix[3][2]   0.00124503 
_atom_sites.fract_transf_matrix[3][3]   -0.00017508 
_atom_sites.fract_transf_vector[1]      1.778655 
_atom_sites.fract_transf_vector[2]      0.628260 
_atom_sites.fract_transf_vector[3]      0.247887 
_atom_sites.solution_primary            ? 
_atom_sites.solution_secondary          ? 
_atom_sites.solution_hydrogens          ? 
_atom_sites.special_details             ? 
# 
loop_
_atom_type.symbol 
C 
N 
O 
P 
# 
loop_
_atom_site.group_PDB 
_atom_site.id 
_atom_site.type_symbol 
_atom_site.label_atom_id 
_atom_site.label_alt_id 
_atom_site.label_comp_id 
_atom_site.label_asym_id 
_atom_site.label_entity_id 
_atom_site.label_seq_id 
_atom_site.pdbx_PDB_ins_code 
_atom_site.Cartn_x 
_atom_site.Cartn_y 
_atom_site.Cartn_z 
_atom_site.occupancy 
_atom_site.B_iso_or_equiv 
_atom_site.pdbx_formal_charge 
_atom_site.auth_seq_id 
_atom_site.auth_comp_id 
_atom_site.auth_asym_id 
_atom_site.auth_atom_id 
_atom_site.pdbx_PDB_model_num 
HETATM 1   O "O5'" . LCC A 1 1  ? 15.916  -11.676 7.909   1.00 49.89 ? 1   LCC A "O5'" 1 
HETATM 2   C "C5'" . LCC A 1 1  ? 16.245  -12.074 9.249   1.00 45.99 ? 1   LCC A "C5'" 1 
HETATM 3   C "C4'" . LCC A 1 1  ? 16.663  -10.700 9.677   1.00 43.54 ? 1   LCC A "C4'" 1 
HETATM 4   O "O4'" . LCC A 1 1  ? 17.820  -10.138 9.006   1.00 41.90 ? 1   LCC A "O4'" 1 
HETATM 5   C "C1'" . LCC A 1 1  ? 17.798  -8.757  9.458   1.00 39.12 ? 1   LCC A "C1'" 1 
HETATM 6   N N1    . LCC A 1 1  ? 18.002  -7.910  8.304   1.00 32.83 ? 1   LCC A N1    1 
HETATM 7   C C6    . LCC A 1 1  ? 17.957  -8.470  7.017   1.00 33.59 ? 1   LCC A C6    1 
HETATM 8   C C5    . LCC A 1 1  ? 18.192  -7.671  5.898   1.00 32.16 ? 1   LCC A C5    1 
HETATM 9   C C5M   . LCC A 1 1  ? 18.156  -8.234  4.639   1.00 33.88 ? 1   LCC A C5M   1 
HETATM 10  C C4    . LCC A 1 1  ? 18.497  -6.332  6.137   1.00 28.75 ? 1   LCC A C4    1 
HETATM 11  N N4    . LCC A 1 1  ? 18.723  -5.547  5.098   1.00 30.55 ? 1   LCC A N4    1 
HETATM 12  N N3    . LCC A 1 1  ? 18.500  -5.862  7.380   1.00 27.60 ? 1   LCC A N3    1 
HETATM 13  C C2    . LCC A 1 1  ? 18.293  -6.609  8.463   1.00 27.94 ? 1   LCC A C2    1 
HETATM 14  O O2    . LCC A 1 1  ? 18.324  -6.081  9.563   1.00 30.74 ? 1   LCC A O2    1 
HETATM 15  C "C3'" . LCC A 1 1  ? 15.627  -9.688  9.315   1.00 38.63 ? 1   LCC A "C3'" 1 
HETATM 16  C "C2'" . LCC A 1 1  ? 16.444  -8.676  10.086  1.00 38.02 ? 1   LCC A "C2'" 1 
HETATM 17  O "O2'" . LCC A 1 1  ? 16.703  -9.148  11.407  1.00 39.35 ? 1   LCC A "O2'" 1 
HETATM 18  O "O3'" . LCC A 1 1  ? 14.214  -10.005 9.830   1.00 35.86 ? 1   LCC A "O3'" 1 
HETATM 19  C "C6'" . LCC A 1 1  ? 16.904  -10.615 11.200  1.00 42.20 ? 1   LCC A "C6'" 1 
HETATM 20  O "O5'" . LCC A 1 2  ? 13.112  -7.820  9.676   1.00 27.24 ? 2   LCC A "O5'" 1 
HETATM 21  C "C5'" . LCC A 1 2  ? 13.237  -7.419  11.004  1.00 24.54 ? 2   LCC A "C5'" 1 
HETATM 22  C "C4'" . LCC A 1 2  ? 13.715  -5.983  10.885  1.00 23.46 ? 2   LCC A "C4'" 1 
HETATM 23  O "O4'" . LCC A 1 2  ? 14.984  -5.883  10.280  1.00 24.38 ? 2   LCC A "O4'" 1 
HETATM 24  C "C1'" . LCC A 1 2  ? 15.164  -4.500  9.837   1.00 22.05 ? 2   LCC A "C1'" 1 
HETATM 25  N N1    . LCC A 1 2  ? 15.268  -4.552  8.388   1.00 22.16 ? 2   LCC A N1    1 
HETATM 26  C C6    . LCC A 1 2  ? 14.982  -5.691  7.610   1.00 22.56 ? 2   LCC A C6    1 
HETATM 27  C C5    . LCC A 1 2  ? 15.081  -5.612  6.241   1.00 21.84 ? 2   LCC A C5    1 
HETATM 28  C C5M   . LCC A 1 2  ? 14.769  -6.796  5.403   1.00 24.44 ? 2   LCC A C5M   1 
HETATM 29  C C4    . LCC A 1 2  ? 15.535  -4.445  5.703   1.00 21.84 ? 2   LCC A C4    1 
HETATM 30  N N4    . LCC A 1 2  ? 15.659  -4.378  4.376   1.00 24.57 ? 2   LCC A N4    1 
HETATM 31  N N3    . LCC A 1 2  ? 15.805  -3.369  6.445   1.00 21.24 ? 2   LCC A N3    1 
HETATM 32  C C2    . LCC A 1 2  ? 15.692  -3.430  7.787   1.00 23.33 ? 2   LCC A C2    1 
HETATM 33  O O2    . LCC A 1 2  ? 15.945  -2.439  8.453   1.00 23.20 ? 2   LCC A O2    1 
HETATM 34  C "C3'" . LCC A 1 2  ? 12.866  -5.066  10.083  1.00 23.01 ? 2   LCC A "C3'" 1 
HETATM 35  C "C2'" . LCC A 1 2  ? 13.855  -3.925  10.310  1.00 23.83 ? 2   LCC A "C2'" 1 
HETATM 36  O "O2'" . LCC A 1 2  ? 13.897  -3.752  11.781  1.00 24.54 ? 2   LCC A "O2'" 1 
HETATM 37  O "O3'" . LCC A 1 2  ? 11.514  -4.792  10.667  1.00 23.94 ? 2   LCC A "O3'" 1 
HETATM 38  C "C6'" . LCC A 1 2  ? 13.748  -5.170  12.238  1.00 24.61 ? 2   LCC A "C6'" 1 
HETATM 39  P P     . LCC A 1 2  ? 12.929  -9.358  9.171   1.00 33.55 ? 2   LCC A P     1 
HETATM 40  O O1P   . LCC A 1 2  ? 12.853  -9.334  7.712   1.00 32.74 ? 2   LCC A O1P   1 
HETATM 41  O OXT   . LCC A 1 2  ? 11.815  -9.974  9.972   1.00 35.79 ? 2   LCC A OXT   1 
HETATM 42  O "O5'" . LCC A 1 3  ? 10.821  -2.651  9.680   1.00 21.63 ? 3   LCC A "O5'" 1 
HETATM 43  C "C5'" . LCC A 1 3  ? 10.999  -1.789  10.825  1.00 21.69 ? 3   LCC A "C5'" 1 
HETATM 44  C "C4'" . LCC A 1 3  ? 11.531  -0.499  10.191  1.00 21.27 ? 3   LCC A "C4'" 1 
HETATM 45  O "O4'" . LCC A 1 3  ? 12.742  -0.680  9.525   1.00 20.87 ? 3   LCC A "O4'" 1 
HETATM 46  C "C1'" . LCC A 1 3  ? 12.809  0.472   8.626   1.00 19.44 ? 3   LCC A "C1'" 1 
HETATM 47  N N1    . LCC A 1 3  ? 12.869  -0.066  7.256   1.00 20.34 ? 3   LCC A N1    1 
HETATM 48  C C6    . LCC A 1 3  ? 12.580  -1.391  6.944   1.00 20.40 ? 3   LCC A C6    1 
HETATM 49  C C5    . LCC A 1 3  ? 12.699  -1.879  5.660   1.00 19.46 ? 3   LCC A C5    1 
HETATM 50  C C5M   . LCC A 1 3  ? 12.353  -3.233  5.428   1.00 20.63 ? 3   LCC A C5M   1 
HETATM 51  C C4    . LCC A 1 3  ? 13.189  -0.965  4.709   1.00 21.20 ? 3   LCC A C4    1 
HETATM 52  N N4    . LCC A 1 3  ? 13.374  -1.392  3.476   1.00 22.17 ? 3   LCC A N4    1 
HETATM 53  N N3    . LCC A 1 3  ? 13.434  0.281   5.059   1.00 19.20 ? 3   LCC A N3    1 
HETATM 54  C C2    . LCC A 1 3  ? 13.270  0.787   6.296   1.00 20.11 ? 3   LCC A C2    1 
HETATM 55  O O2    . LCC A 1 3  ? 13.501  1.977   6.558   1.00 20.58 ? 3   LCC A O2    1 
HETATM 56  C "C3'" . LCC A 1 3  ? 10.644  0.152   9.171   1.00 20.26 ? 3   LCC A "C3'" 1 
HETATM 57  C "C2'" . LCC A 1 3  ? 11.593  1.265   8.976   1.00 18.36 ? 3   LCC A "C2'" 1 
HETATM 58  O "O2'" . LCC A 1 3  ? 11.904  1.796   10.328  1.00 20.58 ? 3   LCC A "O2'" 1 
HETATM 59  O "O3'" . LCC A 1 3  ? 9.434   0.556   9.771   1.00 21.65 ? 3   LCC A "O3'" 1 
HETATM 60  C "C6'" . LCC A 1 3  ? 11.747  0.612   11.227  1.00 19.99 ? 3   LCC A "C6'" 1 
HETATM 61  P P     . LCC A 1 3  ? 10.396  -4.159  9.748   1.00 23.25 ? 3   LCC A P     1 
HETATM 62  O O1P   . LCC A 1 3  ? 10.369  -4.727  8.373   1.00 23.19 ? 3   LCC A O1P   1 
HETATM 63  O OXT   . LCC A 1 3  ? 9.176   -4.195  10.615  1.00 28.06 ? 3   LCC A OXT   1 
HETATM 64  P P     . LCG A 1 4  ? 8.056   0.610   8.969   1.00 21.40 ? 4   LCG A P     1 
HETATM 65  O OP1   . LCG A 1 4  ? 6.994   0.847   9.961   1.00 22.87 ? 4   LCG A OP1   1 
HETATM 66  O "O5'" . LCG A 1 4  ? 8.257   1.846   7.986   1.00 20.19 ? 4   LCG A "O5'" 1 
HETATM 67  C "C5'" . LCG A 1 4  ? 8.393   3.217   8.478   1.00 21.18 ? 4   LCG A "C5'" 1 
HETATM 68  C "C3'" . LCG A 1 4  ? 7.968   3.864   6.086   1.00 20.93 ? 4   LCG A "C3'" 1 
HETATM 69  C "C6'" . LCG A 1 4  ? 8.981   5.460   7.593   1.00 22.97 ? 4   LCG A "C6'" 1 
HETATM 70  N N9    . LCG A 1 4  ? 10.374  2.960   4.573   1.00 21.36 ? 4   LCG A N9    1 
HETATM 71  C C8    . LCG A 1 4  ? 10.164  1.650   4.846   1.00 20.69 ? 4   LCG A C8    1 
HETATM 72  C C4    . LCG A 1 4  ? 10.797  2.936   3.275   1.00 19.97 ? 4   LCG A C4    1 
HETATM 73  N N7    . LCG A 1 4  ? 10.461  0.830   3.833   1.00 21.33 ? 4   LCG A N7    1 
HETATM 74  C C5    . LCG A 1 4  ? 10.881  1.646   2.834   1.00 19.64 ? 4   LCG A C5    1 
HETATM 75  C C6    . LCG A 1 4  ? 11.270  1.396   1.573   1.00 18.34 ? 4   LCG A C6    1 
HETATM 76  C "C2'" . LCG A 1 4  ? 8.921   4.790   5.349   1.00 20.51 ? 4   LCG A "C2'" 1 
HETATM 77  O O6    . LCG A 1 4  ? 11.402  0.282   1.012   1.00 20.92 ? 4   LCG A O6    1 
HETATM 78  C "C4'" . LCG A 1 4  ? 8.852   3.974   7.305   1.00 19.90 ? 4   LCG A "C4'" 1 
HETATM 79  C "C1'" . LCG A 1 4  ? 10.234  4.080   5.423   1.00 22.20 ? 4   LCG A "C1'" 1 
HETATM 80  C C2    . LCG A 1 4  ? 11.546  3.791   1.345   1.00 20.18 ? 4   LCG A C2    1 
HETATM 81  N N1    . LCG A 1 4  ? 11.586  2.515   0.846   1.00 19.56 ? 4   LCG A N1    1 
HETATM 82  O "O4'" . LCG A 1 4  ? 10.149  3.555   6.781   1.00 20.57 ? 4   LCG A "O4'" 1 
HETATM 83  O OP2   . LCG A 1 4  ? 7.941   -0.617  8.083   1.00 23.51 ? 4   LCG A OP2   1 
HETATM 84  N N2    . LCG A 1 4  ? 11.862  4.817   0.520   1.00 20.85 ? 4   LCG A N2    1 
HETATM 85  N N3    . LCG A 1 4  ? 11.140  4.055   2.586   1.00 21.70 ? 4   LCG A N3    1 
HETATM 86  O "O2'" . LCG A 1 4  ? 9.099   6.000   6.185   1.00 22.28 ? 4   LCG A "O2'" 1 
HETATM 87  O "O3'" . LCG A 1 4  ? 6.659   4.384   6.359   1.00 21.75 ? 4   LCG A "O3'" 1 
ATOM   88  P P     . A   A 1 5  ? 5.362   3.874   5.586   1.00 23.92 ? 5   A   A P     1 
ATOM   89  O OP1   . A   A 1 5  ? 4.141   4.224   6.415   1.00 29.00 ? 5   A   A OP1   1 
ATOM   90  O OP2   . A   A 1 5  ? 5.491   2.543   5.136   1.00 26.33 ? 5   A   A OP2   1 
ATOM   91  O "O5'" . A   A 1 5  ? 5.415   4.734   4.218   1.00 22.80 ? 5   A   A "O5'" 1 
ATOM   92  C "C5'" . A   A 1 5  ? 5.546   6.126   4.221   1.00 22.88 ? 5   A   A "C5'" 1 
ATOM   93  C "C4'" . A   A 1 5  ? 6.019   6.644   2.876   1.00 20.60 ? 5   A   A "C4'" 1 
ATOM   94  O "O4'" . A   A 1 5  ? 7.389   6.194   2.647   1.00 21.31 ? 5   A   A "O4'" 1 
ATOM   95  C "C3'" . A   A 1 5  ? 5.264   6.170   1.637   1.00 20.75 ? 5   A   A "C3'" 1 
ATOM   96  O "O3'" . A   A 1 5  ? 4.063   6.924   1.512   1.00 23.29 ? 5   A   A "O3'" 1 
ATOM   97  C "C2'" . A   A 1 5  ? 6.323   6.443   0.591   1.00 19.90 ? 5   A   A "C2'" 1 
ATOM   98  O "O2'" . A   A 1 5  ? 6.387   7.834   0.425   1.00 22.08 ? 5   A   A "O2'" 1 
ATOM   99  C "C1'" . A   A 1 5  ? 7.559   5.884   1.279   1.00 20.40 ? 5   A   A "C1'" 1 
ATOM   100 N N9    . A   A 1 5  ? 7.695   4.440   1.157   1.00 22.15 ? 5   A   A N9    1 
ATOM   101 C C8    . A   A 1 5  ? 7.316   3.455   2.032   1.00 21.61 ? 5   A   A C8    1 
ATOM   102 N N7    . A   A 1 5  ? 7.596   2.246   1.619   1.00 21.88 ? 5   A   A N7    1 
ATOM   103 C C5    . A   A 1 5  ? 8.135   2.445   0.356   1.00 20.84 ? 5   A   A C5    1 
ATOM   104 C C6    . A   A 1 5  ? 8.647   1.555   -0.602  1.00 21.91 ? 5   A   A C6    1 
ATOM   105 N N6    . A   A 1 5  ? 8.631   0.231   -0.467  1.00 22.51 ? 5   A   A N6    1 
ATOM   106 N N1    . A   A 1 5  ? 9.148   2.086   -1.742  1.00 20.63 ? 5   A   A N1    1 
ATOM   107 C C2    . A   A 1 5  ? 9.153   3.416   -1.886  1.00 20.82 ? 5   A   A C2    1 
ATOM   108 N N3    . A   A 1 5  ? 8.709   4.356   -1.047  1.00 22.87 ? 5   A   A N3    1 
ATOM   109 C C4    . A   A 1 5  ? 8.202   3.791   0.061   1.00 21.76 ? 5   A   A C4    1 
ATOM   110 P P     . C   A 1 6  ? 2.800   6.362   0.795   1.00 24.29 ? 6   C   A P     1 
ATOM   111 O OP1   . C   A 1 6  ? 1.705   7.390   0.960   1.00 26.97 ? 6   C   A OP1   1 
ATOM   112 O OP2   . C   A 1 6  ? 2.569   4.915   1.129   1.00 26.45 ? 6   C   A OP2   1 
ATOM   113 O "O5'" . C   A 1 6  ? 3.187   6.285   -0.733  1.00 21.79 ? 6   C   A "O5'" 1 
ATOM   114 C "C5'" . C   A 1 6  ? 3.574   7.423   -1.495  1.00 20.15 ? 6   C   A "C5'" 1 
ATOM   115 C "C4'" . C   A 1 6  ? 4.271   6.945   -2.748  1.00 20.38 ? 6   C   A "C4'" 1 
ATOM   116 O "O4'" . C   A 1 6  ? 5.459   6.178   -2.431  1.00 21.96 ? 6   C   A "O4'" 1 
ATOM   117 C "C3'" . C   A 1 6  ? 3.515   6.009   -3.672  1.00 20.37 ? 6   C   A "C3'" 1 
ATOM   118 O "O3'" . C   A 1 6  ? 2.645   6.788   -4.484  1.00 22.35 ? 6   C   A "O3'" 1 
ATOM   119 C "C2'" . C   A 1 6  ? 4.640   5.437   -4.501  1.00 21.04 ? 6   C   A "C2'" 1 
ATOM   120 O "O2'" . C   A 1 6  ? 5.188   6.378   -5.415  1.00 23.82 ? 6   C   A "O2'" 1 
ATOM   121 C "C1'" . C   A 1 6  ? 5.657   5.158   -3.416  1.00 20.35 ? 6   C   A "C1'" 1 
ATOM   122 N N1    . C   A 1 6  ? 5.496   3.853   -2.760  1.00 19.36 ? 6   C   A N1    1 
ATOM   123 C C2    . C   A 1 6  ? 6.071   2.761   -3.398  1.00 20.68 ? 6   C   A C2    1 
ATOM   124 O O2    . C   A 1 6  ? 6.587   2.927   -4.504  1.00 23.00 ? 6   C   A O2    1 
ATOM   125 N N3    . C   A 1 6  ? 6.014   1.543   -2.810  1.00 20.33 ? 6   C   A N3    1 
ATOM   126 C C4    . C   A 1 6  ? 5.468   1.418   -1.600  1.00 20.65 ? 6   C   A C4    1 
ATOM   127 N N4    . C   A 1 6  ? 5.459   0.210   -1.031  1.00 21.95 ? 6   C   A N4    1 
ATOM   128 C C5    . C   A 1 6  ? 4.832   2.501   -0.951  1.00 18.70 ? 6   C   A C5    1 
ATOM   129 C C6    . C   A 1 6  ? 4.907   3.706   -1.537  1.00 20.07 ? 6   C   A C6    1 
ATOM   130 P P     . U   A 1 7  ? 1.338   6.170   -5.072  1.00 22.71 ? 7   U   A P     1 
ATOM   131 O OP1   . U   A 1 7  ? 0.547   7.301   -5.753  1.00 26.94 ? 7   U   A OP1   1 
ATOM   132 O OP2   . U   A 1 7  ? 0.665   5.347   -4.094  1.00 22.08 ? 7   U   A OP2   1 
ATOM   133 O "O5'" . U   A 1 7  ? 1.862   5.205   -6.212  1.00 22.44 ? 7   U   A "O5'" 1 
ATOM   134 C "C5'" . U   A 1 7  ? 2.580   5.671   -7.376  1.00 21.77 ? 7   U   A "C5'" 1 
ATOM   135 C "C4'" . U   A 1 7  ? 2.993   4.467   -8.169  1.00 22.79 ? 7   U   A "C4'" 1 
ATOM   136 O "O4'" . U   A 1 7  ? 3.952   3.676   -7.422  1.00 22.24 ? 7   U   A "O4'" 1 
ATOM   137 C "C3'" . U   A 1 7  ? 1.883   3.485   -8.483  1.00 23.07 ? 7   U   A "C3'" 1 
ATOM   138 O "O3'" . U   A 1 7  ? 1.058   3.899   -9.587  1.00 21.44 ? 7   U   A "O3'" 1 
ATOM   139 C "C2'" . U   A 1 7  ? 2.698   2.272   -8.857  1.00 21.37 ? 7   U   A "C2'" 1 
ATOM   140 O "O2'" . U   A 1 7  ? 3.364   2.400   -10.117 1.00 22.53 ? 7   U   A "O2'" 1 
ATOM   141 C "C1'" . U   A 1 7  ? 3.779   2.303   -7.775  1.00 20.65 ? 7   U   A "C1'" 1 
ATOM   142 N N1    . U   A 1 7  ? 3.519   1.555   -6.541  1.00 20.68 ? 7   U   A N1    1 
ATOM   143 C C2    . U   A 1 7  ? 3.762   0.208   -6.594  1.00 20.47 ? 7   U   A C2    1 
ATOM   144 O O2    . U   A 1 7  ? 4.073   -0.355  -7.614  1.00 22.10 ? 7   U   A O2    1 
ATOM   145 N N3    . U   A 1 7  ? 3.615   -0.456  -5.401  1.00 21.25 ? 7   U   A N3    1 
ATOM   146 C C4    . U   A 1 7  ? 3.253   0.082   -4.190  1.00 20.85 ? 7   U   A C4    1 
ATOM   147 O O4    . U   A 1 7  ? 3.213   -0.634  -3.198  1.00 22.84 ? 7   U   A O4    1 
ATOM   148 C C5    . U   A 1 7  ? 2.926   1.472   -4.237  1.00 20.98 ? 7   U   A C5    1 
ATOM   149 C C6    . U   A 1 7  ? 3.126   2.158   -5.375  1.00 19.99 ? 7   U   A C6    1 
ATOM   150 P P     . U   A 1 8  ? -0.507  3.619   -9.538  1.00 23.25 ? 8   U   A P     1 
ATOM   151 O OP1   . U   A 1 8  ? -1.071  4.397   -10.705 1.00 27.86 ? 8   U   A OP1   1 
ATOM   152 O OP2   . U   A 1 8  ? -1.044  3.747   -8.182  1.00 25.75 ? 8   U   A OP2   1 
ATOM   153 O "O5'" . U   A 1 8  ? -0.630  2.067   -9.854  1.00 23.72 ? 8   U   A "O5'" 1 
ATOM   154 C "C5'" . U   A 1 8  ? -0.359  1.583   -11.190 1.00 23.13 ? 8   U   A "C5'" 1 
ATOM   155 C "C4'" . U   A 1 8  ? -0.303  0.070   -11.180 1.00 21.97 ? 8   U   A "C4'" 1 
ATOM   156 O "O4'" . U   A 1 8  ? 0.829   -0.381  -10.390 1.00 21.67 ? 8   U   A "O4'" 1 
ATOM   157 C "C3'" . U   A 1 8  ? -1.460  -0.652  -10.531 1.00 22.80 ? 8   U   A "C3'" 1 
ATOM   158 O "O3'" . U   A 1 8  ? -2.634  -0.586  -11.317 1.00 22.01 ? 8   U   A "O3'" 1 
ATOM   159 C "C2'" . U   A 1 8  ? -0.868  -2.026  -10.357 1.00 22.03 ? 8   U   A "C2'" 1 
ATOM   160 O "O2'" . U   A 1 8  ? -0.712  -2.689  -11.611 1.00 24.05 ? 8   U   A "O2'" 1 
ATOM   161 C "C1'" . U   A 1 8  ? 0.510   -1.661  -9.834  1.00 22.07 ? 8   U   A "C1'" 1 
ATOM   162 N N1    . U   A 1 8  ? 0.505   -1.545  -8.371  1.00 21.27 ? 8   U   A N1    1 
ATOM   163 C C2    . U   A 1 8  ? 0.653   -2.724  -7.678  1.00 21.91 ? 8   U   A C2    1 
ATOM   164 O O2    . U   A 1 8  ? 0.825   -3.804  -8.241  1.00 22.99 ? 8   U   A O2    1 
ATOM   165 N N3    . U   A 1 8  ? 0.669   -2.594  -6.315  1.00 19.81 ? 8   U   A N3    1 
ATOM   166 C C4    . U   A 1 8  ? 0.468   -1.442  -5.587  1.00 20.91 ? 8   U   A C4    1 
ATOM   167 O O4    . U   A 1 8  ? 0.501   -1.484  -4.354  1.00 22.13 ? 8   U   A O4    1 
ATOM   168 C C5    . U   A 1 8  ? 0.258   -0.275  -6.371  1.00 19.81 ? 8   U   A C5    1 
ATOM   169 C C6    . U   A 1 8  ? 0.288   -0.352  -7.705  1.00 21.16 ? 8   U   A C6    1 
ATOM   170 P P     . A   A 1 9  ? -4.047  -0.618  -10.708 1.00 23.42 ? 9   A   A P     1 
ATOM   171 O OP1   . A   A 1 9  ? -4.960  -0.438  -11.887 1.00 25.75 ? 9   A   A OP1   1 
ATOM   172 O OP2   . A   A 1 9  ? -4.120  0.371   -9.580  1.00 25.41 ? 9   A   A OP2   1 
ATOM   173 O "O5'" . A   A 1 9  ? -4.187  -2.084  -10.104 1.00 21.98 ? 9   A   A "O5'" 1 
ATOM   174 C "C5'" . A   A 1 9  ? -4.226  -3.191  -11.029 1.00 22.16 ? 9   A   A "C5'" 1 
ATOM   175 C "C4'" . A   A 1 9  ? -4.144  -4.479  -10.252 1.00 23.55 ? 9   A   A "C4'" 1 
ATOM   176 O "O4'" . A   A 1 9  ? -2.891  -4.530  -9.520  1.00 22.38 ? 9   A   A "O4'" 1 
ATOM   177 C "C3'" . A   A 1 9  ? -5.213  -4.736  -9.194  1.00 22.82 ? 9   A   A "C3'" 1 
ATOM   178 O "O3'" . A   A 1 9  ? -6.433  -5.247  -9.751  1.00 22.68 ? 9   A   A "O3'" 1 
ATOM   179 C "C2'" . A   A 1 9  ? -4.536  -5.820  -8.378  1.00 21.60 ? 9   A   A "C2'" 1 
ATOM   180 O "O2'" . A   A 1 9  ? -4.451  -7.069  -9.041  1.00 22.53 ? 9   A   A "O2'" 1 
ATOM   181 C "C1'" . A   A 1 9  ? -3.114  -5.270  -8.316  1.00 20.56 ? 9   A   A "C1'" 1 
ATOM   182 N N9    . A   A 1 9  ? -2.928  -4.375  -7.179  1.00 21.10 ? 9   A   A N9    1 
ATOM   183 C C8    . A   A 1 9  ? -2.864  -3.006  -7.135  1.00 22.23 ? 9   A   A C8    1 
ATOM   184 N N7    . A   A 1 9  ? -2.656  -2.525  -5.935  1.00 23.89 ? 9   A   A N7    1 
ATOM   185 C C5    . A   A 1 9  ? -2.531  -3.657  -5.140  1.00 21.86 ? 9   A   A C5    1 
ATOM   186 C C6    . A   A 1 9  ? -2.270  -3.835  -3.770  1.00 21.90 ? 9   A   A C6    1 
ATOM   187 N N6    . A   A 1 9  ? -2.054  -2.838  -2.917  1.00 21.47 ? 9   A   A N6    1 
ATOM   188 N N1    . A   A 1 9  ? -2.197  -5.100  -3.307  1.00 20.98 ? 9   A   A N1    1 
ATOM   189 C C2    . A   A 1 9  ? -2.393  -6.105  -4.150  1.00 21.37 ? 9   A   A C2    1 
ATOM   190 N N3    . A   A 1 9  ? -2.657  -6.068  -5.452  1.00 22.30 ? 9   A   A N3    1 
ATOM   191 C C4    . A   A 1 9  ? -2.683  -4.801  -5.894  1.00 21.59 ? 9   A   A C4    1 
ATOM   192 P P     . A   A 1 10 ? -7.823  -4.985  -9.091  1.00 23.83 ? 10  A   A P     1 
ATOM   193 O OP1   . A   A 1 10 ? -8.865  -5.372  -10.063 1.00 24.25 ? 10  A   A OP1   1 
ATOM   194 O OP2   . A   A 1 10 ? -7.828  -3.640  -8.486  1.00 26.69 ? 10  A   A OP2   1 
ATOM   195 O "O5'" . A   A 1 10 ? -7.848  -5.970  -7.835  1.00 22.47 ? 10  A   A "O5'" 1 
ATOM   196 C "C5'" . A   A 1 10 ? -8.144  -7.350  -8.039  1.00 23.21 ? 10  A   A "C5'" 1 
ATOM   197 C "C4'" . A   A 1 10 ? -7.914  -8.133  -6.771  1.00 21.56 ? 10  A   A "C4'" 1 
ATOM   198 O "O4'" . A   A 1 10 ? -6.552  -7.992  -6.291  1.00 22.67 ? 10  A   A "O4'" 1 
ATOM   199 C "C3'" . A   A 1 10 ? -8.727  -7.800  -5.540  1.00 23.45 ? 10  A   A "C3'" 1 
ATOM   200 O "O3'" . A   A 1 10 ? -9.999  -8.299  -5.759  1.00 24.09 ? 10  A   A "O3'" 1 
ATOM   201 C "C2'" . A   A 1 10 ? -7.916  -8.539  -4.484  1.00 22.56 ? 10  A   A "C2'" 1 
ATOM   202 O "O2'" . A   A 1 10 ? -8.120  -9.939  -4.648  1.00 23.08 ? 10  A   A "O2'" 1 
ATOM   203 C "C1'" . A   A 1 10 ? -6.535  -8.061  -4.872  1.00 21.20 ? 10  A   A "C1'" 1 
ATOM   204 N N9    . A   A 1 10 ? -6.255  -6.731  -4.353  1.00 22.06 ? 10  A   A N9    1 
ATOM   205 C C8    . A   A 1 10 ? -6.265  -5.536  -5.033  1.00 22.90 ? 10  A   A C8    1 
ATOM   206 N N7    . A   A 1 10 ? -5.915  -4.508  -4.301  1.00 22.37 ? 10  A   A N7    1 
ATOM   207 C C5    . A   A 1 10 ? -5.672  -5.059  -3.046  1.00 21.98 ? 10  A   A C5    1 
ATOM   208 C C6    . A   A 1 10 ? -5.207  -4.503  -1.836  1.00 21.08 ? 10  A   A C6    1 
ATOM   209 N N6    . A   A 1 10 ? -4.957  -3.205  -1.659  1.00 23.51 ? 10  A   A N6    1 
ATOM   210 N N1    . A   A 1 10 ? -5.034  -5.338  -0.787  1.00 21.64 ? 10  A   A N1    1 
ATOM   211 C C2    . A   A 1 10 ? -5.304  -6.638  -0.949  1.00 23.37 ? 10  A   A C2    1 
ATOM   212 N N3    . A   A 1 10 ? -5.714  -7.290  -2.045  1.00 22.14 ? 10  A   A N3    1 
ATOM   213 C C4    . A   A 1 10 ? -5.859  -6.433  -3.073  1.00 21.86 ? 10  A   A C4    1 
ATOM   214 P P     . G   A 1 11 ? -11.265 -7.635  -5.033  1.00 28.02 ? 11  G   A P     1 
ATOM   215 O OP1   . G   A 1 11 ? -12.450 -8.353  -5.563  1.00 30.23 ? 11  G   A OP1   1 
ATOM   216 O OP2   . G   A 1 11 ? -11.206 -6.138  -5.223  1.00 31.93 ? 11  G   A OP2   1 
ATOM   217 O "O5'" . G   A 1 11 ? -11.042 -7.924  -3.505  1.00 27.67 ? 11  G   A "O5'" 1 
ATOM   218 C "C5'" . G   A 1 11 ? -11.037 -9.257  -3.026  1.00 27.50 ? 11  G   A "C5'" 1 
ATOM   219 C "C4'" . G   A 1 11 ? -10.597 -9.230  -1.591  1.00 29.63 ? 11  G   A "C4'" 1 
ATOM   220 O "O4'" . G   A 1 11 ? -9.246  -8.711  -1.490  1.00 29.48 ? 11  G   A "O4'" 1 
ATOM   221 C "C3'" . G   A 1 11 ? -11.393 -8.333  -0.644  1.00 30.53 ? 11  G   A "C3'" 1 
ATOM   222 O "O3'" . G   A 1 11 ? -12.582 -8.979  -0.232  1.00 34.11 ? 11  G   A "O3'" 1 
ATOM   223 C "C2'" . G   A 1 11 ? -10.392 -8.261  0.503   1.00 29.35 ? 11  G   A "C2'" 1 
ATOM   224 O "O2'" . G   A 1 11 ? -10.242 -9.444  1.250   1.00 32.95 ? 11  G   A "O2'" 1 
ATOM   225 C "C1'" . G   A 1 11 ? -9.111  -7.990  -0.276  1.00 29.76 ? 11  G   A "C1'" 1 
ATOM   226 N N9    . G   A 1 11 ? -8.866  -6.577  -0.543  1.00 26.90 ? 11  G   A N9    1 
ATOM   227 C C8    . G   A 1 11 ? -9.090  -5.855  -1.680  1.00 25.07 ? 11  G   A C8    1 
ATOM   228 N N7    . G   A 1 11 ? -8.734  -4.602  -1.596  1.00 27.06 ? 11  G   A N7    1 
ATOM   229 C C5    . G   A 1 11 ? -8.276  -4.461  -0.292  1.00 27.10 ? 11  G   A C5    1 
ATOM   230 C C6    . G   A 1 11 ? -7.799  -3.304  0.386   1.00 23.32 ? 11  G   A C6    1 
ATOM   231 O O6    . G   A 1 11 ? -7.648  -2.145  -0.032  1.00 26.22 ? 11  G   A O6    1 
ATOM   232 N N1    . G   A 1 11 ? -7.513  -3.621  1.711   1.00 25.24 ? 11  G   A N1    1 
ATOM   233 C C2    . G   A 1 11 ? -7.597  -4.859  2.279   1.00 25.44 ? 11  G   A C2    1 
ATOM   234 N N2    . G   A 1 11 ? -7.245  -4.959  3.567   1.00 28.55 ? 11  G   A N2    1 
ATOM   235 N N3    . G   A 1 11 ? -8.056  -5.951  1.645   1.00 25.52 ? 11  G   A N3    1 
ATOM   236 C C4    . G   A 1 11 ? -8.375  -5.662  0.368   1.00 25.86 ? 11  G   A C4    1 
ATOM   237 P P     . U   A 1 12 ? -13.852 -8.141  0.254   1.00 33.21 ? 12  U   A P     1 
ATOM   238 O OP1   . U   A 1 12 ? -14.989 -9.122  0.402   1.00 35.52 ? 12  U   A OP1   1 
ATOM   239 O OP2   . U   A 1 12 ? -13.999 -6.938  -0.533  1.00 34.12 ? 12  U   A OP2   1 
ATOM   240 O "O5'" . U   A 1 12 ? -13.477 -7.657  1.731   1.00 32.41 ? 12  U   A "O5'" 1 
ATOM   241 C "C5'" . U   A 1 12 ? -13.202 -8.570  2.794   1.00 30.38 ? 12  U   A "C5'" 1 
ATOM   242 C "C4'" . U   A 1 12 ? -12.702 -7.824  4.013   1.00 29.75 ? 12  U   A "C4'" 1 
ATOM   243 O "O4'" . U   A 1 12 ? -11.391 -7.270  3.737   1.00 28.91 ? 12  U   A "O4'" 1 
ATOM   244 C "C3'" . U   A 1 12 ? -13.502 -6.615  4.484   1.00 30.31 ? 12  U   A "C3'" 1 
ATOM   245 O "O3'" . U   A 1 12 ? -14.706 -6.934  5.188   1.00 33.92 ? 12  U   A "O3'" 1 
ATOM   246 C "C2'" . U   A 1 12 ? -12.466 -5.900  5.330   1.00 27.83 ? 12  U   A "C2'" 1 
ATOM   247 O "O2'" . U   A 1 12 ? -12.112 -6.570  6.518   1.00 30.71 ? 12  U   A "O2'" 1 
ATOM   248 C "C1'" . U   A 1 12 ? -11.233 -6.043  4.443   1.00 27.70 ? 12  U   A "C1'" 1 
ATOM   249 N N1    . U   A 1 12 ? -11.097 -4.950  3.468   1.00 25.96 ? 12  U   A N1    1 
ATOM   250 C C2    . U   A 1 12 ? -10.568 -3.775  3.954   1.00 25.68 ? 12  U   A C2    1 
ATOM   251 O O2    . U   A 1 12 ? -10.216 -3.646  5.119   1.00 27.95 ? 12  U   A O2    1 
ATOM   252 N N3    . U   A 1 12 ? -10.431 -2.780  3.021   1.00 26.69 ? 12  U   A N3    1 
ATOM   253 C C4    . U   A 1 12 ? -10.800 -2.829  1.687   1.00 24.56 ? 12  U   A C4    1 
ATOM   254 O O4    . U   A 1 12 ? -10.610 -1.856  0.970   1.00 28.29 ? 12  U   A O4    1 
ATOM   255 C C5    . U   A 1 12 ? -11.377 -4.062  1.278   1.00 26.04 ? 12  U   A C5    1 
ATOM   256 C C6    . U   A 1 12 ? -11.506 -5.055  2.159   1.00 25.51 ? 12  U   A C6    1 
ATOM   257 P P     . C   A 1 13 ? -15.958 -5.985  5.072   1.00 34.53 ? 13  C   A P     1 
ATOM   258 O OP1   . C   A 1 13 ? -17.062 -6.668  5.840   1.00 35.41 ? 13  C   A OP1   1 
ATOM   259 O OP2   . C   A 1 13 ? -16.172 -5.496  3.683   1.00 34.92 ? 13  C   A OP2   1 
ATOM   260 O "O5'" . C   A 1 13 ? -15.571 -4.678  5.890   1.00 29.09 ? 13  C   A "O5'" 1 
ATOM   261 C "C5'" . C   A 1 13 ? -15.182 -4.797  7.257   1.00 27.69 ? 13  C   A "C5'" 1 
ATOM   262 C "C4'" . C   A 1 13 ? -14.537 -3.510  7.708   1.00 29.35 ? 13  C   A "C4'" 1 
ATOM   263 O "O4'" . C   A 1 13 ? -13.331 -3.288  6.927   1.00 28.12 ? 13  C   A "O4'" 1 
ATOM   264 C "C3'" . C   A 1 13 ? -15.288 -2.210  7.531   1.00 28.72 ? 13  C   A "C3'" 1 
ATOM   265 O "O3'" . C   A 1 13 ? -16.211 -2.018  8.578   1.00 27.33 ? 13  C   A "O3'" 1 
ATOM   266 C "C2'" . C   A 1 13 ? -14.152 -1.202  7.661   1.00 27.13 ? 13  C   A "C2'" 1 
ATOM   267 O "O2'" . C   A 1 13 ? -13.692 -1.075  8.994   1.00 27.33 ? 13  C   A "O2'" 1 
ATOM   268 C "C1'" . C   A 1 13 ? -13.075 -1.897  6.833   1.00 28.59 ? 13  C   A "C1'" 1 
ATOM   269 N N1    . C   A 1 13 ? -13.143 -1.493  5.436   1.00 25.63 ? 13  C   A N1    1 
ATOM   270 C C2    . C   A 1 13 ? -12.547 -0.277  5.089   1.00 25.95 ? 13  C   A C2    1 
ATOM   271 O O2    . C   A 1 13 ? -11.984 0.376   5.970   1.00 27.43 ? 13  C   A O2    1 
ATOM   272 N N3    . C   A 1 13 ? -12.591 0.139   3.804   1.00 24.95 ? 13  C   A N3    1 
ATOM   273 C C4    . C   A 1 13 ? -13.193 -0.612  2.881   1.00 26.31 ? 13  C   A C4    1 
ATOM   274 N N4    . C   A 1 13 ? -13.207 -0.163  1.625   1.00 27.83 ? 13  C   A N4    1 
ATOM   275 C C5    . C   A 1 13 ? -13.796 -1.864  3.203   1.00 25.20 ? 13  C   A C5    1 
ATOM   276 C C6    . C   A 1 13 ? -13.751 -2.261  4.478   1.00 25.75 ? 13  C   A C6    1 
ATOM   277 P P     . G   A 1 14 ? -17.545 -1.210  8.343   1.00 31.15 ? 14  G   A P     1 
ATOM   278 O OP1   . G   A 1 14 ? -18.379 -1.310  9.631   1.00 35.08 ? 14  G   A OP1   1 
ATOM   279 O OP2   . G   A 1 14 ? -18.194 -1.586  7.028   1.00 34.28 ? 14  G   A OP2   1 
ATOM   280 O "O5'" . G   A 1 14 ? -17.068 0.311   8.094   1.00 29.43 ? 14  G   A "O5'" 1 
ATOM   281 C "C5'" . G   A 1 14 ? -16.622 1.069   9.217   1.00 29.75 ? 14  G   A "C5'" 1 
ATOM   282 C "C4'" . G   A 1 14 ? -16.119 2.383   8.696   1.00 28.23 ? 14  G   A "C4'" 1 
ATOM   283 O "O4'" . G   A 1 14 ? -15.094 2.160   7.704   1.00 27.95 ? 14  G   A "O4'" 1 
ATOM   284 C "C3'" . G   A 1 14 ? -17.125 3.236   7.933   1.00 29.80 ? 14  G   A "C3'" 1 
ATOM   285 O "O3'" . G   A 1 14 ? -18.093 3.753   8.836   1.00 31.08 ? 14  G   A "O3'" 1 
ATOM   286 C "C2'" . G   A 1 14 ? -16.163 4.263   7.342   1.00 30.22 ? 14  G   A "C2'" 1 
ATOM   287 O "O2'" . G   A 1 14 ? -15.829 5.247   8.293   1.00 33.02 ? 14  G   A "O2'" 1 
ATOM   288 C "C1'" . G   A 1 14 ? -15.010 3.343   6.937   1.00 27.82 ? 14  G   A "C1'" 1 
ATOM   289 N N9    . G   A 1 14 ? -15.064 2.992   5.531   1.00 26.36 ? 14  G   A N9    1 
ATOM   290 C C8    . G   A 1 14 ? -15.499 1.840   4.940   1.00 25.78 ? 14  G   A C8    1 
ATOM   291 N N7    . G   A 1 14 ? -15.431 1.864   3.635   1.00 25.40 ? 14  G   A N7    1 
ATOM   292 C C5    . G   A 1 14 ? -14.912 3.121   3.344   1.00 26.01 ? 14  G   A C5    1 
ATOM   293 C C6    . G   A 1 14 ? -14.618 3.722   2.099   1.00 24.85 ? 14  G   A C6    1 
ATOM   294 O O6    . G   A 1 14 ? -14.763 3.271   0.964   1.00 25.67 ? 14  G   A O6    1 
ATOM   295 N N1    . G   A 1 14 ? -14.131 5.014   2.274   1.00 26.44 ? 14  G   A N1    1 
ATOM   296 C C2    . G   A 1 14 ? -13.941 5.631   3.473   1.00 25.27 ? 14  G   A C2    1 
ATOM   297 N N2    . G   A 1 14 ? -13.432 6.865   3.410   1.00 29.41 ? 14  G   A N2    1 
ATOM   298 N N3    . G   A 1 14 ? -14.207 5.088   4.655   1.00 25.06 ? 14  G   A N3    1 
ATOM   299 C C4    . G   A 1 14 ? -14.695 3.827   4.507   1.00 23.86 ? 14  G   A C4    1 
HETATM 300 O "O5'" . LCC B 1 1  ? -16.692 5.857   -11.446 1.00 47.70 ? 1   LCC B "O5'" 1 
HETATM 301 C "C5'" . LCC B 1 1  ? -16.652 6.720   -12.578 1.00 47.73 ? 1   LCC B "C5'" 1 
HETATM 302 C "C4'" . LCC B 1 1  ? -16.934 8.146   -12.111 1.00 42.97 ? 1   LCC B "C4'" 1 
HETATM 303 O "O4'" . LCC B 1 1  ? -18.193 8.344   -11.425 1.00 46.96 ? 1   LCC B "O4'" 1 
HETATM 304 C "C1'" . LCC B 1 1  ? -18.008 9.631   -10.802 1.00 41.95 ? 1   LCC B "C1'" 1 
HETATM 305 N N1    . LCC B 1 1  ? -18.226 9.477   -9.358  1.00 42.20 ? 1   LCC B N1    1 
HETATM 306 C C6    . LCC B 1 1  ? -18.516 8.210   -8.853  1.00 39.29 ? 1   LCC B C6    1 
HETATM 307 C C5    . LCC B 1 1  ? -18.725 8.070   -7.511  1.00 37.45 ? 1   LCC B C5    1 
HETATM 308 C C5M   . LCC B 1 1  ? -19.005 6.817   -7.027  1.00 38.91 ? 1   LCC B C5M   1 
HETATM 309 C C4    . LCC B 1 1  ? -18.658 9.209   -6.723  1.00 37.56 ? 1   LCC B C4    1 
HETATM 310 N N4    . LCC B 1 1  ? -18.862 9.102   -5.430  1.00 36.45 ? 1   LCC B N4    1 
HETATM 311 N N3    . LCC B 1 1  ? -18.392 10.394  -7.241  1.00 36.14 ? 1   LCC B N3    1 
HETATM 312 C C2    . LCC B 1 1  ? -18.181 10.540  -8.538  1.00 41.14 ? 1   LCC B C2    1 
HETATM 313 O O2    . LCC B 1 1  ? -17.952 11.678  -8.938  1.00 43.32 ? 1   LCC B O2    1 
HETATM 314 C "C3'" . LCC B 1 1  ? -15.998 8.639   -11.114 1.00 43.81 ? 1   LCC B "C3'" 1 
HETATM 315 C "C2'" . LCC B 1 1  ? -16.586 9.982   -11.132 1.00 40.05 ? 1   LCC B "C2'" 1 
HETATM 316 O "O2'" . LCC B 1 1  ? -16.533 10.362  -12.522 1.00 45.48 ? 1   LCC B "O2'" 1 
HETATM 317 O "O3'" . LCC B 1 1  ? -14.684 8.725   -11.640 1.00 45.61 ? 1   LCC B "O3'" 1 
HETATM 318 C "C6'" . LCC B 1 1  ? -16.806 9.148   -13.234 1.00 43.96 ? 1   LCC B "C6'" 1 
HETATM 319 O "O5'" . LCC B 1 2  ? -13.388 9.048   -9.431  1.00 34.28 ? 2   LCC B "O5'" 1 
HETATM 320 C "C5'" . LCC B 1 2  ? -13.090 10.451  -9.369  1.00 34.01 ? 2   LCC B "C5'" 1 
HETATM 321 C "C4'" . LCC B 1 2  ? -13.472 10.787  -7.924  1.00 32.46 ? 2   LCC B "C4'" 1 
HETATM 322 O "O4'" . LCC B 1 2  ? -14.836 10.402  -7.651  1.00 32.20 ? 2   LCC B "O4'" 1 
HETATM 323 C "C1'" . LCC B 1 2  ? -14.976 10.312  -6.235  1.00 28.51 ? 2   LCC B "C1'" 1 
HETATM 324 N N1    . LCC B 1 2  ? -15.274 8.948   -5.861  1.00 30.91 ? 2   LCC B N1    1 
HETATM 325 C C6    . LCC B 1 2  ? -15.217 7.886   -6.786  1.00 31.61 ? 2   LCC B C6    1 
HETATM 326 C C5    . LCC B 1 2  ? -15.499 6.618   -6.327  1.00 29.37 ? 2   LCC B C5    1 
HETATM 327 C C5M   . LCC B 1 2  ? -15.454 5.514   -7.221  1.00 33.10 ? 2   LCC B C5M   1 
HETATM 328 C C4    . LCC B 1 2  ? -15.849 6.464   -4.981  1.00 29.61 ? 2   LCC B C4    1 
HETATM 329 N N4    . LCC B 1 2  ? -16.142 5.269   -4.555  1.00 30.62 ? 2   LCC B N4    1 
HETATM 330 N N3    . LCC B 1 2  ? -15.890 7.511   -4.129  1.00 29.59 ? 2   LCC B N3    1 
HETATM 331 C C2    . LCC B 1 2  ? -15.581 8.726   -4.581  1.00 30.81 ? 2   LCC B C2    1 
HETATM 332 O O2    . LCC B 1 2  ? -15.632 9.665   -3.782  1.00 32.01 ? 2   LCC B O2    1 
HETATM 333 C "C3'" . LCC B 1 2  ? -12.749 10.027  -6.862  1.00 33.24 ? 2   LCC B "C3'" 1 
HETATM 334 C "C2'" . LCC B 1 2  ? -13.561 10.692  -5.807  1.00 28.62 ? 2   LCC B "C2'" 1 
HETATM 335 O "O2'" . LCC B 1 2  ? -13.412 12.107  -6.052  1.00 31.45 ? 2   LCC B "O2'" 1 
HETATM 336 O "O3'" . LCC B 1 2  ? -11.348 10.436  -6.789  1.00 32.85 ? 2   LCC B "O3'" 1 
HETATM 337 C "C6'" . LCC B 1 2  ? -13.277 12.265  -7.526  1.00 32.08 ? 2   LCC B "C6'" 1 
HETATM 338 P P     . LCC B 1 2  ? -13.387 8.154   -10.795 1.00 39.93 ? 2   LCC B P     1 
HETATM 339 O O1P   . LCC B 1 2  ? -13.562 6.749   -10.432 1.00 38.38 ? 2   LCC B O1P   1 
HETATM 340 O OXT   . LCC B 1 2  ? -12.268 8.715   -11.610 1.00 37.73 ? 2   LCC B OXT   1 
HETATM 341 O "O5'" . LCC B 1 3  ? -10.583 9.757   -4.500  1.00 27.34 ? 3   LCC B "O5'" 1 
HETATM 342 C "C5'" . LCC B 1 3  ? -10.495 11.111  -3.964  1.00 27.78 ? 3   LCC B "C5'" 1 
HETATM 343 C "C4'" . LCC B 1 3  ? -10.875 10.983  -2.515  1.00 27.09 ? 3   LCC B "C4'" 1 
HETATM 344 O "O4'" . LCC B 1 3  ? -12.228 10.519  -2.396  1.00 26.89 ? 3   LCC B "O4'" 1 
HETATM 345 C "C1'" . LCC B 1 3  ? -12.250 9.940   -1.087  1.00 26.77 ? 3   LCC B "C1'" 1 
HETATM 346 N N1    . LCC B 1 3  ? -12.551 8.488   -1.211  1.00 26.26 ? 3   LCC B N1    1 
HETATM 347 C C6    . LCC B 1 3  ? -12.465 7.832   -2.432  1.00 23.87 ? 3   LCC B C6    1 
HETATM 348 C C5    . LCC B 1 3  ? -12.822 6.499   -2.523  1.00 24.61 ? 3   LCC B C5    1 
HETATM 349 C C5M   . LCC B 1 3  ? -12.714 5.821   -3.782  1.00 28.13 ? 3   LCC B C5M   1 
HETATM 350 C C4    . LCC B 1 3  ? -13.222 5.867   -1.331  1.00 24.84 ? 3   LCC B C4    1 
HETATM 351 N N4    . LCC B 1 3  ? -13.565 4.609   -1.370  1.00 28.00 ? 3   LCC B N4    1 
HETATM 352 N N3    . LCC B 1 3  ? -13.313 6.500   -0.170  1.00 25.82 ? 3   LCC B N3    1 
HETATM 353 C C2    . LCC B 1 3  ? -12.955 7.807   -0.106  1.00 25.20 ? 3   LCC B C2    1 
HETATM 354 O O2    . LCC B 1 3  ? -13.000 8.370   0.993   1.00 28.81 ? 3   LCC B O2    1 
HETATM 355 C "C3'" . LCC B 1 3  ? -10.087 10.032  -1.721  1.00 25.77 ? 3   LCC B "C3'" 1 
HETATM 356 C "C2'" . LCC B 1 3  ? -10.879 10.327  -0.491  1.00 24.20 ? 3   LCC B "C2'" 1 
HETATM 357 O "O2'" . LCC B 1 3  ? -10.875 11.701  -0.342  1.00 26.73 ? 3   LCC B "O2'" 1 
HETATM 358 O "O3'" . LCC B 1 3  ? -8.731  10.478  -1.567  1.00 26.64 ? 3   LCC B "O3'" 1 
HETATM 359 C "C6'" . LCC B 1 3  ? -10.830 12.270  -1.701  1.00 27.03 ? 3   LCC B "C6'" 1 
HETATM 360 P P     . LCC B 1 3  ? -10.277 9.510   -6.029  1.00 30.36 ? 3   LCC B P     1 
HETATM 361 O O1P   . LCC B 1 3  ? -10.512 8.088   -6.208  1.00 30.23 ? 3   LCC B O1P   1 
HETATM 362 O OXT   . LCC B 1 3  ? -8.928  10.108  -6.386  1.00 33.30 ? 3   LCC B OXT   1 
HETATM 363 P P     . LCG B 1 4  ? -7.547  9.441   -1.337  1.00 26.80 ? 4   LCG B P     1 
HETATM 364 O OP1   . LCG B 1 4  ? -6.320  10.240  -1.433  1.00 26.27 ? 4   LCG B OP1   1 
HETATM 365 O "O5'" . LCG B 1 4  ? -7.764  8.965   0.205   1.00 26.26 ? 4   LCG B "O5'" 1 
HETATM 366 C "C5'" . LCG B 1 4  ? -7.711  9.822   1.331   1.00 24.60 ? 4   LCG B "C5'" 1 
HETATM 367 C "C3'" . LCG B 1 4  ? -7.413  7.717   2.730   1.00 26.52 ? 4   LCG B "C3'" 1 
HETATM 368 C "C6'" . LCG B 1 4  ? -8.037  9.737   3.766   1.00 25.93 ? 4   LCG B "C6'" 1 
HETATM 369 N N9    . LCG B 1 4  ? -9.987  6.288   2.402   1.00 26.35 ? 4   LCG B N9    1 
HETATM 370 C C8    . LCG B 1 4  ? -10.030 6.221   1.066   1.00 25.02 ? 4   LCG B C8    1 
HETATM 371 C C4    . LCG B 1 4  ? -10.470 5.118   2.878   1.00 24.77 ? 4   LCG B C4    1 
HETATM 372 N N7    . LCG B 1 4  ? -10.469 5.000   0.710   1.00 27.48 ? 4   LCG B N7    1 
HETATM 373 C C5    . LCG B 1 4  ? -10.774 4.338   1.826   1.00 25.81 ? 4   LCG B C5    1 
HETATM 374 C C6    . LCG B 1 4  ? -11.318 3.089   2.022   1.00 23.63 ? 4   LCG B C6    1 
HETATM 375 C "C2'" . LCG B 1 4  ? -8.283  7.449   3.939   1.00 24.91 ? 4   LCG B "C2'" 1 
HETATM 376 O O6    . LCG B 1 4  ? -11.612 2.314   1.095   1.00 26.86 ? 4   LCG B O6    1 
HETATM 377 C "C4'" . LCG B 1 4  ? -8.146  8.981   2.464   1.00 25.70 ? 4   LCG B "C4'" 1 
HETATM 378 C "C1'" . LCG B 1 4  ? -9.615  7.406   3.213   1.00 25.15 ? 4   LCG B "C1'" 1 
HETATM 379 C C2    . LCG B 1 4  ? -11.156 3.496   4.382   1.00 25.71 ? 4   LCG B C2    1 
HETATM 380 N N1    . LCG B 1 4  ? -11.476 2.688   3.310   1.00 25.80 ? 4   LCG B N1    1 
HETATM 381 O "O4'" . LCG B 1 4  ? -9.493  8.467   2.286   1.00 26.42 ? 4   LCG B "O4'" 1 
HETATM 382 O OP2   . LCG B 1 4  ? -7.665  8.275   -2.260  1.00 29.23 ? 4   LCG B OP2   1 
HETATM 383 N N2    . LCG B 1 4  ? -11.385 3.073   5.573   1.00 25.97 ? 4   LCG B N2    1 
HETATM 384 N N3    . LCG B 1 4  ? -10.678 4.753   4.171   1.00 26.29 ? 4   LCG B N3    1 
HETATM 385 O "O2'" . LCG B 1 4  ? -8.267  8.603   4.731   1.00 27.63 ? 4   LCG B "O2'" 1 
HETATM 386 O "O3'" . LCG B 1 4  ? -6.061  8.053   3.127   1.00 27.16 ? 4   LCG B "O3'" 1 
ATOM   387 P P     . A   B 1 5  ? -4.883  7.047   2.998   1.00 29.40 ? 5   A   B P     1 
ATOM   388 O OP1   . A   B 1 5  ? -3.598  7.816   3.275   1.00 33.76 ? 5   A   B OP1   1 
ATOM   389 O OP2   . A   B 1 5  ? -5.016  6.203   1.872   1.00 28.17 ? 5   A   B OP2   1 
ATOM   390 O "O5'" . A   B 1 5  ? -5.129  6.023   4.190   1.00 25.13 ? 5   A   B "O5'" 1 
ATOM   391 C "C5'" . A   B 1 5  ? -4.972  6.472   5.537   1.00 25.54 ? 5   A   B "C5'" 1 
ATOM   392 C "C4'" . A   B 1 5  ? -5.413  5.375   6.466   1.00 25.67 ? 5   A   B "C4'" 1 
ATOM   393 O "O4'" . A   B 1 5  ? -6.826  5.080   6.245   1.00 25.49 ? 5   A   B "O4'" 1 
ATOM   394 C "C3'" . A   B 1 5  ? -4.747  4.016   6.300   1.00 24.01 ? 5   A   B "C3'" 1 
ATOM   395 O "O3'" . A   B 1 5  ? -3.457  4.110   6.921   1.00 25.71 ? 5   A   B "O3'" 1 
ATOM   396 C "C2'" . A   B 1 5  ? -5.739  3.137   7.026   1.00 26.19 ? 5   A   B "C2'" 1 
ATOM   397 O "O2'" . A   B 1 5  ? -5.612  3.388   8.421   1.00 24.36 ? 5   A   B "O2'" 1 
ATOM   398 C "C1'" . A   B 1 5  ? -7.042  3.672   6.429   1.00 23.90 ? 5   A   B "C1'" 1 
ATOM   399 N N9    . A   B 1 5  ? -7.391  3.081   5.132   1.00 22.77 ? 5   A   B N9    1 
ATOM   400 C C8    . A   B 1 5  ? -7.211  3.640   3.886   1.00 26.19 ? 5   A   B C8    1 
ATOM   401 N N7    . A   B 1 5  ? -7.667  2.902   2.905   1.00 24.97 ? 5   A   B N7    1 
ATOM   402 C C5    . A   B 1 5  ? -8.221  1.804   3.547   1.00 22.45 ? 5   A   B C5    1 
ATOM   403 C C6    . A   B 1 5  ? -8.830  0.640   3.059   1.00 23.00 ? 5   A   B C6    1 
ATOM   404 N N6    . A   B 1 5  ? -9.049  0.412   1.765   1.00 25.49 ? 5   A   B N6    1 
ATOM   405 N N1    . A   B 1 5  ? -9.179  -0.311  3.955   1.00 24.00 ? 5   A   B N1    1 
ATOM   406 C C2    . A   B 1 5  ? -8.948  -0.082  5.254   1.00 23.13 ? 5   A   B C2    1 
ATOM   407 N N3    . A   B 1 5  ? -8.369  0.966   5.830   1.00 23.95 ? 5   A   B N3    1 
ATOM   408 C C4    . A   B 1 5  ? -8.007  1.874   4.911   1.00 23.70 ? 5   A   B C4    1 
ATOM   409 P P     . C   B 1 6  ? -2.252  3.274   6.376   1.00 27.17 ? 6   C   B P     1 
ATOM   410 O OP1   . C   B 1 6  ? -1.063  3.659   7.212   1.00 30.03 ? 6   C   B OP1   1 
ATOM   411 O OP2   . C   B 1 6  ? -2.212  3.417   4.881   1.00 28.96 ? 6   C   B OP2   1 
ATOM   412 O "O5'" . C   B 1 6  ? -2.641  1.778   6.617   1.00 25.52 ? 6   C   B "O5'" 1 
ATOM   413 C "C5'" . C   B 1 6  ? -2.770  1.335   7.965   1.00 24.32 ? 6   C   B "C5'" 1 
ATOM   414 C "C4'" . C   B 1 6  ? -3.508  0.038   7.992   1.00 24.78 ? 6   C   B "C4'" 1 
ATOM   415 O "O4'" . C   B 1 6  ? -4.819  0.170   7.386   1.00 24.28 ? 6   C   B "O4'" 1 
ATOM   416 C "C3'" . C   B 1 6  ? -2.901  -1.133  7.239   1.00 24.91 ? 6   C   B "C3'" 1 
ATOM   417 O "O3'" . C   B 1 6  ? -1.838  -1.651  8.017   1.00 26.00 ? 6   C   B "O3'" 1 
ATOM   418 C "C2'" . C   B 1 6  ? -4.099  -2.054  7.145   1.00 26.41 ? 6   C   B "C2'" 1 
ATOM   419 O "O2'" . C   B 1 6  ? -4.513  -2.684  8.330   1.00 28.32 ? 6   C   B "O2'" 1 
ATOM   420 C "C1'" . C   B 1 6  ? -5.194  -1.062  6.775   1.00 27.76 ? 6   C   B "C1'" 1 
ATOM   421 N N1    . C   B 1 6  ? -5.320  -0.848  5.326   1.00 24.09 ? 6   C   B N1    1 
ATOM   422 C C2    . C   B 1 6  ? -6.052  -1.776  4.588   1.00 23.47 ? 6   C   B C2    1 
ATOM   423 O O2    . C   B 1 6  ? -6.481  -2.789  5.158   1.00 26.34 ? 6   C   B O2    1 
ATOM   424 N N3    . C   B 1 6  ? -6.201  -1.589  3.254   1.00 24.12 ? 6   C   B N3    1 
ATOM   425 C C4    . C   B 1 6  ? -5.686  -0.510  2.670   1.00 24.30 ? 6   C   B C4    1 
ATOM   426 N N4    . C   B 1 6  ? -5.881  -0.356  1.354   1.00 24.76 ? 6   C   B N4    1 
ATOM   427 C C5    . C   B 1 6  ? -4.903  0.434   3.389   1.00 23.11 ? 6   C   B C5    1 
ATOM   428 C C6    . C   B 1 6  ? -4.768  0.242   4.713   1.00 24.30 ? 6   C   B C6    1 
ATOM   429 P P     . U   B 1 7  ? -0.638  -2.429  7.330   1.00 27.32 ? 7   U   B P     1 
ATOM   430 O OP1   . U   B 1 7  ? 0.321   -2.782  8.420   1.00 33.31 ? 7   U   B OP1   1 
ATOM   431 O OP2   . U   B 1 7  ? -0.184  -1.753  6.141   1.00 30.15 ? 7   U   B OP2   1 
ATOM   432 O "O5'" . U   B 1 7  ? -1.303  -3.802  6.863   1.00 27.76 ? 7   U   B "O5'" 1 
ATOM   433 C "C5'" . U   B 1 7  ? -1.899  -4.762  7.732   1.00 25.78 ? 7   U   B "C5'" 1 
ATOM   434 C "C4'" . U   B 1 7  ? -2.567  -5.888  6.977   1.00 27.36 ? 7   U   B "C4'" 1 
ATOM   435 O "O4'" . U   B 1 7  ? -3.730  -5.404  6.258   1.00 27.59 ? 7   U   B "O4'" 1 
ATOM   436 C "C3'" . U   B 1 7  ? -1.734  -6.563  5.901   1.00 27.18 ? 7   U   B "C3'" 1 
ATOM   437 O "O3'" . U   B 1 7  ? -0.816  -7.511  6.427   1.00 27.12 ? 7   U   B "O3'" 1 
ATOM   438 C "C2'" . U   B 1 7  ? -2.807  -7.219  5.072   1.00 26.61 ? 7   U   B "C2'" 1 
ATOM   439 O "O2'" . U   B 1 7  ? -3.349  -8.338  5.720   1.00 30.04 ? 7   U   B "O2'" 1 
ATOM   440 C "C1'" . U   B 1 7  ? -3.836  -6.103  5.024   1.00 27.49 ? 7   U   B "C1'" 1 
ATOM   441 N N1    . U   B 1 7  ? -3.678  -5.143  3.927   1.00 24.91 ? 7   U   B N1    1 
ATOM   442 C C2    . U   B 1 7  ? -4.165  -5.548  2.708   1.00 25.75 ? 7   U   B C2    1 
ATOM   443 O O2    . U   B 1 7  ? -4.659  -6.643  2.534   1.00 25.10 ? 7   U   B O2    1 
ATOM   444 N N3    . U   B 1 7  ? -4.144  -4.587  1.730   1.00 23.99 ? 7   U   B N3    1 
ATOM   445 C C4    . U   B 1 7  ? -3.641  -3.311  1.826   1.00 22.48 ? 7   U   B C4    1 
ATOM   446 O O4    . U   B 1 7  ? -3.694  -2.556  0.846   1.00 23.29 ? 7   U   B O4    1 
ATOM   447 C C5    . U   B 1 7  ? -3.088  -2.991  3.101   1.00 24.11 ? 7   U   B C5    1 
ATOM   448 C C6    . U   B 1 7  ? -3.139  -3.890  4.089   1.00 23.42 ? 7   U   B C6    1 
ATOM   449 P P     . U   B 1 8  ? 0.535   -7.786  5.680   1.00 28.62 ? 8   U   B P     1 
ATOM   450 O OP1   . U   B 1 8  ? 1.339   -8.759  6.513   1.00 31.62 ? 8   U   B OP1   1 
ATOM   451 O OP2   . U   B 1 8  ? 1.140   -6.533  5.220   1.00 28.99 ? 8   U   B OP2   1 
ATOM   452 O "O5'" . U   B 1 8  ? 0.066   -8.547  4.359   1.00 27.81 ? 8   U   B "O5'" 1 
ATOM   453 C "C5'" . U   B 1 8  ? -0.593  -9.819  4.427   1.00 28.33 ? 8   U   B "C5'" 1 
ATOM   454 C "C4'" . U   B 1 8  ? -1.113  -10.174 3.065   1.00 26.74 ? 8   U   B "C4'" 1 
ATOM   455 O "O4'" . U   B 1 8  ? -2.063  -9.172  2.634   1.00 24.96 ? 8   U   B "O4'" 1 
ATOM   456 C "C3'" . U   B 1 8  ? -0.084  -10.169 1.949   1.00 25.93 ? 8   U   B "C3'" 1 
ATOM   457 O "O3'" . U   B 1 8  ? 0.689   -11.370 1.976   1.00 24.72 ? 8   U   B "O3'" 1 
ATOM   458 C "C2'" . U   B 1 8  ? -0.982  -10.081 0.733   1.00 23.24 ? 8   U   B "C2'" 1 
ATOM   459 O "O2'" . U   B 1 8  ? -1.589  -11.326 0.398   1.00 26.63 ? 8   U   B "O2'" 1 
ATOM   460 C "C1'" . U   B 1 8  ? -2.002  -9.046  1.206   1.00 24.96 ? 8   U   B "C1'" 1 
ATOM   461 N N1    . U   B 1 8  ? -1.628  -7.660  0.887   1.00 24.04 ? 8   U   B N1    1 
ATOM   462 C C2    . U   B 1 8  ? -1.990  -7.241  -0.368  1.00 22.86 ? 8   U   B C2    1 
ATOM   463 O O2    . U   B 1 8  ? -2.489  -7.996  -1.177  1.00 25.25 ? 8   U   B O2    1 
ATOM   464 N N3    . U   B 1 8  ? -1.741  -5.916  -0.632  1.00 21.49 ? 8   U   B N3    1 
ATOM   465 C C4    . U   B 1 8  ? -1.146  -4.998  0.202   1.00 22.35 ? 8   U   B C4    1 
ATOM   466 O O4    . U   B 1 8  ? -0.939  -3.848  -0.194  1.00 24.13 ? 8   U   B O4    1 
ATOM   467 C C5    . U   B 1 8  ? -0.791  -5.513  1.485   1.00 22.66 ? 8   U   B C5    1 
ATOM   468 C C6    . U   B 1 8  ? -1.058  -6.791  1.785   1.00 22.79 ? 8   U   B C6    1 
ATOM   469 P P     . A   B 1 9  ? 2.255   -11.335 1.640   1.00 26.01 ? 9   A   B P     1 
ATOM   470 O OP1   . A   B 1 9  ? 2.691   -12.739 1.926   1.00 29.76 ? 9   A   B OP1   1 
ATOM   471 O OP2   . A   B 1 9  ? 2.902   -10.091 2.140   1.00 29.45 ? 9   A   B OP2   1 
ATOM   472 O "O5'" . A   B 1 9  ? 2.233   -11.100 0.083   1.00 22.67 ? 9   A   B "O5'" 1 
ATOM   473 C "C5'" . A   B 1 9  ? 1.808   -12.169 -0.787  1.00 22.50 ? 9   A   B "C5'" 1 
ATOM   474 C "C4'" . A   B 1 9  ? 1.750   -11.733 -2.233  1.00 22.72 ? 9   A   B "C4'" 1 
ATOM   475 O "O4'" . A   B 1 9  ? 0.656   -10.801 -2.493  1.00 22.50 ? 9   A   B "O4'" 1 
ATOM   476 C "C3'" . A   B 1 9  ? 2.971   -11.024 -2.798  1.00 23.55 ? 9   A   B "C3'" 1 
ATOM   477 O "O3'" . A   B 1 9  ? 4.101   -11.870 -2.935  1.00 25.01 ? 9   A   B "O3'" 1 
ATOM   478 C "C2'" . A   B 1 9  ? 2.379   -10.443 -4.077  1.00 22.35 ? 9   A   B "C2'" 1 
ATOM   479 O "O2'" . A   B 1 9  ? 2.222   -11.471 -5.048  1.00 24.23 ? 9   A   B "O2'" 1 
ATOM   480 C "C1'" . A   B 1 9  ? 1.028   -9.962  -3.568  1.00 23.23 ? 9   A   B "C1'" 1 
ATOM   481 N N9    . A   B 1 9  ? 1.096   -8.599  -3.059  1.00 22.61 ? 9   A   B N9    1 
ATOM   482 C C8    . A   B 1 9  ? 1.233   -8.166  -1.764  1.00 24.06 ? 9   A   B C8    1 
ATOM   483 N N7    . A   B 1 9  ? 1.234   -6.860  -1.644  1.00 23.74 ? 9   A   B N7    1 
ATOM   484 C C5    . A   B 1 9  ? 1.089   -6.405  -2.946  1.00 22.04 ? 9   A   B C5    1 
ATOM   485 C C6    . A   B 1 9  ? 1.027   -5.116  -3.495  1.00 21.63 ? 9   A   B C6    1 
ATOM   486 N N6    . A   B 1 9  ? 1.071   -4.000  -2.770  1.00 23.67 ? 9   A   B N6    1 
ATOM   487 N N1    . A   B 1 9  ? 0.888   -5.008  -4.837  1.00 20.83 ? 9   A   B N1    1 
ATOM   488 C C2    . A   B 1 9  ? 0.864   -6.129  -5.572  1.00 22.27 ? 9   A   B C2    1 
ATOM   489 N N3    . A   B 1 9  ? 0.865   -7.398  -5.165  1.00 23.33 ? 9   A   B N3    1 
ATOM   490 C C4    . A   B 1 9  ? 1.028   -7.465  -3.830  1.00 21.84 ? 9   A   B C4    1 
ATOM   491 P P     . A   B 1 10 ? 5.581   -11.305 -2.812  1.00 25.25 ? 10  A   B P     1 
ATOM   492 O OP1   . A   B 1 10 ? 6.543   -12.486 -2.776  1.00 31.37 ? 10  A   B OP1   1 
ATOM   493 O OP2   . A   B 1 10 ? 5.644   -10.291 -1.720  1.00 27.69 ? 10  A   B OP2   1 
ATOM   494 O "O5'" . A   B 1 10 ? 5.796   -10.566 -4.211  1.00 24.95 ? 10  A   B "O5'" 1 
ATOM   495 C "C5'" . A   B 1 10 ? 5.696   -11.243 -5.453  1.00 25.63 ? 10  A   B "C5'" 1 
ATOM   496 C "C4'" . A   B 1 10 ? 5.627   -10.258 -6.593  1.00 26.06 ? 10  A   B "C4'" 1 
ATOM   497 O "O4'" . A   B 1 10 ? 4.448   -9.414  -6.450  1.00 24.71 ? 10  A   B "O4'" 1 
ATOM   498 C "C3'" . A   B 1 10 ? 6.778   -9.278  -6.714  1.00 29.50 ? 10  A   B "C3'" 1 
ATOM   499 O "O3'" . A   B 1 10 ? 7.766   -9.975  -7.442  1.00 27.73 ? 10  A   B "O3'" 1 
ATOM   500 C "C2'" . A   B 1 10 ? 6.136   -8.169  -7.531  1.00 26.02 ? 10  A   B "C2'" 1 
ATOM   501 O "O2'" . A   B 1 10 ? 5.934   -8.466  -8.901  1.00 28.36 ? 10  A   B "O2'" 1 
ATOM   502 C "C1'" . A   B 1 10 ? 4.758   -8.100  -6.888  1.00 26.88 ? 10  A   B "C1'" 1 
ATOM   503 N N9    . A   B 1 10 ? 4.685   -7.212  -5.735  1.00 23.76 ? 10  A   B N9    1 
ATOM   504 C C8    . A   B 1 10 ? 4.788   -7.486  -4.390  1.00 23.37 ? 10  A   B C8    1 
ATOM   505 N N7    . A   B 1 10 ? 4.658   -6.435  -3.625  1.00 23.82 ? 10  A   B N7    1 
ATOM   506 C C5    . A   B 1 10 ? 4.477   -5.392  -4.523  1.00 19.79 ? 10  A   B C5    1 
ATOM   507 C C6    . A   B 1 10 ? 4.205   -4.036  -4.331  1.00 20.89 ? 10  A   B C6    1 
ATOM   508 N N6    . A   B 1 10 ? 4.170   -3.462  -3.137  1.00 20.73 ? 10  A   B N6    1 
ATOM   509 N N1    . A   B 1 10 ? 4.033   -3.266  -5.433  1.00 22.27 ? 10  A   B N1    1 
ATOM   510 C C2    . A   B 1 10 ? 4.070   -3.853  -6.632  1.00 24.07 ? 10  A   B C2    1 
ATOM   511 N N3    . A   B 1 10 ? 4.275   -5.136  -6.936  1.00 24.79 ? 10  A   B N3    1 
ATOM   512 C C4    . A   B 1 10 ? 4.445   -5.862  -5.820  1.00 25.06 ? 10  A   B C4    1 
ATOM   513 P P     . G   B 1 11 ? 9.258   -9.486  -7.307  1.00 29.00 ? 11  G   B P     1 
ATOM   514 O OP1   . G   B 1 11 ? 10.188  -10.424 -8.040  1.00 30.52 ? 11  G   B OP1   1 
ATOM   515 O OP2   . G   B 1 11 ? 9.556   -9.084  -5.835  1.00 27.10 ? 11  G   B OP2   1 
ATOM   516 O "O5'" . G   B 1 11 ? 9.182   -8.120  -8.115  1.00 32.67 ? 11  G   B "O5'" 1 
ATOM   517 C "C5'" . G   B 1 11 ? 9.811   -7.030  -7.552  1.00 29.34 ? 11  G   B "C5'" 1 
ATOM   518 C "C4'" . G   B 1 11 ? 9.451   -5.856  -8.404  1.00 28.24 ? 11  G   B "C4'" 1 
ATOM   519 O "O4'" . G   B 1 11 ? 8.079   -5.480  -8.110  1.00 28.11 ? 11  G   B "O4'" 1 
ATOM   520 C "C3'" . G   B 1 11 ? 10.284  -4.620  -8.111  1.00 26.01 ? 11  G   B "C3'" 1 
ATOM   521 O "O3'" . G   B 1 11 ? 11.424  -4.633  -8.946  1.00 27.27 ? 11  G   B "O3'" 1 
ATOM   522 C "C2'" . G   B 1 11 ? 9.283   -3.513  -8.410  1.00 23.87 ? 11  G   B "C2'" 1 
ATOM   523 O "O2'" . G   B 1 11 ? 9.245   -3.266  -9.796  1.00 25.26 ? 11  G   B "O2'" 1 
ATOM   524 C "C1'" . G   B 1 11 ? 8.009   -4.099  -7.822  1.00 26.61 ? 11  G   B "C1'" 1 
ATOM   525 N N9    . G   B 1 11 ? 7.804   -3.927  -6.384  1.00 25.74 ? 11  G   B N9    1 
ATOM   526 C C8    . G   B 1 11 ? 7.855   -4.824  -5.337  1.00 23.96 ? 11  G   B C8    1 
ATOM   527 N N7    . G   B 1 11 ? 7.606   -4.297  -4.157  1.00 24.05 ? 11  G   B N7    1 
ATOM   528 C C5    . G   B 1 11 ? 7.384   -2.954  -4.451  1.00 23.13 ? 11  G   B C5    1 
ATOM   529 C C6    . G   B 1 11 ? 7.049   -1.895  -3.586  1.00 21.84 ? 11  G   B C6    1 
ATOM   530 O O6    . G   B 1 11 ? 6.876   -1.931  -2.380  1.00 22.64 ? 11  G   B O6    1 
ATOM   531 N N1    . G   B 1 11 ? 6.908   -0.710  -4.290  1.00 21.83 ? 11  G   B N1    1 
ATOM   532 C C2    . G   B 1 11 ? 7.056   -0.581  -5.643  1.00 18.81 ? 11  G   B C2    1 
ATOM   533 N N2    . G   B 1 11 ? 6.929   0.650   -6.155  1.00 20.65 ? 11  G   B N2    1 
ATOM   534 N N3    . G   B 1 11 ? 7.354   -1.576  -6.476  1.00 22.95 ? 11  G   B N3    1 
ATOM   535 C C4    . G   B 1 11 ? 7.515   -2.724  -5.796  1.00 22.86 ? 11  G   B C4    1 
ATOM   536 P P     . U   B 1 12 ? 12.769  -4.052  -8.447  1.00 27.00 ? 12  U   B P     1 
ATOM   537 O OP1   . U   B 1 12 ? 13.777  -4.286  -9.547  1.00 28.58 ? 12  U   B OP1   1 
ATOM   538 O OP2   . U   B 1 12 ? 13.033  -4.542  -7.089  1.00 27.52 ? 12  U   B OP2   1 
ATOM   539 O "O5'" . U   B 1 12 ? 12.528  -2.482  -8.323  1.00 26.87 ? 12  U   B "O5'" 1 
ATOM   540 C "C5'" . U   B 1 12 ? 12.302  -1.715  -9.496  1.00 25.31 ? 12  U   B "C5'" 1 
ATOM   541 C "C4'" . U   B 1 12 ? 11.979  -0.293  -9.117  1.00 23.98 ? 12  U   B "C4'" 1 
ATOM   542 O "O4'" . U   B 1 12 ? 10.729  -0.266  -8.386  1.00 25.04 ? 12  U   B "O4'" 1 
ATOM   543 C "C3'" . U   B 1 12 ? 12.930  0.405   -8.171  1.00 26.06 ? 12  U   B "C3'" 1 
ATOM   544 O "O3'" . U   B 1 12 ? 14.115  0.865   -8.827  1.00 24.78 ? 12  U   B "O3'" 1 
ATOM   545 C "C2'" . U   B 1 12 ? 12.048  1.549   -7.708  1.00 24.27 ? 12  U   B "C2'" 1 
ATOM   546 O "O2'" . U   B 1 12 ? 11.823  2.547   -8.704  1.00 25.27 ? 12  U   B "O2'" 1 
ATOM   547 C "C1'" . U   B 1 12 ? 10.746  0.804   -7.454  1.00 24.28 ? 12  U   B "C1'" 1 
ATOM   548 N N1    . U   B 1 12 ? 10.637  0.208   -6.118  1.00 24.68 ? 12  U   B N1    1 
ATOM   549 C C2    . U   B 1 12 ? 10.269  1.043   -5.083  1.00 22.37 ? 12  U   B C2    1 
ATOM   550 O O2    . U   B 1 12 ? 10.083  2.240   -5.241  1.00 23.44 ? 12  U   B O2    1 
ATOM   551 N N3    . U   B 1 12 ? 10.109  0.423   -3.872  1.00 22.46 ? 12  U   B N3    1 
ATOM   552 C C4    . U   B 1 12 ? 10.296  -0.909  -3.589  1.00 21.68 ? 12  U   B C4    1 
ATOM   553 O O4    . U   B 1 12 ? 10.078  -1.322  -2.454  1.00 23.95 ? 12  U   B O4    1 
ATOM   554 C C5    . U   B 1 12 ? 10.692  -1.708  -4.711  1.00 22.64 ? 12  U   B C5    1 
ATOM   555 C C6    . U   B 1 12 ? 10.881  -1.125  -5.902  1.00 22.68 ? 12  U   B C6    1 
ATOM   556 P P     . C   B 1 13 ? 15.465  0.993   -8.064  1.00 25.04 ? 13  C   B P     1 
ATOM   557 O OP1   . C   B 1 13 ? 16.529  1.330   -9.104  1.00 30.23 ? 13  C   B OP1   1 
ATOM   558 O OP2   . C   B 1 13 ? 15.700  -0.081  -7.148  1.00 25.80 ? 13  C   B OP2   1 
ATOM   559 O "O5'" . C   B 1 13 ? 15.297  2.289   -7.154  1.00 24.47 ? 13  C   B "O5'" 1 
ATOM   560 C "C5'" . C   B 1 13 ? 15.095  3.598   -7.698  1.00 23.87 ? 13  C   B "C5'" 1 
ATOM   561 C "C4'" . C   B 1 13 ? 14.571  4.527   -6.612  1.00 24.16 ? 13  C   B "C4'" 1 
ATOM   562 O "O4'" . C   B 1 13 ? 13.324  3.999   -6.058  1.00 23.61 ? 13  C   B "O4'" 1 
ATOM   563 C "C3'" . C   B 1 13 ? 15.450  4.731   -5.393  1.00 24.77 ? 13  C   B "C3'" 1 
ATOM   564 O "O3'" . C   B 1 13 ? 16.467  5.688   -5.688  1.00 24.02 ? 13  C   B "O3'" 1 
ATOM   565 C "C2'" . C   B 1 13 ? 14.436  5.277   -4.396  1.00 22.28 ? 13  C   B "C2'" 1 
ATOM   566 O "O2'" . C   B 1 13 ? 14.009  6.583   -4.722  1.00 24.63 ? 13  C   B "O2'" 1 
ATOM   567 C "C1'" . C   B 1 13 ? 13.243  4.361   -4.683  1.00 21.29 ? 13  C   B "C1'" 1 
ATOM   568 N N1    . C   B 1 13 ? 13.224  3.115   -3.885  1.00 21.97 ? 13  C   B N1    1 
ATOM   569 C C2    . C   B 1 13 ? 12.667  3.223   -2.627  1.00 21.08 ? 13  C   B C2    1 
ATOM   570 O O2    . C   B 1 13 ? 12.306  4.335   -2.240  1.00 21.57 ? 13  C   B O2    1 
ATOM   571 N N3    . C   B 1 13 ? 12.606  2.131   -1.828  1.00 18.98 ? 13  C   B N3    1 
ATOM   572 C C4    . C   B 1 13 ? 13.016  0.948   -2.280  1.00 20.62 ? 13  C   B C4    1 
ATOM   573 N N4    . C   B 1 13 ? 12.910  -0.105  -1.458  1.00 22.54 ? 13  C   B N4    1 
ATOM   574 C C5    . C   B 1 13 ? 13.611  0.803   -3.566  1.00 21.33 ? 13  C   B C5    1 
ATOM   575 C C6    . C   B 1 13 ? 13.724  1.914   -4.318  1.00 21.33 ? 13  C   B C6    1 
ATOM   576 P P     . G   B 1 14 ? 17.877  5.562   -5.008  1.00 27.35 ? 14  G   B P     1 
ATOM   577 O OP1   . G   B 1 14 ? 18.732  6.712   -5.563  1.00 31.04 ? 14  G   B OP1   1 
ATOM   578 O OP2   . G   B 1 14 ? 18.364  4.156   -5.043  1.00 31.22 ? 14  G   B OP2   1 
ATOM   579 O "O5'" . G   B 1 14 ? 17.618  5.877   -3.465  1.00 25.95 ? 14  G   B "O5'" 1 
ATOM   580 C "C5'" . G   B 1 14 ? 17.086  7.164   -3.088  1.00 24.51 ? 14  G   B "C5'" 1 
ATOM   581 C "C4'" . G   B 1 14 ? 16.861  7.188   -1.590  1.00 23.07 ? 14  G   B "C4'" 1 
ATOM   582 O "O4'" . G   B 1 14 ? 15.687  6.405   -1.294  1.00 25.23 ? 14  G   B "O4'" 1 
ATOM   583 C "C3'" . G   B 1 14 ? 17.936  6.580   -0.685  1.00 26.81 ? 14  G   B "C3'" 1 
ATOM   584 O "O3'" . G   B 1 14 ? 19.090  7.400   -0.512  1.00 28.90 ? 14  G   B "O3'" 1 
ATOM   585 C "C2'" . G   B 1 14 ? 17.128  6.414   0.598   1.00 27.67 ? 14  G   B "C2'" 1 
ATOM   586 O "O2'" . G   B 1 14 ? 17.021  7.621   1.325   1.00 28.79 ? 14  G   B "O2'" 1 
ATOM   587 C "C1'" . G   B 1 14 ? 15.772  5.983   0.049   1.00 23.81 ? 14  G   B "C1'" 1 
ATOM   588 N N9    . G   B 1 14 ? 15.591  4.544   0.055   1.00 22.67 ? 14  G   B N9    1 
ATOM   589 C C8    . G   B 1 14 ? 15.849  3.638   -0.934  1.00 22.51 ? 14  G   B C8    1 
ATOM   590 N N7    . G   B 1 14 ? 15.611  2.390   -0.567  1.00 23.14 ? 14  G   B N7    1 
ATOM   591 C C5    . G   B 1 14 ? 15.175  2.507   0.754   1.00 20.93 ? 14  G   B C5    1 
ATOM   592 C C6    . G   B 1 14 ? 14.734  1.517   1.686   1.00 21.43 ? 14  G   B C6    1 
ATOM   593 O O6    . G   B 1 14 ? 14.666  0.279   1.560   1.00 24.41 ? 14  G   B O6    1 
ATOM   594 N N1    . G   B 1 14 ? 14.396  2.104   2.912   1.00 20.78 ? 14  G   B N1    1 
ATOM   595 C C2    . G   B 1 14 ? 14.466  3.424   3.228   1.00 22.09 ? 14  G   B C2    1 
ATOM   596 N N2    . G   B 1 14 ? 14.098  3.818   4.449   1.00 23.32 ? 14  G   B N2    1 
ATOM   597 N N3    . G   B 1 14 ? 14.844  4.360   2.359   1.00 22.30 ? 14  G   B N3    1 
ATOM   598 C C4    . G   B 1 14 ? 15.168  3.830   1.153   1.00 21.11 ? 14  G   B C4    1 
HETATM 599 O O36   . G3A C 2 .  ? 16.863  -1.665  3.306   1.00 23.78 ? 101 G3A A O36   1 
HETATM 600 C C36   . G3A C 2 .  ? 16.954  -0.675  4.017   1.00 22.58 ? 101 G3A A C36   1 
HETATM 601 N N31   . G3A C 2 .  ? 16.578  -0.796  5.330   1.00 22.14 ? 101 G3A A N31   1 
HETATM 602 C C32   . G3A C 2 .  ? 16.667  0.292   6.149   1.00 21.76 ? 101 G3A A C32   1 
HETATM 603 N N32   . G3A C 2 .  ? 16.314  0.183   7.413   1.00 23.78 ? 101 G3A A N32   1 
HETATM 604 N N33   . G3A C 2 .  ? 17.121  1.446   5.668   1.00 24.12 ? 101 G3A A N33   1 
HETATM 605 C C35   . G3A C 2 .  ? 17.412  0.496   3.575   1.00 21.33 ? 101 G3A A C35   1 
HETATM 606 C C34   . G3A C 2 .  ? 17.491  1.540   4.391   1.00 23.70 ? 101 G3A A C34   1 
HETATM 607 N N37   . G3A C 2 .  ? 17.850  0.894   2.386   1.00 25.27 ? 101 G3A A N37   1 
HETATM 608 C C38   . G3A C 2 .  ? 18.185  2.164   2.466   1.00 23.36 ? 101 G3A A C38   1 
HETATM 609 N N39   . G3A C 2 .  ? 17.977  2.566   3.708   1.00 24.23 ? 101 G3A A N39   1 
HETATM 610 C C41   . G3A C 2 .  ? 18.215  3.909   4.278   1.00 28.67 ? 101 G3A A C41   1 
HETATM 611 O O44   . G3A C 2 .  ? 18.565  4.770   3.193   1.00 32.16 ? 101 G3A A O44   1 
HETATM 612 C C42   . G3A C 2 .  ? 19.413  3.926   5.199   1.00 31.07 ? 101 G3A A C42   1 
HETATM 613 O O42   . G3A C 2 .  ? 19.282  4.981   6.137   1.00 31.21 ? 101 G3A A O42   1 
HETATM 614 C C43   . G3A C 2 .  ? 20.530  4.233   4.255   1.00 32.73 ? 101 G3A A C43   1 
HETATM 615 O O43   . G3A C 2 .  ? 21.618  4.806   4.972   1.00 35.70 ? 101 G3A A O43   1 
HETATM 616 C C44   . G3A C 2 .  ? 19.888  5.268   3.388   1.00 34.41 ? 101 G3A A C44   1 
HETATM 617 C C45   . G3A C 2 .  ? 20.578  5.267   2.032   1.00 40.33 ? 101 G3A A C45   1 
HETATM 618 O O45   . G3A C 2 .  ? 20.962  3.936   1.734   1.00 47.07 ? 101 G3A A O45   1 
HETATM 619 P PA    . G3A C 2 .  ? 21.526  3.574   0.325   1.00 56.59 ? 101 G3A A PA    1 
HETATM 620 O O1A   . G3A C 2 .  ? 21.044  2.224   -0.027  1.00 57.91 ? 101 G3A A O1A   1 
HETATM 621 O O2A   . G3A C 2 .  ? 21.192  4.715   -0.525  1.00 64.25 ? 101 G3A A O2A   1 
HETATM 622 O O1    . G3A C 2 .  ? 23.147  3.530   0.576   1.00 70.59 ? 101 G3A A O1    1 
HETATM 623 P PB    . G3A C 2 .  ? 23.992  3.075   1.942   1.00 77.69 ? 101 G3A A PB    1 
HETATM 624 O O2B   . G3A C 2 .  ? 23.295  2.977   3.253   1.00 70.49 ? 101 G3A A O2B   1 
HETATM 625 O O3B   . G3A C 2 .  ? 25.402  3.475   1.739   1.00 82.67 ? 101 G3A A O3B   1 
HETATM 626 O O3A   . G3A C 2 .  ? 23.625  1.708   1.255   1.00 75.63 ? 101 G3A A O3A   1 
HETATM 627 P PG    . G3A C 2 .  ? 24.167  0.306   1.412   1.00 74.20 ? 101 G3A A PG    1 
HETATM 628 O O1G   . G3A C 2 .  ? 25.347  0.160   0.529   1.00 70.23 ? 101 G3A A O1G   1 
HETATM 629 O O2G   . G3A C 2 .  ? 24.388  0.075   2.823   1.00 78.12 ? 101 G3A A O2G   1 
HETATM 630 O O25   . G3A C 2 .  ? 23.079  -0.582  0.877   1.00 63.31 ? 101 G3A A O25   1 
HETATM 631 C C25   . G3A C 2 .  ? 23.265  -1.943  0.529   1.00 53.04 ? 101 G3A A C25   1 
HETATM 632 C C24   . G3A C 2 .  ? 22.176  -2.783  1.184   1.00 44.80 ? 101 G3A A C24   1 
HETATM 633 C C23   . G3A C 2 .  ? 20.853  -2.594  0.460   1.00 44.29 ? 101 G3A A C23   1 
HETATM 634 O O23   . G3A C 2 .  ? 20.328  -3.882  0.155   1.00 48.10 ? 101 G3A A O23   1 
HETATM 635 C C22   . G3A C 2 .  ? 19.936  -1.953  1.464   1.00 40.13 ? 101 G3A A C22   1 
HETATM 636 O O22   . G3A C 2 .  ? 18.723  -2.689  1.435   1.00 48.90 ? 101 G3A A O22   1 
HETATM 637 O O24   . G3A C 2 .  ? 22.006  -2.236  2.473   1.00 33.69 ? 101 G3A A O24   1 
HETATM 638 C C21   . G3A C 2 .  ? 20.614  -2.245  2.765   1.00 34.01 ? 101 G3A A C21   1 
HETATM 639 N N19   . G3A C 2 .  ? 20.571  -1.160  3.727   1.00 29.51 ? 101 G3A A N19   1 
HETATM 640 C C14   . G3A C 2 .  ? 20.138  -1.432  4.928   1.00 26.84 ? 101 G3A A C14   1 
HETATM 641 N N13   . G3A C 2 .  ? 19.666  -2.570  5.412   1.00 26.72 ? 101 G3A A N13   1 
HETATM 642 C C12   . G3A C 2 .  ? 19.251  -2.595  6.706   1.00 27.77 ? 101 G3A A C12   1 
HETATM 643 N N11   . G3A C 2 .  ? 19.327  -1.447  7.463   1.00 26.35 ? 101 G3A A N11   1 
HETATM 644 C C18   . G3A C 2 .  ? 20.955  0.104   3.688   1.00 27.40 ? 101 G3A A C18   1 
HETATM 645 N N17   . G3A C 2 .  ? 20.719  0.620   4.884   1.00 29.69 ? 101 G3A A N17   1 
HETATM 646 C C15   . G3A C 2 .  ? 20.213  -0.332  5.651   1.00 28.00 ? 101 G3A A C15   1 
HETATM 647 C C16   . G3A C 2 .  ? 19.817  -0.341  6.911   1.00 29.96 ? 101 G3A A C16   1 
HETATM 648 N N16   . G3A C 2 .  ? 19.911  0.796   7.579   1.00 34.84 ? 101 G3A A N16   1 
HETATM 649 O O36   . G3A D 2 .  ? -17.009 5.037   -1.516  1.00 33.75 ? 101 G3A B O36   1 
HETATM 650 C C36   . G3A D 2 .  ? -16.893 5.924   -0.675  1.00 27.34 ? 101 G3A B C36   1 
HETATM 651 N N31   . G3A D 2 .  ? -16.438 7.138   -1.182  1.00 28.82 ? 101 G3A B N31   1 
HETATM 652 C C32   . G3A D 2 .  ? -16.291 8.179   -0.365  1.00 28.57 ? 101 G3A B C32   1 
HETATM 653 N N32   . G3A D 2 .  ? -15.829 9.266   -0.960  1.00 28.66 ? 101 G3A B N32   1 
HETATM 654 N N33   . G3A D 2 .  ? -16.555 8.117   0.939   1.00 28.68 ? 101 G3A B N33   1 
HETATM 655 C C35   . G3A D 2 .  ? -17.188 5.840   0.634   1.00 29.79 ? 101 G3A B C35   1 
HETATM 656 C C34   . G3A D 2 .  ? -17.012 6.934   1.412   1.00 30.75 ? 101 G3A B C34   1 
HETATM 657 N N37   . G3A D 2 .  ? -17.644 4.835   1.437   1.00 29.44 ? 101 G3A B N37   1 
HETATM 658 C C38   . G3A D 2 .  ? -17.743 5.330   2.646   1.00 30.79 ? 101 G3A B C38   1 
HETATM 659 N N39   . G3A D 2 .  ? -17.375 6.630   2.651   1.00 30.90 ? 101 G3A B N39   1 
HETATM 660 C C41   . G3A D 2 .  ? -17.340 7.578   3.757   1.00 35.12 ? 101 G3A B C41   1 
HETATM 661 O O44   . G3A D 2 .  ? -17.431 6.824   5.018   1.00 38.29 ? 101 G3A B O44   1 
HETATM 662 C C42   . G3A D 2 .  ? -18.562 8.456   3.688   1.00 37.22 ? 101 G3A B C42   1 
HETATM 663 O O42   . G3A D 2 .  ? -18.273 9.761   4.254   1.00 38.25 ? 101 G3A B O42   1 
HETATM 664 C C43   . G3A D 2 .  ? -19.536 7.614   4.533   1.00 35.30 ? 101 G3A B C43   1 
HETATM 665 O O43   . G3A D 2 .  ? -20.638 8.380   4.955   1.00 35.42 ? 101 G3A B O43   1 
HETATM 666 C C44   . G3A D 2 .  ? -18.681 7.158   5.677   1.00 39.90 ? 101 G3A B C44   1 
HETATM 667 C C45   . G3A D 2 .  ? -19.303 5.940   6.344   1.00 41.74 ? 101 G3A B C45   1 
HETATM 668 O O45   . G3A D 2 .  ? -19.420 4.883   5.373   1.00 39.64 ? 101 G3A B O45   1 
HETATM 669 P PA    . G3A D 2 .  ? -20.348 3.688   5.588   1.00 45.01 ? 101 G3A B PA    1 
HETATM 670 O O1A   . G3A D 2 .  ? -20.508 3.589   7.078   1.00 45.27 ? 101 G3A B O1A   1 
HETATM 671 O O2A   . G3A D 2 .  ? -20.219 2.514   4.810   1.00 43.30 ? 101 G3A B O2A   1 
HETATM 672 O O1    . G3A D 2 .  ? -21.528 4.615   4.978   1.00 51.62 ? 101 G3A B O1    1 
HETATM 673 P PB    . G3A D 2 .  ? -22.964 4.866   5.748   1.00 47.13 ? 101 G3A B PB    1 
HETATM 674 O O2B   . G3A D 2 .  ? -23.917 3.792   5.385   1.00 60.08 ? 101 G3A B O2B   1 
HETATM 675 O O3B   . G3A D 2 .  ? -22.761 5.270   7.160   1.00 53.52 ? 101 G3A B O3B   1 
HETATM 676 O O3A   . G3A D 2 .  ? -23.293 6.255   4.966   1.00 58.89 ? 101 G3A B O3A   1 
HETATM 677 P PG    . G3A D 2 .  ? -23.648 6.698   3.429   1.00 53.69 ? 101 G3A B PG    1 
HETATM 678 O O1G   . G3A D 2 .  ? -22.768 7.694   2.778   1.00 55.60 ? 101 G3A B O1G   1 
HETATM 679 O O2G   . G3A D 2 .  ? -25.056 7.082   3.264   1.00 59.96 ? 101 G3A B O2G   1 
HETATM 680 O O25   . G3A D 2 .  ? -23.055 5.392   2.604   1.00 54.95 ? 101 G3A B O25   1 
HETATM 681 C C25   . G3A D 2 .  ? -23.852 4.313   2.059   1.00 55.66 ? 101 G3A B C25   1 
HETATM 682 C C24   . G3A D 2 .  ? -22.944 3.351   1.311   1.00 55.17 ? 101 G3A B C24   1 
HETATM 683 C C23   . G3A D 2 .  ? -21.525 3.274   1.945   1.00 55.57 ? 101 G3A B C23   1 
HETATM 684 O O23   . G3A D 2 .  ? -21.402 2.217   2.895   1.00 61.42 ? 101 G3A B O23   1 
HETATM 685 C C22   . G3A D 2 .  ? -20.658 3.009   0.750   1.00 56.40 ? 101 G3A B C22   1 
HETATM 686 O O22   . G3A D 2 .  ? -20.745 1.629   0.321   1.00 60.96 ? 101 G3A B O22   1 
HETATM 687 O O24   . G3A D 2 .  ? -22.775 3.941   -0.009  1.00 47.71 ? 101 G3A B O24   1 
HETATM 688 C C21   . G3A D 2 .  ? -21.321 3.888   -0.285  1.00 48.10 ? 101 G3A B C21   1 
HETATM 689 N N19   . G3A D 2 .  ? -20.863 5.309   -0.250  1.00 41.77 ? 101 G3A B N19   1 
HETATM 690 C C14   . G3A D 2 .  ? -20.387 5.849   -1.368  1.00 36.91 ? 101 G3A B C14   1 
HETATM 691 N N13   . G3A D 2 .  ? -20.173 5.334   -2.599  1.00 38.13 ? 101 G3A B N13   1 
HETATM 692 C C12   . G3A D 2 .  ? -19.671 6.132   -3.630  1.00 36.43 ? 101 G3A B C12   1 
HETATM 693 N N11   . G3A D 2 .  ? -19.330 7.445   -3.338  1.00 38.90 ? 101 G3A B N11   1 
HETATM 694 C C18   . G3A D 2 .  ? -20.833 6.267   0.691   1.00 41.56 ? 101 G3A B C18   1 
HETATM 695 N N17   . G3A D 2 .  ? -20.321 7.389   0.157   1.00 37.77 ? 101 G3A B N17   1 
HETATM 696 C C15   . G3A D 2 .  ? -20.048 7.127   -1.112  1.00 34.80 ? 101 G3A B C15   1 
HETATM 697 C C16   . G3A D 2 .  ? -19.552 7.882   -2.096  1.00 33.60 ? 101 G3A B C16   1 
HETATM 698 N N16   . G3A D 2 .  ? -19.260 9.118   -1.750  1.00 36.11 ? 101 G3A B N16   1 
HETATM 699 O O     . HOH E 3 .  ? -0.531  -5.239  -11.634 1.00 33.33 ? 201 HOH A O     1 
HETATM 700 O O     . HOH E 3 .  ? 3.582   2.620   8.398   1.00 30.71 ? 202 HOH A O     1 
HETATM 701 O O     . HOH E 3 .  ? 9.080   -2.626  6.758   1.00 26.45 ? 203 HOH A O     1 
HETATM 702 O O     . HOH E 3 .  ? -9.787  -11.650 -5.830  1.00 31.49 ? 204 HOH A O     1 
HETATM 703 O O     . HOH E 3 .  ? 4.800   -2.071  -9.543  1.00 32.89 ? 205 HOH A O     1 
HETATM 704 O O     . HOH E 3 .  ? 10.545  -2.255  1.378   1.00 28.60 ? 206 HOH A O     1 
HETATM 705 O O     . HOH E 3 .  ? -16.799 0.216   1.956   1.00 38.11 ? 207 HOH A O     1 
HETATM 706 O O     . HOH E 3 .  ? 11.585  -6.493  6.697   1.00 35.78 ? 208 HOH A O     1 
HETATM 707 O O     . HOH E 3 .  ? -0.469  0.518   -2.763  1.00 36.97 ? 209 HOH A O     1 
HETATM 708 O O     . HOH E 3 .  ? 4.403   0.383   9.206   1.00 37.55 ? 210 HOH A O     1 
HETATM 709 O O     . HOH E 3 .  ? -3.150  -8.354  -6.915  1.00 28.30 ? 211 HOH A O     1 
HETATM 710 O O     . HOH E 3 .  ? 18.713  -3.100  9.619   1.00 36.89 ? 212 HOH A O     1 
HETATM 711 O O     . HOH E 3 .  ? 9.385   -1.737  3.920   1.00 27.73 ? 213 HOH A O     1 
HETATM 712 O O     . HOH E 3 .  ? -2.779  1.679   -7.440  1.00 31.73 ? 214 HOH A O     1 
HETATM 713 O O     . HOH E 3 .  ? 3.218   4.457   -12.014 1.00 29.53 ? 215 HOH A O     1 
HETATM 714 O O     . HOH E 3 .  ? -6.004  -8.314  -11.018 0.33 21.71 ? 216 HOH A O     1 
HETATM 715 O O     . HOH E 3 .  ? -2.835  0.119   -5.007  1.00 35.82 ? 217 HOH A O     1 
HETATM 716 O O     . HOH E 3 .  ? 4.204   -0.241  1.447   1.00 35.44 ? 218 HOH A O     1 
HETATM 717 O O     . HOH E 3 .  ? 8.816   6.763   -2.577  1.00 27.22 ? 219 HOH A O     1 
HETATM 718 O O     . HOH E 3 .  ? -0.545  3.060   -5.448  1.00 28.98 ? 220 HOH A O     1 
HETATM 719 O O     . HOH E 3 .  ? -9.993  -7.893  -11.077 0.33 24.15 ? 221 HOH A O     1 
HETATM 720 O O     . HOH E 3 .  ? -5.045  -0.739  -3.285  0.50 29.61 ? 222 HOH A O     1 
HETATM 721 O O     . HOH E 3 .  ? 12.744  -3.981  2.105   1.00 33.50 ? 223 HOH A O     1 
HETATM 722 O O     . HOH E 3 .  ? 4.525   9.241   -6.008  1.00 38.17 ? 224 HOH A O     1 
HETATM 723 O O     . HOH E 3 .  ? 7.309   -0.699  2.218   1.00 36.69 ? 225 HOH A O     1 
HETATM 724 O O     . HOH E 3 .  ? -14.318 -2.074  -0.613  0.50 35.57 ? 226 HOH A O     1 
HETATM 725 O O     . HOH E 3 .  ? -7.742  -7.278  5.677   1.00 33.51 ? 227 HOH A O     1 
HETATM 726 O O     . HOH E 3 .  ? -11.818 8.894   5.257   1.00 38.37 ? 228 HOH A O     1 
HETATM 727 O O     . HOH E 3 .  ? 5.131   -2.222  1.680   0.50 35.03 ? 229 HOH A O     1 
HETATM 728 O O     . HOH E 3 .  ? 11.206  -6.096  3.914   1.00 36.24 ? 230 HOH A O     1 
HETATM 729 O O     . HOH E 3 .  ? -13.667 -7.506  -11.131 0.33 41.87 ? 231 HOH A O     1 
HETATM 730 O O     . HOH F 3 .  ? -9.384  6.740   -3.688  0.50 26.58 ? 201 HOH B O     1 
HETATM 731 O O     . HOH F 3 .  ? -9.856  4.258   -1.826  1.00 37.40 ? 202 HOH B O     1 
HETATM 732 O O     . HOH F 3 .  ? 7.647   -8.435  -1.862  1.00 34.70 ? 203 HOH B O     1 
HETATM 733 O O     . HOH F 3 .  ? -8.047  0.432   8.501   1.00 31.59 ? 204 HOH B O     1 
HETATM 734 O O     . HOH F 3 .  ? 10.453  -10.050 -10.774 0.33 28.38 ? 205 HOH B O     1 
HETATM 735 O O     . HOH F 3 .  ? 14.388  -2.060  -5.718  1.00 32.43 ? 206 HOH B O     1 
HETATM 736 O O     . HOH F 3 .  ? 0.802   1.897   8.357   1.00 35.44 ? 207 HOH B O     1 
HETATM 737 O O     . HOH F 3 .  ? -1.640  -13.750 1.827   1.00 29.36 ? 208 HOH B O     1 
HETATM 738 O O     . HOH F 3 .  ? 12.108  7.011   -6.762  1.00 35.07 ? 209 HOH B O     1 
HETATM 739 O O     . HOH F 3 .  ? -8.393  1.809   -0.610  0.50 29.85 ? 210 HOH B O     1 
HETATM 740 O O     . HOH F 3 .  ? 4.548   -7.830  -0.842  1.00 34.18 ? 211 HOH B O     1 
HETATM 741 O O     . HOH F 3 .  ? 2.402   -5.247  0.406   1.00 34.16 ? 212 HOH B O     1 
HETATM 742 O O     . HOH F 3 .  ? -1.164  5.951   3.953   1.00 35.58 ? 213 HOH B O     1 
HETATM 743 O O     . HOH F 3 .  ? 8.108   -2.995  0.017   1.00 33.16 ? 214 HOH B O     1 
HETATM 744 O O     . HOH F 3 .  ? 7.376   -5.699  -1.626  1.00 31.63 ? 215 HOH B O     1 
HETATM 745 O O     . HOH F 3 .  ? 17.080  -0.043  -4.594  1.00 36.53 ? 216 HOH B O     1 
HETATM 746 O O     . HOH F 3 .  ? -3.271  -9.359  -3.652  1.00 33.95 ? 217 HOH B O     1 
HETATM 747 O O     . HOH F 3 .  ? -2.564  8.858   0.691   1.00 33.02 ? 218 HOH B O     1 
HETATM 748 O O     . HOH F 3 .  ? -3.091  -2.572  10.945  1.00 40.19 ? 219 HOH B O     1 
HETATM 749 O O     . HOH F 3 .  ? 10.902  -3.833  -12.210 1.00 34.74 ? 220 HOH B O     1 
HETATM 750 O O     . HOH F 3 .  ? 14.073  -2.562  -2.723  1.00 39.98 ? 221 HOH B O     1 
HETATM 751 O O     . HOH F 3 .  ? 4.903   -4.370  -0.339  1.00 34.44 ? 222 HOH B O     1 
HETATM 752 O O     . HOH F 3 .  ? 7.503   2.210   -8.780  1.00 31.53 ? 223 HOH B O     1 
HETATM 753 O O     . HOH F 3 .  ? -16.039 10.746  6.457   0.33 52.95 ? 224 HOH B O     1 
# 
loop_
_pdbx_poly_seq_scheme.asym_id 
_pdbx_poly_seq_scheme.entity_id 
_pdbx_poly_seq_scheme.seq_id 
_pdbx_poly_seq_scheme.mon_id 
_pdbx_poly_seq_scheme.ndb_seq_num 
_pdbx_poly_seq_scheme.pdb_seq_num 
_pdbx_poly_seq_scheme.auth_seq_num 
_pdbx_poly_seq_scheme.pdb_mon_id 
_pdbx_poly_seq_scheme.auth_mon_id 
_pdbx_poly_seq_scheme.pdb_strand_id 
_pdbx_poly_seq_scheme.pdb_ins_code 
_pdbx_poly_seq_scheme.hetero 
A 1 1  LCC 1  1  1  LCC LCC A . n 
A 1 2  LCC 2  2  2  LCC LCC A . n 
A 1 3  LCC 3  3  3  LCC LCC A . n 
A 1 4  LCG 4  4  4  LCG LCG A . n 
A 1 5  A   5  5  5  A   A   A . n 
A 1 6  C   6  6  6  C   C   A . n 
A 1 7  U   7  7  7  U   U   A . n 
A 1 8  U   8  8  8  U   U   A . n 
A 1 9  A   9  9  9  A   A   A . n 
A 1 10 A   10 10 10 A   A   A . n 
A 1 11 G   11 11 11 G   G   A . n 
A 1 12 U   12 12 12 U   U   A . n 
A 1 13 C   13 13 13 C   C   A . n 
A 1 14 G   14 14 14 G   G   A . n 
B 1 1  LCC 1  1  1  LCC LCC B . n 
B 1 2  LCC 2  2  2  LCC LCC B . n 
B 1 3  LCC 3  3  3  LCC LCC B . n 
B 1 4  LCG 4  4  4  LCG LCG B . n 
B 1 5  A   5  5  5  A   A   B . n 
B 1 6  C   6  6  6  C   C   B . n 
B 1 7  U   7  7  7  U   U   B . n 
B 1 8  U   8  8  8  U   U   B . n 
B 1 9  A   9  9  9  A   A   B . n 
B 1 10 A   10 10 10 A   A   B . n 
B 1 11 G   11 11 11 G   G   B . n 
B 1 12 U   12 12 12 U   U   B . n 
B 1 13 C   13 13 13 C   C   B . n 
B 1 14 G   14 14 14 G   G   B . n 
# 
_pdbx_contact_author.id                 2 
_pdbx_contact_author.email              wz15@iu.edu 
_pdbx_contact_author.name_first         Wen 
_pdbx_contact_author.name_last          Zhang 
_pdbx_contact_author.name_mi            ? 
_pdbx_contact_author.role               'principal investigator/group leader' 
_pdbx_contact_author.identifier_ORCID   0000-0003-4811-4384 
# 
loop_
_pdbx_nonpoly_scheme.asym_id 
_pdbx_nonpoly_scheme.entity_id 
_pdbx_nonpoly_scheme.mon_id 
_pdbx_nonpoly_scheme.ndb_seq_num 
_pdbx_nonpoly_scheme.pdb_seq_num 
_pdbx_nonpoly_scheme.auth_seq_num 
_pdbx_nonpoly_scheme.pdb_mon_id 
_pdbx_nonpoly_scheme.auth_mon_id 
_pdbx_nonpoly_scheme.pdb_strand_id 
_pdbx_nonpoly_scheme.pdb_ins_code 
C 2 G3A 1  101 15 G3A GA3 A . 
D 2 G3A 1  101 15 G3A GA3 B . 
E 3 HOH 1  201 48 HOH HOH A . 
E 3 HOH 2  202 13 HOH HOH A . 
E 3 HOH 3  203 2  HOH HOH A . 
E 3 HOH 4  204 17 HOH HOH A . 
E 3 HOH 5  205 47 HOH HOH A . 
E 3 HOH 6  206 9  HOH HOH A . 
E 3 HOH 7  207 41 HOH HOH A . 
E 3 HOH 8  208 44 HOH HOH A . 
E 3 HOH 9  209 37 HOH HOH A . 
E 3 HOH 10 210 45 HOH HOH A . 
E 3 HOH 11 211 8  HOH HOH A . 
E 3 HOH 12 212 43 HOH HOH A . 
E 3 HOH 13 213 5  HOH HOH A . 
E 3 HOH 14 214 57 HOH HOH A . 
E 3 HOH 15 215 15 HOH HOH A . 
E 3 HOH 16 216 18 HOH HOH A . 
E 3 HOH 17 217 58 HOH HOH A . 
E 3 HOH 18 218 6  HOH HOH A . 
E 3 HOH 19 219 12 HOH HOH A . 
E 3 HOH 20 220 30 HOH HOH A . 
E 3 HOH 21 221 36 HOH HOH A . 
E 3 HOH 22 222 35 HOH HOH A . 
E 3 HOH 23 223 4  HOH HOH A . 
E 3 HOH 24 224 46 HOH HOH A . 
E 3 HOH 25 225 33 HOH HOH A . 
E 3 HOH 26 226 42 HOH HOH A . 
E 3 HOH 27 227 19 HOH HOH A . 
E 3 HOH 28 228 23 HOH HOH A . 
E 3 HOH 29 229 31 HOH HOH A . 
E 3 HOH 30 230 3  HOH HOH A . 
E 3 HOH 31 231 38 HOH HOH A . 
F 3 HOH 1  201 21 HOH HOH B . 
F 3 HOH 2  202 50 HOH HOH B . 
F 3 HOH 3  203 40 HOH HOH B . 
F 3 HOH 4  204 39 HOH HOH B . 
F 3 HOH 5  205 28 HOH HOH B . 
F 3 HOH 6  206 29 HOH HOH B . 
F 3 HOH 7  207 34 HOH HOH B . 
F 3 HOH 8  208 24 HOH HOH B . 
F 3 HOH 9  209 1  HOH HOH B . 
F 3 HOH 10 210 20 HOH HOH B . 
F 3 HOH 11 211 59 HOH HOH B . 
F 3 HOH 12 212 7  HOH HOH B . 
F 3 HOH 13 213 51 HOH HOH B . 
F 3 HOH 14 214 55 HOH HOH B . 
F 3 HOH 15 215 25 HOH HOH B . 
F 3 HOH 16 216 11 HOH HOH B . 
F 3 HOH 17 217 27 HOH HOH B . 
F 3 HOH 18 218 14 HOH HOH B . 
F 3 HOH 19 219 61 HOH HOH B . 
F 3 HOH 20 220 26 HOH HOH B . 
F 3 HOH 21 221 10 HOH HOH B . 
F 3 HOH 22 222 54 HOH HOH B . 
F 3 HOH 23 223 16 HOH HOH B . 
F 3 HOH 24 224 22 HOH HOH B . 
# 
_pdbx_struct_assembly.id                   1 
_pdbx_struct_assembly.details              author_and_software_defined_assembly 
_pdbx_struct_assembly.method_details       PISA 
_pdbx_struct_assembly.oligomeric_details   dimeric 
_pdbx_struct_assembly.oligomeric_count     2 
# 
_pdbx_struct_assembly_gen.assembly_id       1 
_pdbx_struct_assembly_gen.oper_expression   1 
_pdbx_struct_assembly_gen.asym_id_list      A,B,C,D,E,F 
# 
loop_
_pdbx_struct_assembly_prop.biol_id 
_pdbx_struct_assembly_prop.type 
_pdbx_struct_assembly_prop.value 
_pdbx_struct_assembly_prop.details 
1 'ABSA (A^2)' 3290 ? 
1 MORE         1    ? 
1 'SSA (A^2)'  5610 ? 
# 
_pdbx_struct_oper_list.id                   1 
_pdbx_struct_oper_list.type                 'identity operation' 
_pdbx_struct_oper_list.name                 1_555 
_pdbx_struct_oper_list.symmetry_operation   x,y,z 
_pdbx_struct_oper_list.matrix[1][1]         1.0000000000 
_pdbx_struct_oper_list.matrix[1][2]         0.0000000000 
_pdbx_struct_oper_list.matrix[1][3]         0.0000000000 
_pdbx_struct_oper_list.vector[1]            0.0000000000 
_pdbx_struct_oper_list.matrix[2][1]         0.0000000000 
_pdbx_struct_oper_list.matrix[2][2]         1.0000000000 
_pdbx_struct_oper_list.matrix[2][3]         0.0000000000 
_pdbx_struct_oper_list.vector[2]            0.0000000000 
_pdbx_struct_oper_list.matrix[3][1]         0.0000000000 
_pdbx_struct_oper_list.matrix[3][2]         0.0000000000 
_pdbx_struct_oper_list.matrix[3][3]         1.0000000000 
_pdbx_struct_oper_list.vector[3]            0.0000000000 
# 
loop_
_pdbx_struct_special_symmetry.id 
_pdbx_struct_special_symmetry.PDB_model_num 
_pdbx_struct_special_symmetry.auth_asym_id 
_pdbx_struct_special_symmetry.auth_comp_id 
_pdbx_struct_special_symmetry.auth_seq_id 
_pdbx_struct_special_symmetry.PDB_ins_code 
_pdbx_struct_special_symmetry.label_asym_id 
_pdbx_struct_special_symmetry.label_comp_id 
_pdbx_struct_special_symmetry.label_seq_id 
1 1 A HOH 216 ? E HOH . 
2 1 A HOH 221 ? E HOH . 
3 1 A HOH 231 ? E HOH . 
4 1 B HOH 205 ? F HOH . 
5 1 B HOH 224 ? F HOH . 
# 
loop_
_pdbx_audit_revision_history.ordinal 
_pdbx_audit_revision_history.data_content_type 
_pdbx_audit_revision_history.major_revision 
_pdbx_audit_revision_history.minor_revision 
_pdbx_audit_revision_history.revision_date 
1 'Structure model' 1 0 2023-05-31 
2 'Structure model' 1 1 2023-10-25 
3 'Structure model' 1 2 2023-12-13 
# 
_pdbx_audit_revision_details.ordinal             1 
_pdbx_audit_revision_details.revision_ordinal    1 
_pdbx_audit_revision_details.data_content_type   'Structure model' 
_pdbx_audit_revision_details.provider            repository 
_pdbx_audit_revision_details.type                'Initial release' 
_pdbx_audit_revision_details.description         ? 
_pdbx_audit_revision_details.details             ? 
# 
loop_
_pdbx_audit_revision_group.ordinal 
_pdbx_audit_revision_group.revision_ordinal 
_pdbx_audit_revision_group.data_content_type 
_pdbx_audit_revision_group.group 
1 2 'Structure model' 'Data collection'        
2 2 'Structure model' 'Refinement description' 
3 3 'Structure model' 'Database references'    
# 
loop_
_pdbx_audit_revision_category.ordinal 
_pdbx_audit_revision_category.revision_ordinal 
_pdbx_audit_revision_category.data_content_type 
_pdbx_audit_revision_category.category 
1 2 'Structure model' chem_comp_atom                
2 2 'Structure model' chem_comp_bond                
3 2 'Structure model' pdbx_initial_refinement_model 
4 3 'Structure model' citation                      
5 3 'Structure model' citation_author               
# 
loop_
_pdbx_audit_revision_item.ordinal 
_pdbx_audit_revision_item.revision_ordinal 
_pdbx_audit_revision_item.data_content_type 
_pdbx_audit_revision_item.item 
1  2 'Structure model' '_pdbx_initial_refinement_model.details' 
2  3 'Structure model' '_citation.country'                      
3  3 'Structure model' '_citation.journal_abbrev'               
4  3 'Structure model' '_citation.journal_id_CSD'               
5  3 'Structure model' '_citation.journal_id_ISSN'              
6  3 'Structure model' '_citation.journal_volume'               
7  3 'Structure model' '_citation.page_first'                   
8  3 'Structure model' '_citation.page_last'                    
9  3 'Structure model' '_citation.pdbx_database_id_DOI'         
10 3 'Structure model' '_citation.pdbx_database_id_PubMed'      
11 3 'Structure model' '_citation.title'                        
12 3 'Structure model' '_citation.year'                         
# 
loop_
_software.citation_id 
_software.classification 
_software.compiler_name 
_software.compiler_version 
_software.contact_author 
_software.contact_author_email 
_software.date 
_software.description 
_software.dependencies 
_software.hardware 
_software.language 
_software.location 
_software.mods 
_software.name 
_software.os 
_software.os_version 
_software.type 
_software.version 
_software.pdbx_ordinal 
? refinement       ? ? ? ? ? ? ? ? ? ? ? REFMAC   ? ? ? 5.8.0267 1 
? 'data reduction' ? ? ? ? ? ? ? ? ? ? ? HKL-2000 ? ? ? .        2 
? 'data scaling'   ? ? ? ? ? ? ? ? ? ? ? HKL-2000 ? ? ? .        3 
? phasing          ? ? ? ? ? ? ? ? ? ? ? PHASER   ? ? ? .        4 
# 
_pdbx_entry_details.entry_id                 8SWG 
_pdbx_entry_details.has_ligand_of_interest   Y 
_pdbx_entry_details.compound_details         ? 
_pdbx_entry_details.source_details           ? 
_pdbx_entry_details.nonpolymer_details       ? 
_pdbx_entry_details.sequence_details         ? 
# 
loop_
_chem_comp_atom.comp_id 
_chem_comp_atom.atom_id 
_chem_comp_atom.type_symbol 
_chem_comp_atom.pdbx_aromatic_flag 
_chem_comp_atom.pdbx_stereo_config 
_chem_comp_atom.pdbx_ordinal 
A   OP3    O N N 1   
A   P      P N N 2   
A   OP1    O N N 3   
A   OP2    O N N 4   
A   "O5'"  O N N 5   
A   "C5'"  C N N 6   
A   "C4'"  C N R 7   
A   "O4'"  O N N 8   
A   "C3'"  C N S 9   
A   "O3'"  O N N 10  
A   "C2'"  C N R 11  
A   "O2'"  O N N 12  
A   "C1'"  C N R 13  
A   N9     N Y N 14  
A   C8     C Y N 15  
A   N7     N Y N 16  
A   C5     C Y N 17  
A   C6     C Y N 18  
A   N6     N N N 19  
A   N1     N Y N 20  
A   C2     C Y N 21  
A   N3     N Y N 22  
A   C4     C Y N 23  
A   HOP3   H N N 24  
A   HOP2   H N N 25  
A   "H5'"  H N N 26  
A   "H5''" H N N 27  
A   "H4'"  H N N 28  
A   "H3'"  H N N 29  
A   "HO3'" H N N 30  
A   "H2'"  H N N 31  
A   "HO2'" H N N 32  
A   "H1'"  H N N 33  
A   H8     H N N 34  
A   H61    H N N 35  
A   H62    H N N 36  
A   H2     H N N 37  
C   OP3    O N N 38  
C   P      P N N 39  
C   OP1    O N N 40  
C   OP2    O N N 41  
C   "O5'"  O N N 42  
C   "C5'"  C N N 43  
C   "C4'"  C N R 44  
C   "O4'"  O N N 45  
C   "C3'"  C N S 46  
C   "O3'"  O N N 47  
C   "C2'"  C N R 48  
C   "O2'"  O N N 49  
C   "C1'"  C N R 50  
C   N1     N N N 51  
C   C2     C N N 52  
C   O2     O N N 53  
C   N3     N N N 54  
C   C4     C N N 55  
C   N4     N N N 56  
C   C5     C N N 57  
C   C6     C N N 58  
C   HOP3   H N N 59  
C   HOP2   H N N 60  
C   "H5'"  H N N 61  
C   "H5''" H N N 62  
C   "H4'"  H N N 63  
C   "H3'"  H N N 64  
C   "HO3'" H N N 65  
C   "H2'"  H N N 66  
C   "HO2'" H N N 67  
C   "H1'"  H N N 68  
C   H41    H N N 69  
C   H42    H N N 70  
C   H5     H N N 71  
C   H6     H N N 72  
G   OP3    O N N 73  
G   P      P N N 74  
G   OP1    O N N 75  
G   OP2    O N N 76  
G   "O5'"  O N N 77  
G   "C5'"  C N N 78  
G   "C4'"  C N R 79  
G   "O4'"  O N N 80  
G   "C3'"  C N S 81  
G   "O3'"  O N N 82  
G   "C2'"  C N R 83  
G   "O2'"  O N N 84  
G   "C1'"  C N R 85  
G   N9     N Y N 86  
G   C8     C Y N 87  
G   N7     N Y N 88  
G   C5     C Y N 89  
G   C6     C N N 90  
G   O6     O N N 91  
G   N1     N N N 92  
G   C2     C N N 93  
G   N2     N N N 94  
G   N3     N N N 95  
G   C4     C Y N 96  
G   HOP3   H N N 97  
G   HOP2   H N N 98  
G   "H5'"  H N N 99  
G   "H5''" H N N 100 
G   "H4'"  H N N 101 
G   "H3'"  H N N 102 
G   "HO3'" H N N 103 
G   "H2'"  H N N 104 
G   "HO2'" H N N 105 
G   "H1'"  H N N 106 
G   H8     H N N 107 
G   H1     H N N 108 
G   H21    H N N 109 
G   H22    H N N 110 
G3A O36    O N N 111 
G3A C36    C N N 112 
G3A N31    N N N 113 
G3A C32    C N N 114 
G3A N32    N N N 115 
G3A N33    N N N 116 
G3A C35    C Y N 117 
G3A C34    C Y N 118 
G3A N37    N Y N 119 
G3A C38    C Y N 120 
G3A N39    N Y N 121 
G3A C41    C N R 122 
G3A O44    O N N 123 
G3A C42    C N R 124 
G3A O42    O N N 125 
G3A C43    C N S 126 
G3A O43    O N N 127 
G3A C44    C N R 128 
G3A C45    C N N 129 
G3A O45    O N N 130 
G3A PA     P N R 131 
G3A O1A    O N N 132 
G3A O2A    O N N 133 
G3A O1     O N N 134 
G3A PB     P N N 135 
G3A O2B    O N N 136 
G3A O3B    O N N 137 
G3A O3A    O N N 138 
G3A PG     P N R 139 
G3A O1G    O N N 140 
G3A O2G    O N N 141 
G3A O25    O N N 142 
G3A C25    C N N 143 
G3A C24    C N R 144 
G3A C23    C N S 145 
G3A O23    O N N 146 
G3A C22    C N R 147 
G3A O22    O N N 148 
G3A O24    O N N 149 
G3A C21    C N R 150 
G3A N19    N Y N 151 
G3A C14    C Y N 152 
G3A N13    N Y N 153 
G3A C12    C Y N 154 
G3A N11    N Y N 155 
G3A C18    C Y N 156 
G3A N17    N Y N 157 
G3A C15    C Y N 158 
G3A C16    C Y N 159 
G3A N16    N N N 160 
G3A HN31   H N N 161 
G3A H321   H N N 162 
G3A H322   H N N 163 
G3A H38    H N N 164 
G3A H41    H N N 165 
G3A H42    H N N 166 
G3A HO42   H N N 167 
G3A H43    H N N 168 
G3A HO43   H N N 169 
G3A H44    H N N 170 
G3A H451   H N N 171 
G3A H452   H N N 172 
G3A HO1A   H N N 173 
G3A HO2B   H N N 174 
G3A HO2G   H N N 175 
G3A H251   H N N 176 
G3A H252   H N N 177 
G3A H24    H N N 178 
G3A H23    H N N 179 
G3A HO23   H N N 180 
G3A H22    H N N 181 
G3A HO22   H N N 182 
G3A H21    H N N 183 
G3A H12    H N N 184 
G3A H18    H N N 185 
G3A H161   H N N 186 
G3A H162   H N N 187 
HOH O      O N N 188 
HOH H1     H N N 189 
HOH H2     H N N 190 
LCC "O5'"  O N N 191 
LCC "C5'"  C N N 192 
LCC "C4'"  C N R 193 
LCC "O4'"  O N N 194 
LCC "C1'"  C N R 195 
LCC N1     N N N 196 
LCC C6     C N N 197 
LCC C5     C N N 198 
LCC C5M    C N N 199 
LCC C4     C N N 200 
LCC N4     N N N 201 
LCC N3     N N N 202 
LCC C2     C N N 203 
LCC O2     O N N 204 
LCC "C3'"  C N S 205 
LCC "C2'"  C N R 206 
LCC "O2'"  O N N 207 
LCC "O3'"  O N N 208 
LCC "C6'"  C N N 209 
LCC P      P N N 210 
LCC O1P    O N N 211 
LCC O2P    O N N 212 
LCC OXT    O N N 213 
LCC "H5'1" H N N 214 
LCC "H5'2" H N N 215 
LCC "H1'"  H N N 216 
LCC H6     H N N 217 
LCC H5M1   H N N 218 
LCC H5M2   H N N 219 
LCC H5M3   H N N 220 
LCC H41    H N N 221 
LCC H42    H N N 222 
LCC "H3'"  H N N 223 
LCC "H2'1" H N N 224 
LCC H3T    H N N 225 
LCC "H6'1" H N N 226 
LCC "H6'2" H N N 227 
LCC H1P    H N N 228 
LCC HXT    H N N 229 
LCG P      P N N 230 
LCG OP1    O N N 231 
LCG "O5'"  O N N 232 
LCG "C5'"  C N N 233 
LCG "C3'"  C N S 234 
LCG "C6'"  C N N 235 
LCG N9     N Y N 236 
LCG C8     C Y N 237 
LCG C4     C Y N 238 
LCG N7     N Y N 239 
LCG C5     C Y N 240 
LCG C6     C N N 241 
LCG "C2'"  C N R 242 
LCG O6     O N N 243 
LCG "C4'"  C N R 244 
LCG "C1'"  C N R 245 
LCG C2     C N N 246 
LCG N1     N N N 247 
LCG "O4'"  O N N 248 
LCG OP2    O N N 249 
LCG N2     N N N 250 
LCG N3     N N N 251 
LCG "O2'"  O N N 252 
LCG "O3'"  O N N 253 
LCG OP3    O N N 254 
LCG "H5'"  H N N 255 
LCG "H5''" H N N 256 
LCG "H3'"  H N N 257 
LCG "H6'1" H N N 258 
LCG "H6'2" H N N 259 
LCG H8     H N N 260 
LCG "H2'"  H N N 261 
LCG "H1'"  H N N 262 
LCG H1     H N N 263 
LCG HOP2   H N N 264 
LCG H21    H N N 265 
LCG H22    H N N 266 
LCG "HO3'" H N N 267 
LCG HOP3   H N N 268 
U   OP3    O N N 269 
U   P      P N N 270 
U   OP1    O N N 271 
U   OP2    O N N 272 
U   "O5'"  O N N 273 
U   "C5'"  C N N 274 
U   "C4'"  C N R 275 
U   "O4'"  O N N 276 
U   "C3'"  C N S 277 
U   "O3'"  O N N 278 
U   "C2'"  C N R 279 
U   "O2'"  O N N 280 
U   "C1'"  C N R 281 
U   N1     N N N 282 
U   C2     C N N 283 
U   O2     O N N 284 
U   N3     N N N 285 
U   C4     C N N 286 
U   O4     O N N 287 
U   C5     C N N 288 
U   C6     C N N 289 
U   HOP3   H N N 290 
U   HOP2   H N N 291 
U   "H5'"  H N N 292 
U   "H5''" H N N 293 
U   "H4'"  H N N 294 
U   "H3'"  H N N 295 
U   "HO3'" H N N 296 
U   "H2'"  H N N 297 
U   "HO2'" H N N 298 
U   "H1'"  H N N 299 
U   H3     H N N 300 
U   H5     H N N 301 
U   H6     H N N 302 
# 
loop_
_chem_comp_bond.comp_id 
_chem_comp_bond.atom_id_1 
_chem_comp_bond.atom_id_2 
_chem_comp_bond.value_order 
_chem_comp_bond.pdbx_aromatic_flag 
_chem_comp_bond.pdbx_stereo_config 
_chem_comp_bond.pdbx_ordinal 
A   OP3   P      sing N N 1   
A   OP3   HOP3   sing N N 2   
A   P     OP1    doub N N 3   
A   P     OP2    sing N N 4   
A   P     "O5'"  sing N N 5   
A   OP2   HOP2   sing N N 6   
A   "O5'" "C5'"  sing N N 7   
A   "C5'" "C4'"  sing N N 8   
A   "C5'" "H5'"  sing N N 9   
A   "C5'" "H5''" sing N N 10  
A   "C4'" "O4'"  sing N N 11  
A   "C4'" "C3'"  sing N N 12  
A   "C4'" "H4'"  sing N N 13  
A   "O4'" "C1'"  sing N N 14  
A   "C3'" "O3'"  sing N N 15  
A   "C3'" "C2'"  sing N N 16  
A   "C3'" "H3'"  sing N N 17  
A   "O3'" "HO3'" sing N N 18  
A   "C2'" "O2'"  sing N N 19  
A   "C2'" "C1'"  sing N N 20  
A   "C2'" "H2'"  sing N N 21  
A   "O2'" "HO2'" sing N N 22  
A   "C1'" N9     sing N N 23  
A   "C1'" "H1'"  sing N N 24  
A   N9    C8     sing Y N 25  
A   N9    C4     sing Y N 26  
A   C8    N7     doub Y N 27  
A   C8    H8     sing N N 28  
A   N7    C5     sing Y N 29  
A   C5    C6     sing Y N 30  
A   C5    C4     doub Y N 31  
A   C6    N6     sing N N 32  
A   C6    N1     doub Y N 33  
A   N6    H61    sing N N 34  
A   N6    H62    sing N N 35  
A   N1    C2     sing Y N 36  
A   C2    N3     doub Y N 37  
A   C2    H2     sing N N 38  
A   N3    C4     sing Y N 39  
C   OP3   P      sing N N 40  
C   OP3   HOP3   sing N N 41  
C   P     OP1    doub N N 42  
C   P     OP2    sing N N 43  
C   P     "O5'"  sing N N 44  
C   OP2   HOP2   sing N N 45  
C   "O5'" "C5'"  sing N N 46  
C   "C5'" "C4'"  sing N N 47  
C   "C5'" "H5'"  sing N N 48  
C   "C5'" "H5''" sing N N 49  
C   "C4'" "O4'"  sing N N 50  
C   "C4'" "C3'"  sing N N 51  
C   "C4'" "H4'"  sing N N 52  
C   "O4'" "C1'"  sing N N 53  
C   "C3'" "O3'"  sing N N 54  
C   "C3'" "C2'"  sing N N 55  
C   "C3'" "H3'"  sing N N 56  
C   "O3'" "HO3'" sing N N 57  
C   "C2'" "O2'"  sing N N 58  
C   "C2'" "C1'"  sing N N 59  
C   "C2'" "H2'"  sing N N 60  
C   "O2'" "HO2'" sing N N 61  
C   "C1'" N1     sing N N 62  
C   "C1'" "H1'"  sing N N 63  
C   N1    C2     sing N N 64  
C   N1    C6     sing N N 65  
C   C2    O2     doub N N 66  
C   C2    N3     sing N N 67  
C   N3    C4     doub N N 68  
C   C4    N4     sing N N 69  
C   C4    C5     sing N N 70  
C   N4    H41    sing N N 71  
C   N4    H42    sing N N 72  
C   C5    C6     doub N N 73  
C   C5    H5     sing N N 74  
C   C6    H6     sing N N 75  
G   OP3   P      sing N N 76  
G   OP3   HOP3   sing N N 77  
G   P     OP1    doub N N 78  
G   P     OP2    sing N N 79  
G   P     "O5'"  sing N N 80  
G   OP2   HOP2   sing N N 81  
G   "O5'" "C5'"  sing N N 82  
G   "C5'" "C4'"  sing N N 83  
G   "C5'" "H5'"  sing N N 84  
G   "C5'" "H5''" sing N N 85  
G   "C4'" "O4'"  sing N N 86  
G   "C4'" "C3'"  sing N N 87  
G   "C4'" "H4'"  sing N N 88  
G   "O4'" "C1'"  sing N N 89  
G   "C3'" "O3'"  sing N N 90  
G   "C3'" "C2'"  sing N N 91  
G   "C3'" "H3'"  sing N N 92  
G   "O3'" "HO3'" sing N N 93  
G   "C2'" "O2'"  sing N N 94  
G   "C2'" "C1'"  sing N N 95  
G   "C2'" "H2'"  sing N N 96  
G   "O2'" "HO2'" sing N N 97  
G   "C1'" N9     sing N N 98  
G   "C1'" "H1'"  sing N N 99  
G   N9    C8     sing Y N 100 
G   N9    C4     sing Y N 101 
G   C8    N7     doub Y N 102 
G   C8    H8     sing N N 103 
G   N7    C5     sing Y N 104 
G   C5    C6     sing N N 105 
G   C5    C4     doub Y N 106 
G   C6    O6     doub N N 107 
G   C6    N1     sing N N 108 
G   N1    C2     sing N N 109 
G   N1    H1     sing N N 110 
G   C2    N2     sing N N 111 
G   C2    N3     doub N N 112 
G   N2    H21    sing N N 113 
G   N2    H22    sing N N 114 
G   N3    C4     sing N N 115 
G3A O36   C36    doub N N 116 
G3A C36   N31    sing N N 117 
G3A C36   C35    sing N N 118 
G3A N31   C32    sing N N 119 
G3A N31   HN31   sing N N 120 
G3A C32   N32    sing N N 121 
G3A C32   N33    doub N N 122 
G3A N32   H321   sing N N 123 
G3A N32   H322   sing N N 124 
G3A N33   C34    sing N N 125 
G3A C35   C34    doub Y N 126 
G3A C35   N37    sing Y N 127 
G3A C34   N39    sing Y N 128 
G3A N37   C38    doub Y N 129 
G3A C38   N39    sing Y N 130 
G3A C38   H38    sing N N 131 
G3A N39   C41    sing N N 132 
G3A C41   C42    sing N N 133 
G3A C41   O44    sing N N 134 
G3A C41   H41    sing N N 135 
G3A O44   C44    sing N N 136 
G3A C42   O42    sing N N 137 
G3A C42   C43    sing N N 138 
G3A C42   H42    sing N N 139 
G3A O42   HO42   sing N N 140 
G3A C43   O43    sing N N 141 
G3A C43   C44    sing N N 142 
G3A C43   H43    sing N N 143 
G3A O43   HO43   sing N N 144 
G3A C44   C45    sing N N 145 
G3A C44   H44    sing N N 146 
G3A C45   O45    sing N N 147 
G3A C45   H451   sing N N 148 
G3A C45   H452   sing N N 149 
G3A O45   PA     sing N N 150 
G3A PA    O2A    doub N N 151 
G3A PA    O1     sing N N 152 
G3A PA    O1A    sing N N 153 
G3A O1A   HO1A   sing N N 154 
G3A O1    PB     sing N N 155 
G3A PB    O3A    sing N N 156 
G3A PB    O3B    doub N N 157 
G3A PB    O2B    sing N N 158 
G3A O2B   HO2B   sing N N 159 
G3A O3A   PG     sing N N 160 
G3A PG    O1G    doub N N 161 
G3A PG    O25    sing N N 162 
G3A PG    O2G    sing N N 163 
G3A O2G   HO2G   sing N N 164 
G3A O25   C25    sing N N 165 
G3A C25   C24    sing N N 166 
G3A C25   H251   sing N N 167 
G3A C25   H252   sing N N 168 
G3A C24   O24    sing N N 169 
G3A C24   C23    sing N N 170 
G3A C24   H24    sing N N 171 
G3A C23   C22    sing N N 172 
G3A C23   O23    sing N N 173 
G3A C23   H23    sing N N 174 
G3A O23   HO23   sing N N 175 
G3A C22   C21    sing N N 176 
G3A C22   O22    sing N N 177 
G3A C22   H22    sing N N 178 
G3A O22   HO22   sing N N 179 
G3A O24   C21    sing N N 180 
G3A C21   N19    sing N N 181 
G3A C21   H21    sing N N 182 
G3A N19   C14    sing Y N 183 
G3A N19   C18    sing Y N 184 
G3A C14   C15    doub Y N 185 
G3A C14   N13    sing Y N 186 
G3A N13   C12    doub Y N 187 
G3A C12   N11    sing Y N 188 
G3A C12   H12    sing N N 189 
G3A N11   C16    doub Y N 190 
G3A C18   N17    doub Y N 191 
G3A C18   H18    sing N N 192 
G3A N17   C15    sing Y N 193 
G3A C15   C16    sing Y N 194 
G3A C16   N16    sing N N 195 
G3A N16   H161   sing N N 196 
G3A N16   H162   sing N N 197 
HOH O     H1     sing N N 198 
HOH O     H2     sing N N 199 
LCC "O5'" "C5'"  sing N N 200 
LCC "O5'" P      sing N N 201 
LCC "C5'" "C4'"  sing N N 202 
LCC "C5'" "H5'1" sing N N 203 
LCC "C5'" "H5'2" sing N N 204 
LCC "C4'" "O4'"  sing N N 205 
LCC "C4'" "C3'"  sing N N 206 
LCC "C4'" "C6'"  sing N N 207 
LCC "O4'" "C1'"  sing N N 208 
LCC "C1'" N1     sing N N 209 
LCC "C1'" "C2'"  sing N N 210 
LCC "C1'" "H1'"  sing N N 211 
LCC N1    C6     sing N N 212 
LCC N1    C2     sing N N 213 
LCC C6    C5     doub N N 214 
LCC C6    H6     sing N N 215 
LCC C5    C5M    sing N N 216 
LCC C5    C4     sing N N 217 
LCC C5M   H5M1   sing N N 218 
LCC C5M   H5M2   sing N N 219 
LCC C5M   H5M3   sing N N 220 
LCC C4    N4     sing N N 221 
LCC C4    N3     doub N N 222 
LCC N4    H41    sing N N 223 
LCC N4    H42    sing N N 224 
LCC N3    C2     sing N N 225 
LCC C2    O2     doub N N 226 
LCC "C3'" "C2'"  sing N N 227 
LCC "C3'" "O3'"  sing N N 228 
LCC "C3'" "H3'"  sing N N 229 
LCC "C2'" "O2'"  sing N N 230 
LCC "C2'" "H2'1" sing N N 231 
LCC "O2'" "C6'"  sing N N 232 
LCC "O3'" H3T    sing N N 233 
LCC "C6'" "H6'1" sing N N 234 
LCC "C6'" "H6'2" sing N N 235 
LCC P     O1P    sing N N 236 
LCC P     O2P    doub N N 237 
LCC P     OXT    sing N N 238 
LCC O1P   H1P    sing N N 239 
LCC OXT   HXT    sing N N 240 
LCG P     OP1    doub N N 241 
LCG P     "O5'"  sing N N 242 
LCG P     OP2    sing N N 243 
LCG P     OP3    sing N N 244 
LCG "O5'" "C5'"  sing N N 245 
LCG "C5'" "C4'"  sing N N 246 
LCG "C5'" "H5'"  sing N N 247 
LCG "C5'" "H5''" sing N N 248 
LCG "C3'" "C2'"  sing N N 249 
LCG "C3'" "C4'"  sing N N 250 
LCG "C3'" "O3'"  sing N N 251 
LCG "C3'" "H3'"  sing N N 252 
LCG "C6'" "C4'"  sing N N 253 
LCG "C6'" "O2'"  sing N N 254 
LCG "C6'" "H6'1" sing N N 255 
LCG "C6'" "H6'2" sing N N 256 
LCG N9    C8     sing Y N 257 
LCG N9    C4     sing Y N 258 
LCG N9    "C1'"  sing N N 259 
LCG C8    N7     doub Y N 260 
LCG C8    H8     sing N N 261 
LCG C4    C5     doub Y N 262 
LCG C4    N3     sing N N 263 
LCG N7    C5     sing Y N 264 
LCG C5    C6     sing N N 265 
LCG C6    O6     doub N N 266 
LCG C6    N1     sing N N 267 
LCG "C2'" "C1'"  sing N N 268 
LCG "C2'" "O2'"  sing N N 269 
LCG "C2'" "H2'"  sing N N 270 
LCG "C4'" "O4'"  sing N N 271 
LCG "C1'" "O4'"  sing N N 272 
LCG "C1'" "H1'"  sing N N 273 
LCG C2    N1     sing N N 274 
LCG C2    N2     sing N N 275 
LCG C2    N3     doub N N 276 
LCG N1    H1     sing N N 277 
LCG OP2   HOP2   sing N N 278 
LCG N2    H21    sing N N 279 
LCG N2    H22    sing N N 280 
LCG "O3'" "HO3'" sing N N 281 
LCG OP3   HOP3   sing N N 282 
U   OP3   P      sing N N 283 
U   OP3   HOP3   sing N N 284 
U   P     OP1    doub N N 285 
U   P     OP2    sing N N 286 
U   P     "O5'"  sing N N 287 
U   OP2   HOP2   sing N N 288 
U   "O5'" "C5'"  sing N N 289 
U   "C5'" "C4'"  sing N N 290 
U   "C5'" "H5'"  sing N N 291 
U   "C5'" "H5''" sing N N 292 
U   "C4'" "O4'"  sing N N 293 
U   "C4'" "C3'"  sing N N 294 
U   "C4'" "H4'"  sing N N 295 
U   "O4'" "C1'"  sing N N 296 
U   "C3'" "O3'"  sing N N 297 
U   "C3'" "C2'"  sing N N 298 
U   "C3'" "H3'"  sing N N 299 
U   "O3'" "HO3'" sing N N 300 
U   "C2'" "O2'"  sing N N 301 
U   "C2'" "C1'"  sing N N 302 
U   "C2'" "H2'"  sing N N 303 
U   "O2'" "HO2'" sing N N 304 
U   "C1'" N1     sing N N 305 
U   "C1'" "H1'"  sing N N 306 
U   N1    C2     sing N N 307 
U   N1    C6     sing N N 308 
U   C2    O2     doub N N 309 
U   C2    N3     sing N N 310 
U   N3    C4     sing N N 311 
U   N3    H3     sing N N 312 
U   C4    O4     doub N N 313 
U   C4    C5     sing N N 314 
U   C5    C6     doub N N 315 
U   C5    H5     sing N N 316 
U   C6    H6     sing N N 317 
# 
_ndb_struct_conf_na.entry_id   8SWG 
_ndb_struct_conf_na.feature    'a-form double helix' 
# 
loop_
_ndb_struct_na_base_pair.model_number 
_ndb_struct_na_base_pair.i_label_asym_id 
_ndb_struct_na_base_pair.i_label_comp_id 
_ndb_struct_na_base_pair.i_label_seq_id 
_ndb_struct_na_base_pair.i_symmetry 
_ndb_struct_na_base_pair.j_label_asym_id 
_ndb_struct_na_base_pair.j_label_comp_id 
_ndb_struct_na_base_pair.j_label_seq_id 
_ndb_struct_na_base_pair.j_symmetry 
_ndb_struct_na_base_pair.shear 
_ndb_struct_na_base_pair.stretch 
_ndb_struct_na_base_pair.stagger 
_ndb_struct_na_base_pair.buckle 
_ndb_struct_na_base_pair.propeller 
_ndb_struct_na_base_pair.opening 
_ndb_struct_na_base_pair.pair_number 
_ndb_struct_na_base_pair.pair_name 
_ndb_struct_na_base_pair.i_auth_asym_id 
_ndb_struct_na_base_pair.i_auth_seq_id 
_ndb_struct_na_base_pair.i_PDB_ins_code 
_ndb_struct_na_base_pair.j_auth_asym_id 
_ndb_struct_na_base_pair.j_auth_seq_id 
_ndb_struct_na_base_pair.j_PDB_ins_code 
_ndb_struct_na_base_pair.hbond_type_28 
_ndb_struct_na_base_pair.hbond_type_12 
1 A LCG 4  1_555 B C   13 1_555 -0.224 -0.165 0.022  -3.708 -16.026 0.190  1  A_LCG4:C13_B A 4  ? B 13 ? 19 1 
1 A A   5  1_555 B U   12 1_555 0.041  -0.101 0.239  6.838  -12.690 -1.865 2  A_A5:U12_B   A 5  ? B 12 ? 20 1 
1 A C   6  1_555 B G   11 1_555 0.174  -0.188 -0.019 8.977  -17.611 -0.378 3  A_C6:G11_B   A 6  ? B 11 ? 19 1 
1 A U   7  1_555 B A   10 1_555 -0.088 -0.106 0.047  -0.052 -16.325 0.573  4  A_U7:A10_B   A 7  ? B 10 ? 20 1 
1 A U   8  1_555 B A   9  1_555 -0.076 -0.082 -0.009 3.768  -9.911  2.553  5  A_U8:A9_B    A 8  ? B 9  ? 20 1 
1 A A   9  1_555 B U   8  1_555 0.050  -0.073 -0.065 -4.408 -16.118 5.029  6  A_A9:U8_B    A 9  ? B 8  ? 20 1 
1 A A   10 1_555 B U   7  1_555 0.109  -0.160 0.006  -3.740 -10.727 0.897  7  A_A10:U7_B   A 10 ? B 7  ? 20 1 
1 A G   11 1_555 B C   6  1_555 -0.124 -0.155 0.034  -8.943 -17.112 -0.429 8  A_G11:C6_B   A 11 ? B 6  ? 19 1 
1 A U   12 1_555 B A   5  1_555 -0.018 -0.076 0.140  -4.590 -9.899  -4.274 9  A_U12:A5_B   A 12 ? B 5  ? 20 1 
1 A C   13 1_555 B LCG 4  1_555 0.282  -0.191 0.052  1.659  -12.771 0.212  10 A_C13:LCG4_B A 13 ? B 4  ? 19 1 
# 
loop_
_ndb_struct_na_base_pair_step.model_number 
_ndb_struct_na_base_pair_step.i_label_asym_id_1 
_ndb_struct_na_base_pair_step.i_label_comp_id_1 
_ndb_struct_na_base_pair_step.i_label_seq_id_1 
_ndb_struct_na_base_pair_step.i_symmetry_1 
_ndb_struct_na_base_pair_step.j_label_asym_id_1 
_ndb_struct_na_base_pair_step.j_label_comp_id_1 
_ndb_struct_na_base_pair_step.j_label_seq_id_1 
_ndb_struct_na_base_pair_step.j_symmetry_1 
_ndb_struct_na_base_pair_step.i_label_asym_id_2 
_ndb_struct_na_base_pair_step.i_label_comp_id_2 
_ndb_struct_na_base_pair_step.i_label_seq_id_2 
_ndb_struct_na_base_pair_step.i_symmetry_2 
_ndb_struct_na_base_pair_step.j_label_asym_id_2 
_ndb_struct_na_base_pair_step.j_label_comp_id_2 
_ndb_struct_na_base_pair_step.j_label_seq_id_2 
_ndb_struct_na_base_pair_step.j_symmetry_2 
_ndb_struct_na_base_pair_step.shift 
_ndb_struct_na_base_pair_step.slide 
_ndb_struct_na_base_pair_step.rise 
_ndb_struct_na_base_pair_step.tilt 
_ndb_struct_na_base_pair_step.roll 
_ndb_struct_na_base_pair_step.twist 
_ndb_struct_na_base_pair_step.x_displacement 
_ndb_struct_na_base_pair_step.y_displacement 
_ndb_struct_na_base_pair_step.helical_rise 
_ndb_struct_na_base_pair_step.inclination 
_ndb_struct_na_base_pair_step.tip 
_ndb_struct_na_base_pair_step.helical_twist 
_ndb_struct_na_base_pair_step.step_number 
_ndb_struct_na_base_pair_step.step_name 
_ndb_struct_na_base_pair_step.i_auth_asym_id_1 
_ndb_struct_na_base_pair_step.i_auth_seq_id_1 
_ndb_struct_na_base_pair_step.i_PDB_ins_code_1 
_ndb_struct_na_base_pair_step.j_auth_asym_id_1 
_ndb_struct_na_base_pair_step.j_auth_seq_id_1 
_ndb_struct_na_base_pair_step.j_PDB_ins_code_1 
_ndb_struct_na_base_pair_step.i_auth_asym_id_2 
_ndb_struct_na_base_pair_step.i_auth_seq_id_2 
_ndb_struct_na_base_pair_step.i_PDB_ins_code_2 
_ndb_struct_na_base_pair_step.j_auth_asym_id_2 
_ndb_struct_na_base_pair_step.j_auth_seq_id_2 
_ndb_struct_na_base_pair_step.j_PDB_ins_code_2 
1 A LCG 4  1_555 B C 13 1_555 A A 5  1_555 B U   12 1_555 -0.090 -1.134 3.007 -1.417 3.387  30.908 -2.697 -0.076 2.871 6.327  
2.647  31.120 1 AA_LCG4A5:U12C13_BB A 4  ? B 13 ? A 5  ? B 12 ? 
1 A A   5  1_555 B U 12 1_555 A C 6  1_555 B G   11 1_555 0.468  -1.436 3.192 2.253  4.390  34.322 -3.052 -0.455 3.015 7.392  
-3.793 34.665 2 AA_A5C6:G11U12_BB   A 5  ? B 12 ? A 6  ? B 11 ? 
1 A C   6  1_555 B G 11 1_555 A U 7  1_555 B A   10 1_555 -0.583 -1.749 3.401 -3.432 11.274 28.662 -5.358 0.459  2.595 21.653 
6.591  30.943 3 AA_C6U7:A10G11_BB   A 6  ? B 11 ? A 7  ? B 10 ? 
1 A U   7  1_555 B A 10 1_555 A U 8  1_555 B A   9  1_555 -0.087 -1.129 3.200 -2.148 9.357  31.488 -3.485 -0.188 2.760 16.760 
3.848  32.884 4 AA_U7U8:A9A10_BB    A 7  ? B 10 ? A 8  ? B 9  ? 
1 A U   8  1_555 B A 9  1_555 A A 9  1_555 B U   8  1_555 0.504  -1.469 3.299 2.358  18.233 31.634 -4.630 -0.509 2.190 30.445 
-3.937 36.470 5 AA_U8A9:U8A9_BB     A 8  ? B 9  ? A 9  ? B 8  ? 
1 A A   9  1_555 B U 8  1_555 A A 10 1_555 B U   7  1_555 -0.503 -1.319 3.182 0.111  6.027  33.334 -3.175 0.880  2.904 10.401 
-0.192 33.860 6 AA_A9A10:U7U8_BB    A 9  ? B 8  ? A 10 ? B 7  ? 
1 A A   10 1_555 B U 7  1_555 A G 11 1_555 B C   6  1_555 0.245  -1.631 3.346 2.057  8.004  30.471 -4.434 -0.082 2.847 14.888 
-3.826 31.546 7 AA_A10G11:C6U7_BB   A 10 ? B 7  ? A 11 ? B 6  ? 
1 A G   11 1_555 B C 6  1_555 A U 12 1_555 B A   5  1_555 -0.481 -1.434 3.139 -1.213 3.847  31.511 -3.281 0.670  2.964 7.047  
2.223  31.761 8 AA_G11U12:A5C6_BB   A 11 ? B 6  ? A 12 ? B 5  ? 
1 A U   12 1_555 B A 5  1_555 A C 13 1_555 B LCG 4  1_555 0.760  -1.475 3.077 2.241  4.734  32.091 -3.394 -0.999 2.881 8.492  
-4.021 32.504 9 AA_U12C13:LCG4A5_BB A 12 ? B 5  ? A 13 ? B 4  ? 
# 
_pdbx_audit_support.funding_organization   'Not funded' 
_pdbx_audit_support.country                ? 
_pdbx_audit_support.grant_number           ? 
_pdbx_audit_support.ordinal                1 
# 
loop_
_pdbx_entity_instance_feature.ordinal 
_pdbx_entity_instance_feature.comp_id 
_pdbx_entity_instance_feature.asym_id 
_pdbx_entity_instance_feature.seq_num 
_pdbx_entity_instance_feature.auth_comp_id 
_pdbx_entity_instance_feature.auth_asym_id 
_pdbx_entity_instance_feature.auth_seq_num 
_pdbx_entity_instance_feature.feature_type 
_pdbx_entity_instance_feature.details 
1 G3A ? ? G3A ? ? 'SUBJECT OF INVESTIGATION' ? 
2 LCC ? ? LCC ? ? 'SUBJECT OF INVESTIGATION' ? 
3 LCG ? ? LCG ? ? 'SUBJECT OF INVESTIGATION' ? 
# 
loop_
_pdbx_entity_nonpoly.entity_id 
_pdbx_entity_nonpoly.name 
_pdbx_entity_nonpoly.comp_id 
2 "GUANOSINE-P3-ADENOSINE-5',5'-TRIPHOSPHATE" G3A 
3 water                                       HOH 
# 
_pdbx_initial_refinement_model.id               1 
_pdbx_initial_refinement_model.entity_id_list   ? 
_pdbx_initial_refinement_model.type             'experimental model' 
_pdbx_initial_refinement_model.source_name      PDB 
_pdbx_initial_refinement_model.accession_code   5HBX 
_pdbx_initial_refinement_model.details          'PDb entry 5HBX' 
# 
_pdbx_struct_assembly_auth_evidence.id                     1 
_pdbx_struct_assembly_auth_evidence.assembly_id            1 
_pdbx_struct_assembly_auth_evidence.experimental_support   none 
_pdbx_struct_assembly_auth_evidence.details                ? 
# 
